data_3PYC
# 
_entry.id   3PYC 
# 
_audit_conform.dict_name       mmcif_pdbx.dic 
_audit_conform.dict_version    5.388 
_audit_conform.dict_location   http://mmcif.pdb.org/dictionaries/ascii/mmcif_pdbx.dic 
# 
loop_
_database_2.database_id 
_database_2.database_code 
_database_2.pdbx_database_accession 
_database_2.pdbx_DOI 
PDB   3PYC         pdb_00003pyc 10.2210/pdb3pyc/pdb 
RCSB  RCSB062963   ?            ?                   
WWPDB D_1000062963 ?            ?                   
# 
loop_
_pdbx_audit_revision_history.ordinal 
_pdbx_audit_revision_history.data_content_type 
_pdbx_audit_revision_history.major_revision 
_pdbx_audit_revision_history.minor_revision 
_pdbx_audit_revision_history.revision_date 
1 'Structure model' 1 0 2011-04-06 
2 'Structure model' 1 1 2011-07-13 
3 'Structure model' 1 2 2024-03-20 
# 
_pdbx_audit_revision_details.ordinal             1 
_pdbx_audit_revision_details.revision_ordinal    1 
_pdbx_audit_revision_details.data_content_type   'Structure model' 
_pdbx_audit_revision_details.provider            repository 
_pdbx_audit_revision_details.type                'Initial release' 
_pdbx_audit_revision_details.description         ? 
_pdbx_audit_revision_details.details             ? 
# 
loop_
_pdbx_audit_revision_group.ordinal 
_pdbx_audit_revision_group.revision_ordinal 
_pdbx_audit_revision_group.data_content_type 
_pdbx_audit_revision_group.group 
1 2 'Structure model' 'Version format compliance' 
2 3 'Structure model' 'Data collection'           
3 3 'Structure model' 'Database references'       
4 3 'Structure model' 'Derived calculations'      
# 
loop_
_pdbx_audit_revision_category.ordinal 
_pdbx_audit_revision_category.revision_ordinal 
_pdbx_audit_revision_category.data_content_type 
_pdbx_audit_revision_category.category 
1 3 'Structure model' chem_comp_atom     
2 3 'Structure model' chem_comp_bond     
3 3 'Structure model' database_2         
4 3 'Structure model' struct_ref_seq_dif 
5 3 'Structure model' struct_site        
# 
loop_
_pdbx_audit_revision_item.ordinal 
_pdbx_audit_revision_item.revision_ordinal 
_pdbx_audit_revision_item.data_content_type 
_pdbx_audit_revision_item.item 
1 3 'Structure model' '_database_2.pdbx_DOI'                
2 3 'Structure model' '_database_2.pdbx_database_accession' 
3 3 'Structure model' '_struct_ref_seq_dif.details'         
4 3 'Structure model' '_struct_site.pdbx_auth_asym_id'      
5 3 'Structure model' '_struct_site.pdbx_auth_comp_id'      
6 3 'Structure model' '_struct_site.pdbx_auth_seq_id'       
# 
_pdbx_database_status.status_code                     REL 
_pdbx_database_status.entry_id                        3PYC 
_pdbx_database_status.recvd_initial_deposition_date   2010-12-13 
_pdbx_database_status.deposit_site                    RCSB 
_pdbx_database_status.process_site                    PDBJ 
_pdbx_database_status.status_code_sf                  REL 
_pdbx_database_status.status_code_mr                  ? 
_pdbx_database_status.SG_entry                        ? 
_pdbx_database_status.status_code_cs                  ? 
_pdbx_database_status.pdb_format_compatible           Y 
_pdbx_database_status.status_code_nmr_data            ? 
_pdbx_database_status.methods_development_category    ? 
# 
loop_
_audit_author.name 
_audit_author.pdbx_ordinal 
'Li, X.' 1 
'Li, P.' 2 
# 
_citation.id                        primary 
_citation.title                     'Crystal structure of human SMURF1 C2 domain' 
_citation.journal_abbrev            'To be Published' 
_citation.journal_volume            ? 
_citation.page_first                ? 
_citation.page_last                 ? 
_citation.year                      ? 
_citation.journal_id_ASTM           ? 
_citation.country                   ? 
_citation.journal_id_ISSN           ? 
_citation.journal_id_CSD            0353 
_citation.book_publisher            ? 
_citation.pdbx_database_id_PubMed   ? 
_citation.pdbx_database_id_DOI      ? 
# 
loop_
_citation_author.citation_id 
_citation_author.name 
_citation_author.ordinal 
_citation_author.identifier_ORCID 
primary 'Li, X.' 1 ? 
primary 'Li, P.' 2 ? 
# 
loop_
_entity.id 
_entity.type 
_entity.src_method 
_entity.pdbx_description 
_entity.formula_weight 
_entity.pdbx_number_of_molecules 
_entity.pdbx_ec 
_entity.pdbx_mutation 
_entity.pdbx_fragment 
_entity.details 
1 polymer     man 'E3 ubiquitin-protein ligase SMURF1' 14841.136 1  ? ? 'C2 domain, UNP residues 13-140' ? 
2 non-polymer syn 'SULFATE ION'                        96.063    2  ? ? ?                                ? 
3 non-polymer syn 'CHLORIDE ION'                       35.453    1  ? ? ?                                ? 
4 water       nat water                                18.015    54 ? ? ?                                ? 
# 
_entity_name_com.entity_id   1 
_entity_name_com.name        'hSMURF1, SMAD ubiquitination regulatory factor 1, SMAD-specific E3 ubiquitin-protein ligase 1' 
# 
_entity_poly.entity_id                      1 
_entity_poly.type                           'polypeptide(L)' 
_entity_poly.nstd_linkage                   no 
_entity_poly.nstd_monomer                   no 
_entity_poly.pdbx_seq_one_letter_code       
;GSEFIKIRLTVLCAKNLAKKDFFRLPDPFAKIVVDGSGQCHSTDTVKNTLDPKWNQHYDLYVGKTDSITISVWNHKKIHK
KQGAGFLGCVRLLSNAISRLKDTGYQRLDLCKLNPSDTDAVRGQIVVSLQTR
;
_entity_poly.pdbx_seq_one_letter_code_can   
;GSEFIKIRLTVLCAKNLAKKDFFRLPDPFAKIVVDGSGQCHSTDTVKNTLDPKWNQHYDLYVGKTDSITISVWNHKKIHK
KQGAGFLGCVRLLSNAISRLKDTGYQRLDLCKLNPSDTDAVRGQIVVSLQTR
;
_entity_poly.pdbx_strand_id                 A 
_entity_poly.pdbx_target_identifier         ? 
# 
loop_
_pdbx_entity_nonpoly.entity_id 
_pdbx_entity_nonpoly.name 
_pdbx_entity_nonpoly.comp_id 
2 'SULFATE ION'  SO4 
3 'CHLORIDE ION' CL  
4 water          HOH 
# 
loop_
_entity_poly_seq.entity_id 
_entity_poly_seq.num 
_entity_poly_seq.mon_id 
_entity_poly_seq.hetero 
1 1   GLY n 
1 2   SER n 
1 3   GLU n 
1 4   PHE n 
1 5   ILE n 
1 6   LYS n 
1 7   ILE n 
1 8   ARG n 
1 9   LEU n 
1 10  THR n 
1 11  VAL n 
1 12  LEU n 
1 13  CYS n 
1 14  ALA n 
1 15  LYS n 
1 16  ASN n 
1 17  LEU n 
1 18  ALA n 
1 19  LYS n 
1 20  LYS n 
1 21  ASP n 
1 22  PHE n 
1 23  PHE n 
1 24  ARG n 
1 25  LEU n 
1 26  PRO n 
1 27  ASP n 
1 28  PRO n 
1 29  PHE n 
1 30  ALA n 
1 31  LYS n 
1 32  ILE n 
1 33  VAL n 
1 34  VAL n 
1 35  ASP n 
1 36  GLY n 
1 37  SER n 
1 38  GLY n 
1 39  GLN n 
1 40  CYS n 
1 41  HIS n 
1 42  SER n 
1 43  THR n 
1 44  ASP n 
1 45  THR n 
1 46  VAL n 
1 47  LYS n 
1 48  ASN n 
1 49  THR n 
1 50  LEU n 
1 51  ASP n 
1 52  PRO n 
1 53  LYS n 
1 54  TRP n 
1 55  ASN n 
1 56  GLN n 
1 57  HIS n 
1 58  TYR n 
1 59  ASP n 
1 60  LEU n 
1 61  TYR n 
1 62  VAL n 
1 63  GLY n 
1 64  LYS n 
1 65  THR n 
1 66  ASP n 
1 67  SER n 
1 68  ILE n 
1 69  THR n 
1 70  ILE n 
1 71  SER n 
1 72  VAL n 
1 73  TRP n 
1 74  ASN n 
1 75  HIS n 
1 76  LYS n 
1 77  LYS n 
1 78  ILE n 
1 79  HIS n 
1 80  LYS n 
1 81  LYS n 
1 82  GLN n 
1 83  GLY n 
1 84  ALA n 
1 85  GLY n 
1 86  PHE n 
1 87  LEU n 
1 88  GLY n 
1 89  CYS n 
1 90  VAL n 
1 91  ARG n 
1 92  LEU n 
1 93  LEU n 
1 94  SER n 
1 95  ASN n 
1 96  ALA n 
1 97  ILE n 
1 98  SER n 
1 99  ARG n 
1 100 LEU n 
1 101 LYS n 
1 102 ASP n 
1 103 THR n 
1 104 GLY n 
1 105 TYR n 
1 106 GLN n 
1 107 ARG n 
1 108 LEU n 
1 109 ASP n 
1 110 LEU n 
1 111 CYS n 
1 112 LYS n 
1 113 LEU n 
1 114 ASN n 
1 115 PRO n 
1 116 SER n 
1 117 ASP n 
1 118 THR n 
1 119 ASP n 
1 120 ALA n 
1 121 VAL n 
1 122 ARG n 
1 123 GLY n 
1 124 GLN n 
1 125 ILE n 
1 126 VAL n 
1 127 VAL n 
1 128 SER n 
1 129 LEU n 
1 130 GLN n 
1 131 THR n 
1 132 ARG n 
# 
_entity_src_gen.entity_id                          1 
_entity_src_gen.pdbx_src_id                        1 
_entity_src_gen.pdbx_alt_source_flag               sample 
_entity_src_gen.pdbx_seq_type                      ? 
_entity_src_gen.pdbx_beg_seq_num                   ? 
_entity_src_gen.pdbx_end_seq_num                   ? 
_entity_src_gen.gene_src_common_name               human 
_entity_src_gen.gene_src_genus                     ? 
_entity_src_gen.pdbx_gene_src_gene                 'SMURF1, KIAA1625' 
_entity_src_gen.gene_src_species                   ? 
_entity_src_gen.gene_src_strain                    ? 
_entity_src_gen.gene_src_tissue                    ? 
_entity_src_gen.gene_src_tissue_fraction           ? 
_entity_src_gen.gene_src_details                   ? 
_entity_src_gen.pdbx_gene_src_fragment             ? 
_entity_src_gen.pdbx_gene_src_scientific_name      'Homo sapiens' 
_entity_src_gen.pdbx_gene_src_ncbi_taxonomy_id     9606 
_entity_src_gen.pdbx_gene_src_variant              ? 
_entity_src_gen.pdbx_gene_src_cell_line            ? 
_entity_src_gen.pdbx_gene_src_atcc                 ? 
_entity_src_gen.pdbx_gene_src_organ                ? 
_entity_src_gen.pdbx_gene_src_organelle            ? 
_entity_src_gen.pdbx_gene_src_cell                 ? 
_entity_src_gen.pdbx_gene_src_cellular_location    ? 
_entity_src_gen.host_org_common_name               ? 
_entity_src_gen.pdbx_host_org_scientific_name      'Escherichia coli' 
_entity_src_gen.pdbx_host_org_ncbi_taxonomy_id     562 
_entity_src_gen.host_org_genus                     ? 
_entity_src_gen.pdbx_host_org_gene                 ? 
_entity_src_gen.pdbx_host_org_organ                ? 
_entity_src_gen.host_org_species                   ? 
_entity_src_gen.pdbx_host_org_tissue               ? 
_entity_src_gen.pdbx_host_org_tissue_fraction      ? 
_entity_src_gen.pdbx_host_org_strain               ? 
_entity_src_gen.pdbx_host_org_variant              ? 
_entity_src_gen.pdbx_host_org_cell_line            ? 
_entity_src_gen.pdbx_host_org_atcc                 ? 
_entity_src_gen.pdbx_host_org_culture_collection   ? 
_entity_src_gen.pdbx_host_org_cell                 ? 
_entity_src_gen.pdbx_host_org_organelle            ? 
_entity_src_gen.pdbx_host_org_cellular_location    ? 
_entity_src_gen.pdbx_host_org_vector_type          plasmid 
_entity_src_gen.pdbx_host_org_vector               ? 
_entity_src_gen.host_org_details                   ? 
_entity_src_gen.expression_system_id               ? 
_entity_src_gen.plasmid_name                       ? 
_entity_src_gen.plasmid_details                    ? 
_entity_src_gen.pdbx_description                   ? 
# 
loop_
_chem_comp.id 
_chem_comp.type 
_chem_comp.mon_nstd_flag 
_chem_comp.name 
_chem_comp.pdbx_synonyms 
_chem_comp.formula 
_chem_comp.formula_weight 
ALA 'L-peptide linking' y ALANINE         ? 'C3 H7 N O2'     89.093  
ARG 'L-peptide linking' y ARGININE        ? 'C6 H15 N4 O2 1' 175.209 
ASN 'L-peptide linking' y ASPARAGINE      ? 'C4 H8 N2 O3'    132.118 
ASP 'L-peptide linking' y 'ASPARTIC ACID' ? 'C4 H7 N O4'     133.103 
CL  non-polymer         . 'CHLORIDE ION'  ? 'Cl -1'          35.453  
CYS 'L-peptide linking' y CYSTEINE        ? 'C3 H7 N O2 S'   121.158 
GLN 'L-peptide linking' y GLUTAMINE       ? 'C5 H10 N2 O3'   146.144 
GLU 'L-peptide linking' y 'GLUTAMIC ACID' ? 'C5 H9 N O4'     147.129 
GLY 'peptide linking'   y GLYCINE         ? 'C2 H5 N O2'     75.067  
HIS 'L-peptide linking' y HISTIDINE       ? 'C6 H10 N3 O2 1' 156.162 
HOH non-polymer         . WATER           ? 'H2 O'           18.015  
ILE 'L-peptide linking' y ISOLEUCINE      ? 'C6 H13 N O2'    131.173 
LEU 'L-peptide linking' y LEUCINE         ? 'C6 H13 N O2'    131.173 
LYS 'L-peptide linking' y LYSINE          ? 'C6 H15 N2 O2 1' 147.195 
PHE 'L-peptide linking' y PHENYLALANINE   ? 'C9 H11 N O2'    165.189 
PRO 'L-peptide linking' y PROLINE         ? 'C5 H9 N O2'     115.130 
SER 'L-peptide linking' y SERINE          ? 'C3 H7 N O3'     105.093 
SO4 non-polymer         . 'SULFATE ION'   ? 'O4 S -2'        96.063  
THR 'L-peptide linking' y THREONINE       ? 'C4 H9 N O3'     119.119 
TRP 'L-peptide linking' y TRYPTOPHAN      ? 'C11 H12 N2 O2'  204.225 
TYR 'L-peptide linking' y TYROSINE        ? 'C9 H11 N O3'    181.189 
VAL 'L-peptide linking' y VALINE          ? 'C5 H11 N O2'    117.146 
# 
loop_
_pdbx_poly_seq_scheme.asym_id 
_pdbx_poly_seq_scheme.entity_id 
_pdbx_poly_seq_scheme.seq_id 
_pdbx_poly_seq_scheme.mon_id 
_pdbx_poly_seq_scheme.ndb_seq_num 
_pdbx_poly_seq_scheme.pdb_seq_num 
_pdbx_poly_seq_scheme.auth_seq_num 
_pdbx_poly_seq_scheme.pdb_mon_id 
_pdbx_poly_seq_scheme.auth_mon_id 
_pdbx_poly_seq_scheme.pdb_strand_id 
_pdbx_poly_seq_scheme.pdb_ins_code 
_pdbx_poly_seq_scheme.hetero 
A 1 1   GLY 1   9   9   GLY GLY A . n 
A 1 2   SER 2   10  10  SER SER A . n 
A 1 3   GLU 3   11  11  GLU GLU A . n 
A 1 4   PHE 4   12  12  PHE PHE A . n 
A 1 5   ILE 5   13  13  ILE ILE A . n 
A 1 6   LYS 6   14  14  LYS LYS A . n 
A 1 7   ILE 7   15  15  ILE ILE A . n 
A 1 8   ARG 8   16  16  ARG ARG A . n 
A 1 9   LEU 9   17  17  LEU LEU A . n 
A 1 10  THR 10  18  18  THR THR A . n 
A 1 11  VAL 11  19  19  VAL VAL A . n 
A 1 12  LEU 12  20  20  LEU LEU A . n 
A 1 13  CYS 13  21  21  CYS CYS A . n 
A 1 14  ALA 14  22  22  ALA ALA A . n 
A 1 15  LYS 15  23  23  LYS LYS A . n 
A 1 16  ASN 16  24  24  ASN ASN A . n 
A 1 17  LEU 17  25  25  LEU LEU A . n 
A 1 18  ALA 18  26  26  ALA ALA A . n 
A 1 19  LYS 19  27  27  LYS LYS A . n 
A 1 20  LYS 20  28  28  LYS LYS A . n 
A 1 21  ASP 21  29  29  ASP ASP A . n 
A 1 22  PHE 22  30  30  PHE PHE A . n 
A 1 23  PHE 23  31  31  PHE PHE A . n 
A 1 24  ARG 24  32  32  ARG ARG A . n 
A 1 25  LEU 25  33  33  LEU LEU A . n 
A 1 26  PRO 26  34  34  PRO PRO A . n 
A 1 27  ASP 27  35  35  ASP ASP A . n 
A 1 28  PRO 28  36  36  PRO PRO A . n 
A 1 29  PHE 29  37  37  PHE PHE A . n 
A 1 30  ALA 30  38  38  ALA ALA A . n 
A 1 31  LYS 31  39  39  LYS LYS A . n 
A 1 32  ILE 32  40  40  ILE ILE A . n 
A 1 33  VAL 33  41  41  VAL VAL A . n 
A 1 34  VAL 34  42  42  VAL VAL A . n 
A 1 35  ASP 35  43  43  ASP ASP A . n 
A 1 36  GLY 36  44  44  GLY GLY A . n 
A 1 37  SER 37  45  45  SER SER A . n 
A 1 38  GLY 38  46  46  GLY GLY A . n 
A 1 39  GLN 39  47  47  GLN GLN A . n 
A 1 40  CYS 40  48  48  CYS CYS A . n 
A 1 41  HIS 41  49  49  HIS HIS A . n 
A 1 42  SER 42  50  50  SER SER A . n 
A 1 43  THR 43  51  51  THR THR A . n 
A 1 44  ASP 44  52  52  ASP ASP A . n 
A 1 45  THR 45  53  53  THR THR A . n 
A 1 46  VAL 46  54  54  VAL VAL A . n 
A 1 47  LYS 47  55  55  LYS LYS A . n 
A 1 48  ASN 48  56  56  ASN ASN A . n 
A 1 49  THR 49  57  57  THR THR A . n 
A 1 50  LEU 50  58  58  LEU LEU A . n 
A 1 51  ASP 51  59  59  ASP ASP A . n 
A 1 52  PRO 52  60  60  PRO PRO A . n 
A 1 53  LYS 53  61  61  LYS LYS A . n 
A 1 54  TRP 54  62  62  TRP TRP A . n 
A 1 55  ASN 55  63  63  ASN ASN A . n 
A 1 56  GLN 56  64  64  GLN GLN A . n 
A 1 57  HIS 57  65  65  HIS HIS A . n 
A 1 58  TYR 58  66  66  TYR TYR A . n 
A 1 59  ASP 59  67  67  ASP ASP A . n 
A 1 60  LEU 60  68  68  LEU LEU A . n 
A 1 61  TYR 61  69  69  TYR TYR A . n 
A 1 62  VAL 62  70  70  VAL VAL A . n 
A 1 63  GLY 63  71  71  GLY GLY A . n 
A 1 64  LYS 64  72  72  LYS LYS A . n 
A 1 65  THR 65  73  73  THR THR A . n 
A 1 66  ASP 66  74  74  ASP ASP A . n 
A 1 67  SER 67  75  75  SER SER A . n 
A 1 68  ILE 68  76  76  ILE ILE A . n 
A 1 69  THR 69  77  77  THR THR A . n 
A 1 70  ILE 70  78  78  ILE ILE A . n 
A 1 71  SER 71  79  79  SER SER A . n 
A 1 72  VAL 72  80  80  VAL VAL A . n 
A 1 73  TRP 73  81  81  TRP TRP A . n 
A 1 74  ASN 74  82  82  ASN ASN A . n 
A 1 75  HIS 75  83  83  HIS HIS A . n 
A 1 76  LYS 76  84  84  LYS LYS A . n 
A 1 77  LYS 77  85  85  LYS LYS A . n 
A 1 78  ILE 78  86  86  ILE ILE A . n 
A 1 79  HIS 79  87  87  HIS HIS A . n 
A 1 80  LYS 80  88  88  LYS LYS A . n 
A 1 81  LYS 81  89  89  LYS LYS A . n 
A 1 82  GLN 82  90  90  GLN GLN A . n 
A 1 83  GLY 83  91  91  GLY GLY A . n 
A 1 84  ALA 84  92  92  ALA ALA A . n 
A 1 85  GLY 85  93  93  GLY GLY A . n 
A 1 86  PHE 86  94  94  PHE PHE A . n 
A 1 87  LEU 87  95  95  LEU LEU A . n 
A 1 88  GLY 88  96  96  GLY GLY A . n 
A 1 89  CYS 89  97  97  CYS CYS A . n 
A 1 90  VAL 90  98  98  VAL VAL A . n 
A 1 91  ARG 91  99  99  ARG ARG A . n 
A 1 92  LEU 92  100 100 LEU LEU A . n 
A 1 93  LEU 93  101 101 LEU LEU A . n 
A 1 94  SER 94  102 102 SER SER A . n 
A 1 95  ASN 95  103 103 ASN ASN A . n 
A 1 96  ALA 96  104 104 ALA ALA A . n 
A 1 97  ILE 97  105 105 ILE ILE A . n 
A 1 98  SER 98  106 106 SER SER A . n 
A 1 99  ARG 99  107 107 ARG ARG A . n 
A 1 100 LEU 100 108 108 LEU LEU A . n 
A 1 101 LYS 101 109 109 LYS LYS A . n 
A 1 102 ASP 102 110 110 ASP ASP A . n 
A 1 103 THR 103 111 111 THR THR A . n 
A 1 104 GLY 104 112 112 GLY GLY A . n 
A 1 105 TYR 105 113 113 TYR TYR A . n 
A 1 106 GLN 106 114 114 GLN GLN A . n 
A 1 107 ARG 107 115 115 ARG ARG A . n 
A 1 108 LEU 108 116 116 LEU LEU A . n 
A 1 109 ASP 109 117 117 ASP ASP A . n 
A 1 110 LEU 110 118 118 LEU LEU A . n 
A 1 111 CYS 111 119 119 CYS CYS A . n 
A 1 112 LYS 112 120 120 LYS LYS A . n 
A 1 113 LEU 113 121 121 LEU LEU A . n 
A 1 114 ASN 114 122 122 ASN ASN A . n 
A 1 115 PRO 115 123 123 PRO PRO A . n 
A 1 116 SER 116 124 124 SER SER A . n 
A 1 117 ASP 117 125 125 ASP ASP A . n 
A 1 118 THR 118 126 126 THR THR A . n 
A 1 119 ASP 119 127 127 ASP ASP A . n 
A 1 120 ALA 120 128 128 ALA ALA A . n 
A 1 121 VAL 121 129 129 VAL VAL A . n 
A 1 122 ARG 122 130 130 ARG ARG A . n 
A 1 123 GLY 123 131 131 GLY GLY A . n 
A 1 124 GLN 124 132 132 GLN GLN A . n 
A 1 125 ILE 125 133 133 ILE ILE A . n 
A 1 126 VAL 126 134 134 VAL VAL A . n 
A 1 127 VAL 127 135 135 VAL VAL A . n 
A 1 128 SER 128 136 136 SER SER A . n 
A 1 129 LEU 129 137 137 LEU LEU A . n 
A 1 130 GLN 130 138 138 GLN GLN A . n 
A 1 131 THR 131 139 139 THR THR A . n 
A 1 132 ARG 132 140 140 ARG ARG A . n 
# 
loop_
_pdbx_nonpoly_scheme.asym_id 
_pdbx_nonpoly_scheme.entity_id 
_pdbx_nonpoly_scheme.mon_id 
_pdbx_nonpoly_scheme.ndb_seq_num 
_pdbx_nonpoly_scheme.pdb_seq_num 
_pdbx_nonpoly_scheme.auth_seq_num 
_pdbx_nonpoly_scheme.pdb_mon_id 
_pdbx_nonpoly_scheme.auth_mon_id 
_pdbx_nonpoly_scheme.pdb_strand_id 
_pdbx_nonpoly_scheme.pdb_ins_code 
B 2 SO4 1  2   2  SO4 SO4 A . 
C 2 SO4 1  3   3  SO4 SO4 A . 
D 3 CL  1  1   1  CL  CL  A . 
E 4 HOH 1  4   4  HOH HOH A . 
E 4 HOH 2  5   5  HOH HOH A . 
E 4 HOH 3  6   6  HOH HOH A . 
E 4 HOH 4  7   7  HOH HOH A . 
E 4 HOH 5  8   8  HOH HOH A . 
E 4 HOH 6  141 2  HOH HOH A . 
E 4 HOH 7  142 3  HOH HOH A . 
E 4 HOH 8  143 9  HOH HOH A . 
E 4 HOH 9  144 10 HOH HOH A . 
E 4 HOH 10 145 11 HOH HOH A . 
E 4 HOH 11 146 12 HOH HOH A . 
E 4 HOH 12 147 13 HOH HOH A . 
E 4 HOH 13 148 14 HOH HOH A . 
E 4 HOH 14 149 15 HOH HOH A . 
E 4 HOH 15 150 16 HOH HOH A . 
E 4 HOH 16 151 17 HOH HOH A . 
E 4 HOH 17 152 18 HOH HOH A . 
E 4 HOH 18 153 19 HOH HOH A . 
E 4 HOH 19 154 20 HOH HOH A . 
E 4 HOH 20 155 21 HOH HOH A . 
E 4 HOH 21 156 22 HOH HOH A . 
E 4 HOH 22 157 23 HOH HOH A . 
E 4 HOH 23 158 24 HOH HOH A . 
E 4 HOH 24 159 25 HOH HOH A . 
E 4 HOH 25 160 26 HOH HOH A . 
E 4 HOH 26 161 27 HOH HOH A . 
E 4 HOH 27 162 28 HOH HOH A . 
E 4 HOH 28 163 29 HOH HOH A . 
E 4 HOH 29 164 30 HOH HOH A . 
E 4 HOH 30 165 31 HOH HOH A . 
E 4 HOH 31 166 32 HOH HOH A . 
E 4 HOH 32 167 33 HOH HOH A . 
E 4 HOH 33 168 34 HOH HOH A . 
E 4 HOH 34 169 35 HOH HOH A . 
E 4 HOH 35 170 37 HOH HOH A . 
E 4 HOH 36 171 38 HOH HOH A . 
E 4 HOH 37 172 39 HOH HOH A . 
E 4 HOH 38 173 40 HOH HOH A . 
E 4 HOH 39 174 41 HOH HOH A . 
E 4 HOH 40 175 42 HOH HOH A . 
E 4 HOH 41 176 43 HOH HOH A . 
E 4 HOH 42 177 44 HOH HOH A . 
E 4 HOH 43 178 45 HOH HOH A . 
E 4 HOH 44 179 46 HOH HOH A . 
E 4 HOH 45 180 47 HOH HOH A . 
E 4 HOH 46 181 48 HOH HOH A . 
E 4 HOH 47 182 51 HOH HOH A . 
E 4 HOH 48 183 52 HOH HOH A . 
E 4 HOH 49 184 53 HOH HOH A . 
E 4 HOH 50 185 54 HOH HOH A . 
E 4 HOH 51 186 55 HOH HOH A . 
E 4 HOH 52 187 56 HOH HOH A . 
E 4 HOH 53 188 57 HOH HOH A . 
E 4 HOH 54 189 59 HOH HOH A . 
# 
loop_
_pdbx_unobs_or_zero_occ_atoms.id 
_pdbx_unobs_or_zero_occ_atoms.PDB_model_num 
_pdbx_unobs_or_zero_occ_atoms.polymer_flag 
_pdbx_unobs_or_zero_occ_atoms.occupancy_flag 
_pdbx_unobs_or_zero_occ_atoms.auth_asym_id 
_pdbx_unobs_or_zero_occ_atoms.auth_comp_id 
_pdbx_unobs_or_zero_occ_atoms.auth_seq_id 
_pdbx_unobs_or_zero_occ_atoms.PDB_ins_code 
_pdbx_unobs_or_zero_occ_atoms.auth_atom_id 
_pdbx_unobs_or_zero_occ_atoms.label_alt_id 
_pdbx_unobs_or_zero_occ_atoms.label_asym_id 
_pdbx_unobs_or_zero_occ_atoms.label_comp_id 
_pdbx_unobs_or_zero_occ_atoms.label_seq_id 
_pdbx_unobs_or_zero_occ_atoms.label_atom_id 
1 1 Y 1 A LYS 72 ? CG ? A LYS 64 CG 
2 1 Y 1 A LYS 72 ? CD ? A LYS 64 CD 
3 1 Y 1 A LYS 72 ? CE ? A LYS 64 CE 
4 1 Y 1 A LYS 72 ? NZ ? A LYS 64 NZ 
# 
loop_
_software.name 
_software.classification 
_software.version 
_software.citation_id 
_software.pdbx_ordinal 
HKL-2000 'data collection' .        ? 1 
PHASES   phasing           .        ? 2 
REFMAC   refinement        5.2.0019 ? 3 
HKL-2000 'data reduction'  .        ? 4 
HKL-2000 'data scaling'    .        ? 5 
# 
_cell.entry_id           3PYC 
_cell.length_a           30.959 
_cell.length_b           47.048 
_cell.length_c           91.266 
_cell.angle_alpha        90.00 
_cell.angle_beta         90.00 
_cell.angle_gamma        90.00 
_cell.Z_PDB              4 
_cell.pdbx_unique_axis   ? 
_cell.length_a_esd       ? 
_cell.length_b_esd       ? 
_cell.length_c_esd       ? 
_cell.angle_alpha_esd    ? 
_cell.angle_beta_esd     ? 
_cell.angle_gamma_esd    ? 
# 
_symmetry.entry_id                         3PYC 
_symmetry.space_group_name_H-M             'P 21 21 21' 
_symmetry.pdbx_full_space_group_name_H-M   ? 
_symmetry.cell_setting                     ? 
_symmetry.Int_Tables_number                19 
_symmetry.space_group_name_Hall            ? 
# 
_exptl.entry_id          3PYC 
_exptl.method            'X-RAY DIFFRACTION' 
_exptl.crystals_number   1 
# 
_exptl_crystal.id                    1 
_exptl_crystal.density_meas          ? 
_exptl_crystal.density_Matthews      2.24 
_exptl_crystal.density_percent_sol   45.07 
_exptl_crystal.description           ? 
_exptl_crystal.F_000                 ? 
_exptl_crystal.preparation           ? 
# 
_exptl_crystal_grow.crystal_id      1 
_exptl_crystal_grow.method          'VAPOR DIFFUSION, SITTING DROP' 
_exptl_crystal_grow.temp            293 
_exptl_crystal_grow.temp_details    ? 
_exptl_crystal_grow.pH              6.5 
_exptl_crystal_grow.pdbx_details    '0.1M HEPES (pH 6.5), 2M ammonium sulfate, VAPOR DIFFUSION, SITTING DROP, temperature 293K' 
_exptl_crystal_grow.pdbx_pH_range   . 
# 
_diffrn.id                     1 
_diffrn.ambient_temp           100 
_diffrn.ambient_temp_details   ? 
_diffrn.crystal_id             1 
# 
_diffrn_detector.diffrn_id              1 
_diffrn_detector.detector               CCD 
_diffrn_detector.type                   'ADSC QUANTUM 315r' 
_diffrn_detector.pdbx_collection_date   ? 
_diffrn_detector.details                ? 
# 
_diffrn_radiation.diffrn_id                        1 
_diffrn_radiation.wavelength_id                    1 
_diffrn_radiation.pdbx_monochromatic_or_laue_m_l   M 
_diffrn_radiation.monochromator                    ? 
_diffrn_radiation.pdbx_diffrn_protocol             'SINGLE WAVELENGTH' 
_diffrn_radiation.pdbx_scattering_type             x-ray 
# 
_diffrn_radiation_wavelength.id           1 
_diffrn_radiation_wavelength.wavelength   1 
_diffrn_radiation_wavelength.wt           1.0 
# 
_diffrn_source.diffrn_id                   1 
_diffrn_source.source                      SYNCHROTRON 
_diffrn_source.type                        'PHOTON FACTORY BEAMLINE BL-5A' 
_diffrn_source.pdbx_synchrotron_site       'Photon Factory' 
_diffrn_source.pdbx_synchrotron_beamline   BL-5A 
_diffrn_source.pdbx_wavelength             ? 
_diffrn_source.pdbx_wavelength_list        1 
# 
_reflns.entry_id                     3PYC 
_reflns.observed_criterion_sigma_I   2.0 
_reflns.observed_criterion_sigma_F   2.0 
_reflns.d_resolution_low             50 
_reflns.d_resolution_high            1.96 
_reflns.number_obs                   10113 
_reflns.number_all                   10154 
_reflns.percent_possible_obs         99.6 
_reflns.pdbx_Rmerge_I_obs            ? 
_reflns.pdbx_Rsym_value              ? 
_reflns.pdbx_netI_over_sigmaI        ? 
_reflns.B_iso_Wilson_estimate        ? 
_reflns.pdbx_redundancy              ? 
_reflns.R_free_details               ? 
_reflns.limit_h_max                  ? 
_reflns.limit_h_min                  ? 
_reflns.limit_k_max                  ? 
_reflns.limit_k_min                  ? 
_reflns.limit_l_max                  ? 
_reflns.limit_l_min                  ? 
_reflns.observed_criterion_F_max     ? 
_reflns.observed_criterion_F_min     ? 
_reflns.pdbx_chi_squared             ? 
_reflns.pdbx_scaling_rejects         ? 
_reflns.pdbx_diffrn_id               1 
_reflns.pdbx_ordinal                 1 
# 
_refine.entry_id                                 3PYC 
_refine.ls_number_reflns_obs                     9586 
_refine.ls_number_reflns_all                     ? 
_refine.pdbx_ls_sigma_I                          ? 
_refine.pdbx_ls_sigma_F                          ? 
_refine.pdbx_data_cutoff_high_absF               ? 
_refine.pdbx_data_cutoff_low_absF                ? 
_refine.pdbx_data_cutoff_high_rms_absF           ? 
_refine.ls_d_res_low                             32.76 
_refine.ls_d_res_high                            1.96 
_refine.ls_percent_reflns_obs                    99.61 
_refine.ls_R_factor_obs                          0.20582 
_refine.ls_R_factor_all                          ? 
_refine.ls_R_factor_R_work                       0.20413 
_refine.ls_R_factor_R_free                       0.24115 
_refine.ls_R_factor_R_free_error                 ? 
_refine.ls_R_factor_R_free_error_details         ? 
_refine.ls_percent_reflns_R_free                 4.8 
_refine.ls_number_reflns_R_free                  485 
_refine.ls_number_parameters                     ? 
_refine.ls_number_restraints                     ? 
_refine.occupancy_min                            ? 
_refine.occupancy_max                            ? 
_refine.correlation_coeff_Fo_to_Fc               0.943 
_refine.correlation_coeff_Fo_to_Fc_free          0.933 
_refine.B_iso_mean                               23.774 
_refine.aniso_B[1][1]                            2.51 
_refine.aniso_B[2][2]                            -1.12 
_refine.aniso_B[3][3]                            -1.39 
_refine.aniso_B[1][2]                            0.00 
_refine.aniso_B[1][3]                            0.00 
_refine.aniso_B[2][3]                            0.00 
_refine.solvent_model_details                    MASK 
_refine.solvent_model_param_ksol                 ? 
_refine.solvent_model_param_bsol                 ? 
_refine.pdbx_solvent_vdw_probe_radii             1.20 
_refine.pdbx_solvent_ion_probe_radii             0.80 
_refine.pdbx_solvent_shrinkage_radii             0.80 
_refine.pdbx_ls_cross_valid_method               THROUGHOUT 
_refine.details                                  'HYDROGENS HAVE BEEN ADDED IN THE RIDING POSITIONS' 
_refine.pdbx_starting_model                      ? 
_refine.pdbx_method_to_determine_struct          'MOLECULAR REPLACEMENT' 
_refine.pdbx_isotropic_thermal_model             ? 
_refine.pdbx_stereochemistry_target_values       'MAXIMUM LIKELIHOOD' 
_refine.pdbx_stereochem_target_val_spec_case     ? 
_refine.pdbx_R_Free_selection_details            RANDOM 
_refine.pdbx_overall_ESU_R_Free                  0.164 
_refine.overall_SU_ML                            0.112 
_refine.overall_SU_B                             3.869 
_refine.overall_SU_R_Cruickshank_DPI             ? 
_refine.ls_redundancy_reflns_obs                 ? 
_refine.B_iso_min                                ? 
_refine.B_iso_max                                ? 
_refine.overall_SU_R_free                        ? 
_refine.ls_wR_factor_R_free                      ? 
_refine.ls_wR_factor_R_work                      ? 
_refine.overall_FOM_free_R_set                   ? 
_refine.overall_FOM_work_R_set                   ? 
_refine.pdbx_refine_id                           'X-RAY DIFFRACTION' 
_refine.pdbx_overall_phase_error                 ? 
_refine.pdbx_overall_ESU_R                       ? 
_refine.pdbx_diffrn_id                           1 
_refine.pdbx_TLS_residual_ADP_flag               ? 
_refine.pdbx_overall_SU_R_free_Cruickshank_DPI   ? 
_refine.pdbx_overall_SU_R_Blow_DPI               ? 
_refine.pdbx_overall_SU_R_free_Blow_DPI          ? 
# 
_refine_hist.pdbx_refine_id                   'X-RAY DIFFRACTION' 
_refine_hist.cycle_id                         LAST 
_refine_hist.pdbx_number_atoms_protein        1038 
_refine_hist.pdbx_number_atoms_nucleic_acid   0 
_refine_hist.pdbx_number_atoms_ligand         11 
_refine_hist.number_atoms_solvent             54 
_refine_hist.number_atoms_total               1103 
_refine_hist.d_res_high                       1.96 
_refine_hist.d_res_low                        32.76 
# 
loop_
_refine_ls_restr.type 
_refine_ls_restr.dev_ideal 
_refine_ls_restr.dev_ideal_target 
_refine_ls_restr.weight 
_refine_ls_restr.number 
_refine_ls_restr.pdbx_refine_id 
_refine_ls_restr.pdbx_restraint_function 
r_bond_refined_d             0.018  0.022  ? 1077 'X-RAY DIFFRACTION' ? 
r_bond_other_d               ?      ?      ? ?    'X-RAY DIFFRACTION' ? 
r_angle_refined_deg          1.700  1.959  ? 1459 'X-RAY DIFFRACTION' ? 
r_angle_other_deg            ?      ?      ? ?    'X-RAY DIFFRACTION' ? 
r_dihedral_angle_1_deg       6.807  5.000  ? 135  'X-RAY DIFFRACTION' ? 
r_dihedral_angle_2_deg       36.207 24.043 ? 47   'X-RAY DIFFRACTION' ? 
r_dihedral_angle_3_deg       17.531 15.000 ? 196  'X-RAY DIFFRACTION' ? 
r_dihedral_angle_4_deg       13.537 15.000 ? 7    'X-RAY DIFFRACTION' ? 
r_chiral_restr               0.140  0.200  ? 166  'X-RAY DIFFRACTION' ? 
r_gen_planes_refined         0.007  0.020  ? 790  'X-RAY DIFFRACTION' ? 
r_gen_planes_other           ?      ?      ? ?    'X-RAY DIFFRACTION' ? 
r_nbd_refined                0.235  0.200  ? 442  'X-RAY DIFFRACTION' ? 
r_nbd_other                  ?      ?      ? ?    'X-RAY DIFFRACTION' ? 
r_nbtor_refined              0.311  0.200  ? 716  'X-RAY DIFFRACTION' ? 
r_nbtor_other                ?      ?      ? ?    'X-RAY DIFFRACTION' ? 
r_xyhbond_nbd_refined        0.154  0.200  ? 62   'X-RAY DIFFRACTION' ? 
r_xyhbond_nbd_other          ?      ?      ? ?    'X-RAY DIFFRACTION' ? 
r_metal_ion_refined          ?      ?      ? ?    'X-RAY DIFFRACTION' ? 
r_metal_ion_other            ?      ?      ? ?    'X-RAY DIFFRACTION' ? 
r_symmetry_vdw_refined       0.213  0.200  ? 50   'X-RAY DIFFRACTION' ? 
r_symmetry_vdw_other         ?      ?      ? ?    'X-RAY DIFFRACTION' ? 
r_symmetry_hbond_refined     0.176  0.200  ? 11   'X-RAY DIFFRACTION' ? 
r_symmetry_hbond_other       ?      ?      ? ?    'X-RAY DIFFRACTION' ? 
r_symmetry_metal_ion_refined ?      ?      ? ?    'X-RAY DIFFRACTION' ? 
r_symmetry_metal_ion_other   ?      ?      ? ?    'X-RAY DIFFRACTION' ? 
r_mcbond_it                  1.250  1.500  ? 677  'X-RAY DIFFRACTION' ? 
r_mcbond_other               ?      ?      ? ?    'X-RAY DIFFRACTION' ? 
r_mcangle_it                 2.054  2.000  ? 1070 'X-RAY DIFFRACTION' ? 
r_scbond_it                  3.352  3.000  ? 446  'X-RAY DIFFRACTION' ? 
r_scangle_it                 5.332  4.500  ? 387  'X-RAY DIFFRACTION' ? 
r_rigid_bond_restr           ?      ?      ? ?    'X-RAY DIFFRACTION' ? 
r_sphericity_free            ?      ?      ? ?    'X-RAY DIFFRACTION' ? 
r_sphericity_bonded          ?      ?      ? ?    'X-RAY DIFFRACTION' ? 
# 
_refine_ls_shell.pdbx_refine_id                   'X-RAY DIFFRACTION' 
_refine_ls_shell.pdbx_total_number_of_bins_used   20 
_refine_ls_shell.d_res_high                       1.959 
_refine_ls_shell.d_res_low                        2.010 
_refine_ls_shell.number_reflns_R_work             674 
_refine_ls_shell.R_factor_R_work                  0.198 
_refine_ls_shell.percent_reflns_obs               96.59 
_refine_ls_shell.R_factor_R_free                  0.248 
_refine_ls_shell.R_factor_R_free_error            ? 
_refine_ls_shell.percent_reflns_R_free            ? 
_refine_ls_shell.number_reflns_R_free             34 
_refine_ls_shell.number_reflns_all                ? 
_refine_ls_shell.R_factor_all                     ? 
_refine_ls_shell.number_reflns_obs                ? 
_refine_ls_shell.redundancy_reflns_obs            ? 
# 
_struct.entry_id                  3PYC 
_struct.title                     'Crystal structure of human SMURF1 C2 domain' 
_struct.pdbx_model_details        ? 
_struct.pdbx_CASP_flag            ? 
_struct.pdbx_model_type_details   ? 
# 
_struct_keywords.entry_id        3PYC 
_struct_keywords.pdbx_keywords   'LIPID BINDING PROTEIN' 
_struct_keywords.text            'phospholipid binding, membrane associate, LIPID BINDING PROTEIN' 
# 
loop_
_struct_asym.id 
_struct_asym.pdbx_blank_PDB_chainid_flag 
_struct_asym.pdbx_modified 
_struct_asym.entity_id 
_struct_asym.details 
A N N 1 ? 
B N N 2 ? 
C N N 2 ? 
D N N 3 ? 
E N N 4 ? 
# 
_struct_ref.id                         1 
_struct_ref.db_name                    UNP 
_struct_ref.db_code                    SMUF1_HUMAN 
_struct_ref.pdbx_db_accession          Q9HCE7 
_struct_ref.entity_id                  1 
_struct_ref.pdbx_seq_one_letter_code   
;IKIRLTVLCAKNLAKKDFFRLPDPFAKIVVDGSGQCHSTDTVKNTLDPKWNQHYDLYVGKTDSITISVWNHKKIHKKQGA
GFLGCVRLLSNAISRLKDTGYQRLDLCKLNPSDTDAVRGQIVVSLQTR
;
_struct_ref.pdbx_align_begin           13 
_struct_ref.pdbx_db_isoform            ? 
# 
_struct_ref_seq.align_id                      1 
_struct_ref_seq.ref_id                        1 
_struct_ref_seq.pdbx_PDB_id_code              3PYC 
_struct_ref_seq.pdbx_strand_id                A 
_struct_ref_seq.seq_align_beg                 5 
_struct_ref_seq.pdbx_seq_align_beg_ins_code   ? 
_struct_ref_seq.seq_align_end                 132 
_struct_ref_seq.pdbx_seq_align_end_ins_code   ? 
_struct_ref_seq.pdbx_db_accession             Q9HCE7 
_struct_ref_seq.db_align_beg                  13 
_struct_ref_seq.pdbx_db_align_beg_ins_code    ? 
_struct_ref_seq.db_align_end                  140 
_struct_ref_seq.pdbx_db_align_end_ins_code    ? 
_struct_ref_seq.pdbx_auth_seq_align_beg       13 
_struct_ref_seq.pdbx_auth_seq_align_end       140 
# 
loop_
_struct_ref_seq_dif.align_id 
_struct_ref_seq_dif.pdbx_pdb_id_code 
_struct_ref_seq_dif.mon_id 
_struct_ref_seq_dif.pdbx_pdb_strand_id 
_struct_ref_seq_dif.seq_num 
_struct_ref_seq_dif.pdbx_pdb_ins_code 
_struct_ref_seq_dif.pdbx_seq_db_name 
_struct_ref_seq_dif.pdbx_seq_db_accession_code 
_struct_ref_seq_dif.db_mon_id 
_struct_ref_seq_dif.pdbx_seq_db_seq_num 
_struct_ref_seq_dif.details 
_struct_ref_seq_dif.pdbx_auth_seq_num 
_struct_ref_seq_dif.pdbx_ordinal 
1 3PYC GLY A 1 ? UNP Q9HCE7 ? ? 'expression tag' 9  1 
1 3PYC SER A 2 ? UNP Q9HCE7 ? ? 'expression tag' 10 2 
1 3PYC GLU A 3 ? UNP Q9HCE7 ? ? 'expression tag' 11 3 
1 3PYC PHE A 4 ? UNP Q9HCE7 ? ? 'expression tag' 12 4 
# 
_pdbx_struct_assembly.id                   1 
_pdbx_struct_assembly.details              author_and_software_defined_assembly 
_pdbx_struct_assembly.method_details       PISA 
_pdbx_struct_assembly.oligomeric_details   monomeric 
_pdbx_struct_assembly.oligomeric_count     1 
# 
_pdbx_struct_assembly_gen.assembly_id       1 
_pdbx_struct_assembly_gen.oper_expression   1 
_pdbx_struct_assembly_gen.asym_id_list      A,B,C,D,E 
# 
_pdbx_struct_oper_list.id                   1 
_pdbx_struct_oper_list.type                 'identity operation' 
_pdbx_struct_oper_list.name                 1_555 
_pdbx_struct_oper_list.symmetry_operation   x,y,z 
_pdbx_struct_oper_list.matrix[1][1]         1.0000000000 
_pdbx_struct_oper_list.matrix[1][2]         0.0000000000 
_pdbx_struct_oper_list.matrix[1][3]         0.0000000000 
_pdbx_struct_oper_list.vector[1]            0.0000000000 
_pdbx_struct_oper_list.matrix[2][1]         0.0000000000 
_pdbx_struct_oper_list.matrix[2][2]         1.0000000000 
_pdbx_struct_oper_list.matrix[2][3]         0.0000000000 
_pdbx_struct_oper_list.vector[2]            0.0000000000 
_pdbx_struct_oper_list.matrix[3][1]         0.0000000000 
_pdbx_struct_oper_list.matrix[3][2]         0.0000000000 
_pdbx_struct_oper_list.matrix[3][3]         1.0000000000 
_pdbx_struct_oper_list.vector[3]            0.0000000000 
# 
_struct_biol.id        1 
_struct_biol.details   ? 
# 
loop_
_struct_conf.conf_type_id 
_struct_conf.id 
_struct_conf.pdbx_PDB_helix_id 
_struct_conf.beg_label_comp_id 
_struct_conf.beg_label_asym_id 
_struct_conf.beg_label_seq_id 
_struct_conf.pdbx_beg_PDB_ins_code 
_struct_conf.end_label_comp_id 
_struct_conf.end_label_asym_id 
_struct_conf.end_label_seq_id 
_struct_conf.pdbx_end_PDB_ins_code 
_struct_conf.beg_auth_comp_id 
_struct_conf.beg_auth_asym_id 
_struct_conf.beg_auth_seq_id 
_struct_conf.end_auth_comp_id 
_struct_conf.end_auth_asym_id 
_struct_conf.end_auth_seq_id 
_struct_conf.pdbx_PDB_helix_class 
_struct_conf.details 
_struct_conf.pdbx_PDB_helix_length 
HELX_P HELX_P1 1 LYS A 76 ? ILE A 78  ? LYS A 84  ILE A 86  5 ? 3 
HELX_P HELX_P2 2 LEU A 93 ? LYS A 101 ? LEU A 101 LYS A 109 1 ? 9 
# 
_struct_conf_type.id          HELX_P 
_struct_conf_type.criteria    ? 
_struct_conf_type.reference   ? 
# 
loop_
_struct_sheet.id 
_struct_sheet.type 
_struct_sheet.number_strands 
_struct_sheet.details 
A ? 4 ? 
B ? 4 ? 
# 
loop_
_struct_sheet_order.sheet_id 
_struct_sheet_order.range_id_1 
_struct_sheet_order.range_id_2 
_struct_sheet_order.offset 
_struct_sheet_order.sense 
A 1 2 ? anti-parallel 
A 2 3 ? anti-parallel 
A 3 4 ? anti-parallel 
B 1 2 ? anti-parallel 
B 2 3 ? anti-parallel 
B 3 4 ? anti-parallel 
# 
loop_
_struct_sheet_range.sheet_id 
_struct_sheet_range.id 
_struct_sheet_range.beg_label_comp_id 
_struct_sheet_range.beg_label_asym_id 
_struct_sheet_range.beg_label_seq_id 
_struct_sheet_range.pdbx_beg_PDB_ins_code 
_struct_sheet_range.end_label_comp_id 
_struct_sheet_range.end_label_asym_id 
_struct_sheet_range.end_label_seq_id 
_struct_sheet_range.pdbx_end_PDB_ins_code 
_struct_sheet_range.beg_auth_comp_id 
_struct_sheet_range.beg_auth_asym_id 
_struct_sheet_range.beg_auth_seq_id 
_struct_sheet_range.end_auth_comp_id 
_struct_sheet_range.end_auth_asym_id 
_struct_sheet_range.end_auth_seq_id 
A 1 LYS A 53  ? GLY A 63  ? LYS A 61  GLY A 71  
A 2 PHE A 4   ? LYS A 15  ? PHE A 12  LYS A 23  
A 3 GLN A 124 ? THR A 131 ? GLN A 132 THR A 139 
A 4 GLN A 106 ? ASP A 109 ? GLN A 114 ASP A 117 
B 1 CYS A 40  ? SER A 42  ? CYS A 48  SER A 50  
B 2 PRO A 28  ? VAL A 34  ? PRO A 36  VAL A 42  
B 3 ILE A 68  ? ASN A 74  ? ILE A 76  ASN A 82  
B 4 PHE A 86  ? LEU A 92  ? PHE A 94  LEU A 100 
# 
loop_
_pdbx_struct_sheet_hbond.sheet_id 
_pdbx_struct_sheet_hbond.range_id_1 
_pdbx_struct_sheet_hbond.range_id_2 
_pdbx_struct_sheet_hbond.range_1_label_atom_id 
_pdbx_struct_sheet_hbond.range_1_label_comp_id 
_pdbx_struct_sheet_hbond.range_1_label_asym_id 
_pdbx_struct_sheet_hbond.range_1_label_seq_id 
_pdbx_struct_sheet_hbond.range_1_PDB_ins_code 
_pdbx_struct_sheet_hbond.range_1_auth_atom_id 
_pdbx_struct_sheet_hbond.range_1_auth_comp_id 
_pdbx_struct_sheet_hbond.range_1_auth_asym_id 
_pdbx_struct_sheet_hbond.range_1_auth_seq_id 
_pdbx_struct_sheet_hbond.range_2_label_atom_id 
_pdbx_struct_sheet_hbond.range_2_label_comp_id 
_pdbx_struct_sheet_hbond.range_2_label_asym_id 
_pdbx_struct_sheet_hbond.range_2_label_seq_id 
_pdbx_struct_sheet_hbond.range_2_PDB_ins_code 
_pdbx_struct_sheet_hbond.range_2_auth_atom_id 
_pdbx_struct_sheet_hbond.range_2_auth_comp_id 
_pdbx_struct_sheet_hbond.range_2_auth_asym_id 
_pdbx_struct_sheet_hbond.range_2_auth_seq_id 
A 1 2 O GLN A 56  ? O GLN A 64  N VAL A 11  ? N VAL A 19  
A 2 3 N CYS A 13  ? N CYS A 21  O VAL A 126 ? O VAL A 134 
A 3 4 O ILE A 125 ? O ILE A 133 N LEU A 108 ? N LEU A 116 
B 1 2 O HIS A 41  ? O HIS A 49  N ILE A 32  ? N ILE A 40  
B 2 3 N LYS A 31  ? N LYS A 39  O SER A 71  ? O SER A 79  
B 3 4 N ILE A 68  ? N ILE A 76  O LEU A 92  ? O LEU A 100 
# 
loop_
_struct_site.id 
_struct_site.pdbx_evidence_code 
_struct_site.pdbx_auth_asym_id 
_struct_site.pdbx_auth_comp_id 
_struct_site.pdbx_auth_seq_id 
_struct_site.pdbx_auth_ins_code 
_struct_site.pdbx_num_residues 
_struct_site.details 
AC1 Software A SO4 2 ? 4 'BINDING SITE FOR RESIDUE SO4 A 2' 
AC2 Software A SO4 3 ? 7 'BINDING SITE FOR RESIDUE SO4 A 3' 
AC3 Software A CL  1 ? 3 'BINDING SITE FOR RESIDUE CL A 1'  
# 
loop_
_struct_site_gen.id 
_struct_site_gen.site_id 
_struct_site_gen.pdbx_num_res 
_struct_site_gen.label_comp_id 
_struct_site_gen.label_asym_id 
_struct_site_gen.label_seq_id 
_struct_site_gen.pdbx_auth_ins_code 
_struct_site_gen.auth_comp_id 
_struct_site_gen.auth_asym_id 
_struct_site_gen.auth_seq_id 
_struct_site_gen.label_atom_id 
_struct_site_gen.label_alt_id 
_struct_site_gen.symmetry 
_struct_site_gen.details 
1  AC1 4 LYS A 20 ? LYS A 28 . ? 1_555 ? 
2  AC1 4 LYS A 77 ? LYS A 85 . ? 1_555 ? 
3  AC1 4 ALA A 84 ? ALA A 92 . ? 1_555 ? 
4  AC1 4 GLY A 85 ? GLY A 93 . ? 1_555 ? 
5  AC2 7 PHE A 29 ? PHE A 37 . ? 1_555 ? 
6  AC2 7 TRP A 73 ? TRP A 81 . ? 1_555 ? 
7  AC2 7 ASN A 74 ? ASN A 82 . ? 1_555 ? 
8  AC2 7 HIS A 75 ? HIS A 83 . ? 1_555 ? 
9  AC2 7 LYS A 77 ? LYS A 85 . ? 1_555 ? 
10 AC2 7 ILE A 78 ? ILE A 86 . ? 1_555 ? 
11 AC2 7 ALA A 84 ? ALA A 92 . ? 1_555 ? 
12 AC3 3 LYS A 20 ? LYS A 28 . ? 1_555 ? 
13 AC3 3 ASN A 74 ? ASN A 82 . ? 1_555 ? 
14 AC3 3 LYS A 77 ? LYS A 85 . ? 1_555 ? 
# 
_pdbx_validate_close_contact.id               1 
_pdbx_validate_close_contact.PDB_model_num    1 
_pdbx_validate_close_contact.auth_atom_id_1   ND2 
_pdbx_validate_close_contact.auth_asym_id_1   A 
_pdbx_validate_close_contact.auth_comp_id_1   ASN 
_pdbx_validate_close_contact.auth_seq_id_1    103 
_pdbx_validate_close_contact.PDB_ins_code_1   ? 
_pdbx_validate_close_contact.label_alt_id_1   A 
_pdbx_validate_close_contact.auth_atom_id_2   O 
_pdbx_validate_close_contact.auth_asym_id_2   A 
_pdbx_validate_close_contact.auth_comp_id_2   HOH 
_pdbx_validate_close_contact.auth_seq_id_2    183 
_pdbx_validate_close_contact.PDB_ins_code_2   ? 
_pdbx_validate_close_contact.label_alt_id_2   ? 
_pdbx_validate_close_contact.dist             2.05 
# 
loop_
_pdbx_validate_torsion.id 
_pdbx_validate_torsion.PDB_model_num 
_pdbx_validate_torsion.auth_comp_id 
_pdbx_validate_torsion.auth_asym_id 
_pdbx_validate_torsion.auth_seq_id 
_pdbx_validate_torsion.PDB_ins_code 
_pdbx_validate_torsion.label_alt_id 
_pdbx_validate_torsion.phi 
_pdbx_validate_torsion.psi 
1 1 GLU A 11  ? ? -92.38 32.73  
2 1 ASP A 127 ? ? -38.06 126.98 
# 
loop_
_chem_comp_atom.comp_id 
_chem_comp_atom.atom_id 
_chem_comp_atom.type_symbol 
_chem_comp_atom.pdbx_aromatic_flag 
_chem_comp_atom.pdbx_stereo_config 
_chem_comp_atom.pdbx_ordinal 
ALA N    N  N N 1   
ALA CA   C  N S 2   
ALA C    C  N N 3   
ALA O    O  N N 4   
ALA CB   C  N N 5   
ALA OXT  O  N N 6   
ALA H    H  N N 7   
ALA H2   H  N N 8   
ALA HA   H  N N 9   
ALA HB1  H  N N 10  
ALA HB2  H  N N 11  
ALA HB3  H  N N 12  
ALA HXT  H  N N 13  
ARG N    N  N N 14  
ARG CA   C  N S 15  
ARG C    C  N N 16  
ARG O    O  N N 17  
ARG CB   C  N N 18  
ARG CG   C  N N 19  
ARG CD   C  N N 20  
ARG NE   N  N N 21  
ARG CZ   C  N N 22  
ARG NH1  N  N N 23  
ARG NH2  N  N N 24  
ARG OXT  O  N N 25  
ARG H    H  N N 26  
ARG H2   H  N N 27  
ARG HA   H  N N 28  
ARG HB2  H  N N 29  
ARG HB3  H  N N 30  
ARG HG2  H  N N 31  
ARG HG3  H  N N 32  
ARG HD2  H  N N 33  
ARG HD3  H  N N 34  
ARG HE   H  N N 35  
ARG HH11 H  N N 36  
ARG HH12 H  N N 37  
ARG HH21 H  N N 38  
ARG HH22 H  N N 39  
ARG HXT  H  N N 40  
ASN N    N  N N 41  
ASN CA   C  N S 42  
ASN C    C  N N 43  
ASN O    O  N N 44  
ASN CB   C  N N 45  
ASN CG   C  N N 46  
ASN OD1  O  N N 47  
ASN ND2  N  N N 48  
ASN OXT  O  N N 49  
ASN H    H  N N 50  
ASN H2   H  N N 51  
ASN HA   H  N N 52  
ASN HB2  H  N N 53  
ASN HB3  H  N N 54  
ASN HD21 H  N N 55  
ASN HD22 H  N N 56  
ASN HXT  H  N N 57  
ASP N    N  N N 58  
ASP CA   C  N S 59  
ASP C    C  N N 60  
ASP O    O  N N 61  
ASP CB   C  N N 62  
ASP CG   C  N N 63  
ASP OD1  O  N N 64  
ASP OD2  O  N N 65  
ASP OXT  O  N N 66  
ASP H    H  N N 67  
ASP H2   H  N N 68  
ASP HA   H  N N 69  
ASP HB2  H  N N 70  
ASP HB3  H  N N 71  
ASP HD2  H  N N 72  
ASP HXT  H  N N 73  
CL  CL   CL N N 74  
CYS N    N  N N 75  
CYS CA   C  N R 76  
CYS C    C  N N 77  
CYS O    O  N N 78  
CYS CB   C  N N 79  
CYS SG   S  N N 80  
CYS OXT  O  N N 81  
CYS H    H  N N 82  
CYS H2   H  N N 83  
CYS HA   H  N N 84  
CYS HB2  H  N N 85  
CYS HB3  H  N N 86  
CYS HG   H  N N 87  
CYS HXT  H  N N 88  
GLN N    N  N N 89  
GLN CA   C  N S 90  
GLN C    C  N N 91  
GLN O    O  N N 92  
GLN CB   C  N N 93  
GLN CG   C  N N 94  
GLN CD   C  N N 95  
GLN OE1  O  N N 96  
GLN NE2  N  N N 97  
GLN OXT  O  N N 98  
GLN H    H  N N 99  
GLN H2   H  N N 100 
GLN HA   H  N N 101 
GLN HB2  H  N N 102 
GLN HB3  H  N N 103 
GLN HG2  H  N N 104 
GLN HG3  H  N N 105 
GLN HE21 H  N N 106 
GLN HE22 H  N N 107 
GLN HXT  H  N N 108 
GLU N    N  N N 109 
GLU CA   C  N S 110 
GLU C    C  N N 111 
GLU O    O  N N 112 
GLU CB   C  N N 113 
GLU CG   C  N N 114 
GLU CD   C  N N 115 
GLU OE1  O  N N 116 
GLU OE2  O  N N 117 
GLU OXT  O  N N 118 
GLU H    H  N N 119 
GLU H2   H  N N 120 
GLU HA   H  N N 121 
GLU HB2  H  N N 122 
GLU HB3  H  N N 123 
GLU HG2  H  N N 124 
GLU HG3  H  N N 125 
GLU HE2  H  N N 126 
GLU HXT  H  N N 127 
GLY N    N  N N 128 
GLY CA   C  N N 129 
GLY C    C  N N 130 
GLY O    O  N N 131 
GLY OXT  O  N N 132 
GLY H    H  N N 133 
GLY H2   H  N N 134 
GLY HA2  H  N N 135 
GLY HA3  H  N N 136 
GLY HXT  H  N N 137 
HIS N    N  N N 138 
HIS CA   C  N S 139 
HIS C    C  N N 140 
HIS O    O  N N 141 
HIS CB   C  N N 142 
HIS CG   C  Y N 143 
HIS ND1  N  Y N 144 
HIS CD2  C  Y N 145 
HIS CE1  C  Y N 146 
HIS NE2  N  Y N 147 
HIS OXT  O  N N 148 
HIS H    H  N N 149 
HIS H2   H  N N 150 
HIS HA   H  N N 151 
HIS HB2  H  N N 152 
HIS HB3  H  N N 153 
HIS HD1  H  N N 154 
HIS HD2  H  N N 155 
HIS HE1  H  N N 156 
HIS HE2  H  N N 157 
HIS HXT  H  N N 158 
HOH O    O  N N 159 
HOH H1   H  N N 160 
HOH H2   H  N N 161 
ILE N    N  N N 162 
ILE CA   C  N S 163 
ILE C    C  N N 164 
ILE O    O  N N 165 
ILE CB   C  N S 166 
ILE CG1  C  N N 167 
ILE CG2  C  N N 168 
ILE CD1  C  N N 169 
ILE OXT  O  N N 170 
ILE H    H  N N 171 
ILE H2   H  N N 172 
ILE HA   H  N N 173 
ILE HB   H  N N 174 
ILE HG12 H  N N 175 
ILE HG13 H  N N 176 
ILE HG21 H  N N 177 
ILE HG22 H  N N 178 
ILE HG23 H  N N 179 
ILE HD11 H  N N 180 
ILE HD12 H  N N 181 
ILE HD13 H  N N 182 
ILE HXT  H  N N 183 
LEU N    N  N N 184 
LEU CA   C  N S 185 
LEU C    C  N N 186 
LEU O    O  N N 187 
LEU CB   C  N N 188 
LEU CG   C  N N 189 
LEU CD1  C  N N 190 
LEU CD2  C  N N 191 
LEU OXT  O  N N 192 
LEU H    H  N N 193 
LEU H2   H  N N 194 
LEU HA   H  N N 195 
LEU HB2  H  N N 196 
LEU HB3  H  N N 197 
LEU HG   H  N N 198 
LEU HD11 H  N N 199 
LEU HD12 H  N N 200 
LEU HD13 H  N N 201 
LEU HD21 H  N N 202 
LEU HD22 H  N N 203 
LEU HD23 H  N N 204 
LEU HXT  H  N N 205 
LYS N    N  N N 206 
LYS CA   C  N S 207 
LYS C    C  N N 208 
LYS O    O  N N 209 
LYS CB   C  N N 210 
LYS CG   C  N N 211 
LYS CD   C  N N 212 
LYS CE   C  N N 213 
LYS NZ   N  N N 214 
LYS OXT  O  N N 215 
LYS H    H  N N 216 
LYS H2   H  N N 217 
LYS HA   H  N N 218 
LYS HB2  H  N N 219 
LYS HB3  H  N N 220 
LYS HG2  H  N N 221 
LYS HG3  H  N N 222 
LYS HD2  H  N N 223 
LYS HD3  H  N N 224 
LYS HE2  H  N N 225 
LYS HE3  H  N N 226 
LYS HZ1  H  N N 227 
LYS HZ2  H  N N 228 
LYS HZ3  H  N N 229 
LYS HXT  H  N N 230 
PHE N    N  N N 231 
PHE CA   C  N S 232 
PHE C    C  N N 233 
PHE O    O  N N 234 
PHE CB   C  N N 235 
PHE CG   C  Y N 236 
PHE CD1  C  Y N 237 
PHE CD2  C  Y N 238 
PHE CE1  C  Y N 239 
PHE CE2  C  Y N 240 
PHE CZ   C  Y N 241 
PHE OXT  O  N N 242 
PHE H    H  N N 243 
PHE H2   H  N N 244 
PHE HA   H  N N 245 
PHE HB2  H  N N 246 
PHE HB3  H  N N 247 
PHE HD1  H  N N 248 
PHE HD2  H  N N 249 
PHE HE1  H  N N 250 
PHE HE2  H  N N 251 
PHE HZ   H  N N 252 
PHE HXT  H  N N 253 
PRO N    N  N N 254 
PRO CA   C  N S 255 
PRO C    C  N N 256 
PRO O    O  N N 257 
PRO CB   C  N N 258 
PRO CG   C  N N 259 
PRO CD   C  N N 260 
PRO OXT  O  N N 261 
PRO H    H  N N 262 
PRO HA   H  N N 263 
PRO HB2  H  N N 264 
PRO HB3  H  N N 265 
PRO HG2  H  N N 266 
PRO HG3  H  N N 267 
PRO HD2  H  N N 268 
PRO HD3  H  N N 269 
PRO HXT  H  N N 270 
SER N    N  N N 271 
SER CA   C  N S 272 
SER C    C  N N 273 
SER O    O  N N 274 
SER CB   C  N N 275 
SER OG   O  N N 276 
SER OXT  O  N N 277 
SER H    H  N N 278 
SER H2   H  N N 279 
SER HA   H  N N 280 
SER HB2  H  N N 281 
SER HB3  H  N N 282 
SER HG   H  N N 283 
SER HXT  H  N N 284 
SO4 S    S  N N 285 
SO4 O1   O  N N 286 
SO4 O2   O  N N 287 
SO4 O3   O  N N 288 
SO4 O4   O  N N 289 
THR N    N  N N 290 
THR CA   C  N S 291 
THR C    C  N N 292 
THR O    O  N N 293 
THR CB   C  N R 294 
THR OG1  O  N N 295 
THR CG2  C  N N 296 
THR OXT  O  N N 297 
THR H    H  N N 298 
THR H2   H  N N 299 
THR HA   H  N N 300 
THR HB   H  N N 301 
THR HG1  H  N N 302 
THR HG21 H  N N 303 
THR HG22 H  N N 304 
THR HG23 H  N N 305 
THR HXT  H  N N 306 
TRP N    N  N N 307 
TRP CA   C  N S 308 
TRP C    C  N N 309 
TRP O    O  N N 310 
TRP CB   C  N N 311 
TRP CG   C  Y N 312 
TRP CD1  C  Y N 313 
TRP CD2  C  Y N 314 
TRP NE1  N  Y N 315 
TRP CE2  C  Y N 316 
TRP CE3  C  Y N 317 
TRP CZ2  C  Y N 318 
TRP CZ3  C  Y N 319 
TRP CH2  C  Y N 320 
TRP OXT  O  N N 321 
TRP H    H  N N 322 
TRP H2   H  N N 323 
TRP HA   H  N N 324 
TRP HB2  H  N N 325 
TRP HB3  H  N N 326 
TRP HD1  H  N N 327 
TRP HE1  H  N N 328 
TRP HE3  H  N N 329 
TRP HZ2  H  N N 330 
TRP HZ3  H  N N 331 
TRP HH2  H  N N 332 
TRP HXT  H  N N 333 
TYR N    N  N N 334 
TYR CA   C  N S 335 
TYR C    C  N N 336 
TYR O    O  N N 337 
TYR CB   C  N N 338 
TYR CG   C  Y N 339 
TYR CD1  C  Y N 340 
TYR CD2  C  Y N 341 
TYR CE1  C  Y N 342 
TYR CE2  C  Y N 343 
TYR CZ   C  Y N 344 
TYR OH   O  N N 345 
TYR OXT  O  N N 346 
TYR H    H  N N 347 
TYR H2   H  N N 348 
TYR HA   H  N N 349 
TYR HB2  H  N N 350 
TYR HB3  H  N N 351 
TYR HD1  H  N N 352 
TYR HD2  H  N N 353 
TYR HE1  H  N N 354 
TYR HE2  H  N N 355 
TYR HH   H  N N 356 
TYR HXT  H  N N 357 
VAL N    N  N N 358 
VAL CA   C  N S 359 
VAL C    C  N N 360 
VAL O    O  N N 361 
VAL CB   C  N N 362 
VAL CG1  C  N N 363 
VAL CG2  C  N N 364 
VAL OXT  O  N N 365 
VAL H    H  N N 366 
VAL H2   H  N N 367 
VAL HA   H  N N 368 
VAL HB   H  N N 369 
VAL HG11 H  N N 370 
VAL HG12 H  N N 371 
VAL HG13 H  N N 372 
VAL HG21 H  N N 373 
VAL HG22 H  N N 374 
VAL HG23 H  N N 375 
VAL HXT  H  N N 376 
# 
loop_
_chem_comp_bond.comp_id 
_chem_comp_bond.atom_id_1 
_chem_comp_bond.atom_id_2 
_chem_comp_bond.value_order 
_chem_comp_bond.pdbx_aromatic_flag 
_chem_comp_bond.pdbx_stereo_config 
_chem_comp_bond.pdbx_ordinal 
ALA N   CA   sing N N 1   
ALA N   H    sing N N 2   
ALA N   H2   sing N N 3   
ALA CA  C    sing N N 4   
ALA CA  CB   sing N N 5   
ALA CA  HA   sing N N 6   
ALA C   O    doub N N 7   
ALA C   OXT  sing N N 8   
ALA CB  HB1  sing N N 9   
ALA CB  HB2  sing N N 10  
ALA CB  HB3  sing N N 11  
ALA OXT HXT  sing N N 12  
ARG N   CA   sing N N 13  
ARG N   H    sing N N 14  
ARG N   H2   sing N N 15  
ARG CA  C    sing N N 16  
ARG CA  CB   sing N N 17  
ARG CA  HA   sing N N 18  
ARG C   O    doub N N 19  
ARG C   OXT  sing N N 20  
ARG CB  CG   sing N N 21  
ARG CB  HB2  sing N N 22  
ARG CB  HB3  sing N N 23  
ARG CG  CD   sing N N 24  
ARG CG  HG2  sing N N 25  
ARG CG  HG3  sing N N 26  
ARG CD  NE   sing N N 27  
ARG CD  HD2  sing N N 28  
ARG CD  HD3  sing N N 29  
ARG NE  CZ   sing N N 30  
ARG NE  HE   sing N N 31  
ARG CZ  NH1  sing N N 32  
ARG CZ  NH2  doub N N 33  
ARG NH1 HH11 sing N N 34  
ARG NH1 HH12 sing N N 35  
ARG NH2 HH21 sing N N 36  
ARG NH2 HH22 sing N N 37  
ARG OXT HXT  sing N N 38  
ASN N   CA   sing N N 39  
ASN N   H    sing N N 40  
ASN N   H2   sing N N 41  
ASN CA  C    sing N N 42  
ASN CA  CB   sing N N 43  
ASN CA  HA   sing N N 44  
ASN C   O    doub N N 45  
ASN C   OXT  sing N N 46  
ASN CB  CG   sing N N 47  
ASN CB  HB2  sing N N 48  
ASN CB  HB3  sing N N 49  
ASN CG  OD1  doub N N 50  
ASN CG  ND2  sing N N 51  
ASN ND2 HD21 sing N N 52  
ASN ND2 HD22 sing N N 53  
ASN OXT HXT  sing N N 54  
ASP N   CA   sing N N 55  
ASP N   H    sing N N 56  
ASP N   H2   sing N N 57  
ASP CA  C    sing N N 58  
ASP CA  CB   sing N N 59  
ASP CA  HA   sing N N 60  
ASP C   O    doub N N 61  
ASP C   OXT  sing N N 62  
ASP CB  CG   sing N N 63  
ASP CB  HB2  sing N N 64  
ASP CB  HB3  sing N N 65  
ASP CG  OD1  doub N N 66  
ASP CG  OD2  sing N N 67  
ASP OD2 HD2  sing N N 68  
ASP OXT HXT  sing N N 69  
CYS N   CA   sing N N 70  
CYS N   H    sing N N 71  
CYS N   H2   sing N N 72  
CYS CA  C    sing N N 73  
CYS CA  CB   sing N N 74  
CYS CA  HA   sing N N 75  
CYS C   O    doub N N 76  
CYS C   OXT  sing N N 77  
CYS CB  SG   sing N N 78  
CYS CB  HB2  sing N N 79  
CYS CB  HB3  sing N N 80  
CYS SG  HG   sing N N 81  
CYS OXT HXT  sing N N 82  
GLN N   CA   sing N N 83  
GLN N   H    sing N N 84  
GLN N   H2   sing N N 85  
GLN CA  C    sing N N 86  
GLN CA  CB   sing N N 87  
GLN CA  HA   sing N N 88  
GLN C   O    doub N N 89  
GLN C   OXT  sing N N 90  
GLN CB  CG   sing N N 91  
GLN CB  HB2  sing N N 92  
GLN CB  HB3  sing N N 93  
GLN CG  CD   sing N N 94  
GLN CG  HG2  sing N N 95  
GLN CG  HG3  sing N N 96  
GLN CD  OE1  doub N N 97  
GLN CD  NE2  sing N N 98  
GLN NE2 HE21 sing N N 99  
GLN NE2 HE22 sing N N 100 
GLN OXT HXT  sing N N 101 
GLU N   CA   sing N N 102 
GLU N   H    sing N N 103 
GLU N   H2   sing N N 104 
GLU CA  C    sing N N 105 
GLU CA  CB   sing N N 106 
GLU CA  HA   sing N N 107 
GLU C   O    doub N N 108 
GLU C   OXT  sing N N 109 
GLU CB  CG   sing N N 110 
GLU CB  HB2  sing N N 111 
GLU CB  HB3  sing N N 112 
GLU CG  CD   sing N N 113 
GLU CG  HG2  sing N N 114 
GLU CG  HG3  sing N N 115 
GLU CD  OE1  doub N N 116 
GLU CD  OE2  sing N N 117 
GLU OE2 HE2  sing N N 118 
GLU OXT HXT  sing N N 119 
GLY N   CA   sing N N 120 
GLY N   H    sing N N 121 
GLY N   H2   sing N N 122 
GLY CA  C    sing N N 123 
GLY CA  HA2  sing N N 124 
GLY CA  HA3  sing N N 125 
GLY C   O    doub N N 126 
GLY C   OXT  sing N N 127 
GLY OXT HXT  sing N N 128 
HIS N   CA   sing N N 129 
HIS N   H    sing N N 130 
HIS N   H2   sing N N 131 
HIS CA  C    sing N N 132 
HIS CA  CB   sing N N 133 
HIS CA  HA   sing N N 134 
HIS C   O    doub N N 135 
HIS C   OXT  sing N N 136 
HIS CB  CG   sing N N 137 
HIS CB  HB2  sing N N 138 
HIS CB  HB3  sing N N 139 
HIS CG  ND1  sing Y N 140 
HIS CG  CD2  doub Y N 141 
HIS ND1 CE1  doub Y N 142 
HIS ND1 HD1  sing N N 143 
HIS CD2 NE2  sing Y N 144 
HIS CD2 HD2  sing N N 145 
HIS CE1 NE2  sing Y N 146 
HIS CE1 HE1  sing N N 147 
HIS NE2 HE2  sing N N 148 
HIS OXT HXT  sing N N 149 
HOH O   H1   sing N N 150 
HOH O   H2   sing N N 151 
ILE N   CA   sing N N 152 
ILE N   H    sing N N 153 
ILE N   H2   sing N N 154 
ILE CA  C    sing N N 155 
ILE CA  CB   sing N N 156 
ILE CA  HA   sing N N 157 
ILE C   O    doub N N 158 
ILE C   OXT  sing N N 159 
ILE CB  CG1  sing N N 160 
ILE CB  CG2  sing N N 161 
ILE CB  HB   sing N N 162 
ILE CG1 CD1  sing N N 163 
ILE CG1 HG12 sing N N 164 
ILE CG1 HG13 sing N N 165 
ILE CG2 HG21 sing N N 166 
ILE CG2 HG22 sing N N 167 
ILE CG2 HG23 sing N N 168 
ILE CD1 HD11 sing N N 169 
ILE CD1 HD12 sing N N 170 
ILE CD1 HD13 sing N N 171 
ILE OXT HXT  sing N N 172 
LEU N   CA   sing N N 173 
LEU N   H    sing N N 174 
LEU N   H2   sing N N 175 
LEU CA  C    sing N N 176 
LEU CA  CB   sing N N 177 
LEU CA  HA   sing N N 178 
LEU C   O    doub N N 179 
LEU C   OXT  sing N N 180 
LEU CB  CG   sing N N 181 
LEU CB  HB2  sing N N 182 
LEU CB  HB3  sing N N 183 
LEU CG  CD1  sing N N 184 
LEU CG  CD2  sing N N 185 
LEU CG  HG   sing N N 186 
LEU CD1 HD11 sing N N 187 
LEU CD1 HD12 sing N N 188 
LEU CD1 HD13 sing N N 189 
LEU CD2 HD21 sing N N 190 
LEU CD2 HD22 sing N N 191 
LEU CD2 HD23 sing N N 192 
LEU OXT HXT  sing N N 193 
LYS N   CA   sing N N 194 
LYS N   H    sing N N 195 
LYS N   H2   sing N N 196 
LYS CA  C    sing N N 197 
LYS CA  CB   sing N N 198 
LYS CA  HA   sing N N 199 
LYS C   O    doub N N 200 
LYS C   OXT  sing N N 201 
LYS CB  CG   sing N N 202 
LYS CB  HB2  sing N N 203 
LYS CB  HB3  sing N N 204 
LYS CG  CD   sing N N 205 
LYS CG  HG2  sing N N 206 
LYS CG  HG3  sing N N 207 
LYS CD  CE   sing N N 208 
LYS CD  HD2  sing N N 209 
LYS CD  HD3  sing N N 210 
LYS CE  NZ   sing N N 211 
LYS CE  HE2  sing N N 212 
LYS CE  HE3  sing N N 213 
LYS NZ  HZ1  sing N N 214 
LYS NZ  HZ2  sing N N 215 
LYS NZ  HZ3  sing N N 216 
LYS OXT HXT  sing N N 217 
PHE N   CA   sing N N 218 
PHE N   H    sing N N 219 
PHE N   H2   sing N N 220 
PHE CA  C    sing N N 221 
PHE CA  CB   sing N N 222 
PHE CA  HA   sing N N 223 
PHE C   O    doub N N 224 
PHE C   OXT  sing N N 225 
PHE CB  CG   sing N N 226 
PHE CB  HB2  sing N N 227 
PHE CB  HB3  sing N N 228 
PHE CG  CD1  doub Y N 229 
PHE CG  CD2  sing Y N 230 
PHE CD1 CE1  sing Y N 231 
PHE CD1 HD1  sing N N 232 
PHE CD2 CE2  doub Y N 233 
PHE CD2 HD2  sing N N 234 
PHE CE1 CZ   doub Y N 235 
PHE CE1 HE1  sing N N 236 
PHE CE2 CZ   sing Y N 237 
PHE CE2 HE2  sing N N 238 
PHE CZ  HZ   sing N N 239 
PHE OXT HXT  sing N N 240 
PRO N   CA   sing N N 241 
PRO N   CD   sing N N 242 
PRO N   H    sing N N 243 
PRO CA  C    sing N N 244 
PRO CA  CB   sing N N 245 
PRO CA  HA   sing N N 246 
PRO C   O    doub N N 247 
PRO C   OXT  sing N N 248 
PRO CB  CG   sing N N 249 
PRO CB  HB2  sing N N 250 
PRO CB  HB3  sing N N 251 
PRO CG  CD   sing N N 252 
PRO CG  HG2  sing N N 253 
PRO CG  HG3  sing N N 254 
PRO CD  HD2  sing N N 255 
PRO CD  HD3  sing N N 256 
PRO OXT HXT  sing N N 257 
SER N   CA   sing N N 258 
SER N   H    sing N N 259 
SER N   H2   sing N N 260 
SER CA  C    sing N N 261 
SER CA  CB   sing N N 262 
SER CA  HA   sing N N 263 
SER C   O    doub N N 264 
SER C   OXT  sing N N 265 
SER CB  OG   sing N N 266 
SER CB  HB2  sing N N 267 
SER CB  HB3  sing N N 268 
SER OG  HG   sing N N 269 
SER OXT HXT  sing N N 270 
SO4 S   O1   doub N N 271 
SO4 S   O2   doub N N 272 
SO4 S   O3   sing N N 273 
SO4 S   O4   sing N N 274 
THR N   CA   sing N N 275 
THR N   H    sing N N 276 
THR N   H2   sing N N 277 
THR CA  C    sing N N 278 
THR CA  CB   sing N N 279 
THR CA  HA   sing N N 280 
THR C   O    doub N N 281 
THR C   OXT  sing N N 282 
THR CB  OG1  sing N N 283 
THR CB  CG2  sing N N 284 
THR CB  HB   sing N N 285 
THR OG1 HG1  sing N N 286 
THR CG2 HG21 sing N N 287 
THR CG2 HG22 sing N N 288 
THR CG2 HG23 sing N N 289 
THR OXT HXT  sing N N 290 
TRP N   CA   sing N N 291 
TRP N   H    sing N N 292 
TRP N   H2   sing N N 293 
TRP CA  C    sing N N 294 
TRP CA  CB   sing N N 295 
TRP CA  HA   sing N N 296 
TRP C   O    doub N N 297 
TRP C   OXT  sing N N 298 
TRP CB  CG   sing N N 299 
TRP CB  HB2  sing N N 300 
TRP CB  HB3  sing N N 301 
TRP CG  CD1  doub Y N 302 
TRP CG  CD2  sing Y N 303 
TRP CD1 NE1  sing Y N 304 
TRP CD1 HD1  sing N N 305 
TRP CD2 CE2  doub Y N 306 
TRP CD2 CE3  sing Y N 307 
TRP NE1 CE2  sing Y N 308 
TRP NE1 HE1  sing N N 309 
TRP CE2 CZ2  sing Y N 310 
TRP CE3 CZ3  doub Y N 311 
TRP CE3 HE3  sing N N 312 
TRP CZ2 CH2  doub Y N 313 
TRP CZ2 HZ2  sing N N 314 
TRP CZ3 CH2  sing Y N 315 
TRP CZ3 HZ3  sing N N 316 
TRP CH2 HH2  sing N N 317 
TRP OXT HXT  sing N N 318 
TYR N   CA   sing N N 319 
TYR N   H    sing N N 320 
TYR N   H2   sing N N 321 
TYR CA  C    sing N N 322 
TYR CA  CB   sing N N 323 
TYR CA  HA   sing N N 324 
TYR C   O    doub N N 325 
TYR C   OXT  sing N N 326 
TYR CB  CG   sing N N 327 
TYR CB  HB2  sing N N 328 
TYR CB  HB3  sing N N 329 
TYR CG  CD1  doub Y N 330 
TYR CG  CD2  sing Y N 331 
TYR CD1 CE1  sing Y N 332 
TYR CD1 HD1  sing N N 333 
TYR CD2 CE2  doub Y N 334 
TYR CD2 HD2  sing N N 335 
TYR CE1 CZ   doub Y N 336 
TYR CE1 HE1  sing N N 337 
TYR CE2 CZ   sing Y N 338 
TYR CE2 HE2  sing N N 339 
TYR CZ  OH   sing N N 340 
TYR OH  HH   sing N N 341 
TYR OXT HXT  sing N N 342 
VAL N   CA   sing N N 343 
VAL N   H    sing N N 344 
VAL N   H2   sing N N 345 
VAL CA  C    sing N N 346 
VAL CA  CB   sing N N 347 
VAL CA  HA   sing N N 348 
VAL C   O    doub N N 349 
VAL C   OXT  sing N N 350 
VAL CB  CG1  sing N N 351 
VAL CB  CG2  sing N N 352 
VAL CB  HB   sing N N 353 
VAL CG1 HG11 sing N N 354 
VAL CG1 HG12 sing N N 355 
VAL CG1 HG13 sing N N 356 
VAL CG2 HG21 sing N N 357 
VAL CG2 HG22 sing N N 358 
VAL CG2 HG23 sing N N 359 
VAL OXT HXT  sing N N 360 
# 
_atom_sites.entry_id                    3PYC 
_atom_sites.fract_transf_matrix[1][1]   -0.03213492 
_atom_sites.fract_transf_matrix[1][2]   0.00319739 
_atom_sites.fract_transf_matrix[1][3]   0.00069175 
_atom_sites.fract_transf_matrix[2][1]   0.00211895 
_atom_sites.fract_transf_matrix[2][2]   0.01955165 
_atom_sites.fract_transf_matrix[2][3]   0.00806338 
_atom_sites.fract_transf_matrix[3][1]   0.00019561 
_atom_sites.fract_transf_matrix[3][2]   0.00415871 
_atom_sites.fract_transf_matrix[3][3]   -0.01013522 
_atom_sites.fract_transf_vector[1]      0.328004 
_atom_sites.fract_transf_vector[2]      -0.027051 
_atom_sites.fract_transf_vector[3]      -0.139808 
# 
loop_
_atom_type.symbol 
C  
CL 
N  
O  
S  
# 
loop_
_atom_site.group_PDB 
_atom_site.id 
_atom_site.type_symbol 
_atom_site.label_atom_id 
_atom_site.label_alt_id 
_atom_site.label_comp_id 
_atom_site.label_asym_id 
_atom_site.label_entity_id 
_atom_site.label_seq_id 
_atom_site.pdbx_PDB_ins_code 
_atom_site.Cartn_x 
_atom_site.Cartn_y 
_atom_site.Cartn_z 
_atom_site.occupancy 
_atom_site.B_iso_or_equiv 
_atom_site.pdbx_formal_charge 
_atom_site.auth_seq_id 
_atom_site.auth_comp_id 
_atom_site.auth_asym_id 
_atom_site.auth_atom_id 
_atom_site.pdbx_PDB_model_num 
ATOM   1    N  N   . GLY A 1 1   ? -9.409  -16.496 22.112  1.00 46.66 ? 9   GLY A N   1 
ATOM   2    C  CA  . GLY A 1 1   ? -10.496 -17.224 21.382  1.00 46.19 ? 9   GLY A CA  1 
ATOM   3    C  C   . GLY A 1 1   ? -10.173 -17.362 19.903  1.00 45.64 ? 9   GLY A C   1 
ATOM   4    O  O   . GLY A 1 1   ? -10.009 -18.470 19.402  1.00 46.15 ? 9   GLY A O   1 
ATOM   5    N  N   . SER A 1 2   ? -10.100 -16.233 19.197  1.00 44.59 ? 10  SER A N   1 
ATOM   6    C  CA  . SER A 1 2   ? -9.554  -16.222 17.843  1.00 42.92 ? 10  SER A CA  1 
ATOM   7    C  C   . SER A 1 2   ? -8.044  -15.902 17.943  1.00 41.30 ? 10  SER A C   1 
ATOM   8    O  O   . SER A 1 2   ? -7.592  -15.205 18.853  1.00 42.79 ? 10  SER A O   1 
ATOM   9    C  CB  . SER A 1 2   ? -10.302 -15.225 16.972  1.00 43.59 ? 10  SER A CB  1 
ATOM   10   O  OG  . SER A 1 2   ? -11.710 -15.308 17.197  1.00 45.74 ? 10  SER A OG  1 
ATOM   11   N  N   . GLU A 1 3   ? -7.267  -16.467 17.032  1.00 38.64 ? 11  GLU A N   1 
ATOM   12   C  CA  . GLU A 1 3   ? -5.819  -16.305 16.978  1.00 34.56 ? 11  GLU A CA  1 
ATOM   13   C  C   . GLU A 1 3   ? -5.504  -15.129 16.056  1.00 31.15 ? 11  GLU A C   1 
ATOM   14   O  O   . GLU A 1 3   ? -4.512  -15.152 15.323  1.00 29.44 ? 11  GLU A O   1 
ATOM   15   C  CB  . GLU A 1 3   ? -5.248  -17.546 16.327  1.00 35.23 ? 11  GLU A CB  1 
ATOM   16   C  CG  . GLU A 1 3   ? -5.243  -18.763 17.169  1.00 38.27 ? 11  GLU A CG  1 
ATOM   17   C  CD  . GLU A 1 3   ? -4.169  -18.688 18.225  1.00 42.40 ? 11  GLU A CD  1 
ATOM   18   O  OE1 . GLU A 1 3   ? -3.026  -19.128 17.923  1.00 43.97 ? 11  GLU A OE1 1 
ATOM   19   O  OE2 . GLU A 1 3   ? -4.491  -18.184 19.338  1.00 41.66 ? 11  GLU A OE2 1 
ATOM   20   N  N   . PHE A 1 4   ? -6.389  -14.136 16.042  1.00 28.02 ? 12  PHE A N   1 
ATOM   21   C  CA  . PHE A 1 4   ? -6.137  -12.950 15.228  1.00 25.79 ? 12  PHE A CA  1 
ATOM   22   C  C   . PHE A 1 4   ? -6.549  -11.678 15.933  1.00 24.63 ? 12  PHE A C   1 
ATOM   23   O  O   . PHE A 1 4   ? -7.343  -11.702 16.881  1.00 23.03 ? 12  PHE A O   1 
ATOM   24   C  CB  . PHE A 1 4   ? -6.799  -13.080 13.844  1.00 25.16 ? 12  PHE A CB  1 
ATOM   25   C  CG  . PHE A 1 4   ? -8.302  -13.050 13.863  1.00 25.40 ? 12  PHE A CG  1 
ATOM   26   C  CD1 . PHE A 1 4   ? -8.993  -11.891 14.153  1.00 28.13 ? 12  PHE A CD1 1 
ATOM   27   C  CD2 . PHE A 1 4   ? -9.034  -14.189 13.571  1.00 28.99 ? 12  PHE A CD2 1 
ATOM   28   C  CE1 . PHE A 1 4   ? -10.403 -11.856 14.171  1.00 28.71 ? 12  PHE A CE1 1 
ATOM   29   C  CE2 . PHE A 1 4   ? -10.443 -14.167 13.559  1.00 29.83 ? 12  PHE A CE2 1 
ATOM   30   C  CZ  . PHE A 1 4   ? -11.130 -12.997 13.851  1.00 29.73 ? 12  PHE A CZ  1 
ATOM   31   N  N   . ILE A 1 5   ? -5.993  -10.559 15.454  1.00 23.13 ? 13  ILE A N   1 
ATOM   32   C  CA  . ILE A 1 5   ? -6.380  -9.217  15.907  1.00 21.51 ? 13  ILE A CA  1 
ATOM   33   C  C   . ILE A 1 5   ? -7.019  -8.431  14.731  1.00 20.55 ? 13  ILE A C   1 
ATOM   34   O  O   . ILE A 1 5   ? -6.530  -8.523  13.614  1.00 18.78 ? 13  ILE A O   1 
ATOM   35   C  CB  . ILE A 1 5   ? -5.139  -8.484  16.537  1.00 21.74 ? 13  ILE A CB  1 
ATOM   36   C  CG1 . ILE A 1 5   ? -5.545  -7.163  17.207  1.00 24.91 ? 13  ILE A CG1 1 
ATOM   37   C  CG2 . ILE A 1 5   ? -4.026  -8.219  15.534  1.00 20.64 ? 13  ILE A CG2 1 
ATOM   38   C  CD1 . ILE A 1 5   ? -4.448  -6.653  18.219  1.00 23.09 ? 13  ILE A CD1 1 
ATOM   39   N  N   . LYS A 1 6   ? -8.125  -7.737  14.975  1.00 18.79 ? 14  LYS A N   1 
ATOM   40   C  CA  . LYS A 1 6   ? -8.756  -6.910  13.975  1.00 20.19 ? 14  LYS A CA  1 
ATOM   41   C  C   . LYS A 1 6   ? -8.043  -5.529  13.986  1.00 20.01 ? 14  LYS A C   1 
ATOM   42   O  O   . LYS A 1 6   ? -8.044  -4.803  15.002  1.00 18.27 ? 14  LYS A O   1 
ATOM   43   C  CB  . LYS A 1 6   ? -10.228 -6.733  14.315  1.00 20.53 ? 14  LYS A CB  1 
ATOM   44   C  CG  . LYS A 1 6   ? -11.016 -5.946  13.250  1.00 22.51 ? 14  LYS A CG  1 
ATOM   45   C  CD  . LYS A 1 6   ? -12.428 -5.623  13.778  1.00 27.38 ? 14  LYS A CD  1 
ATOM   46   C  CE  . LYS A 1 6   ? -13.410 -5.331  12.668  1.00 31.62 ? 14  LYS A CE  1 
ATOM   47   N  NZ  . LYS A 1 6   ? -14.837 -5.340  13.128  1.00 35.48 ? 14  LYS A NZ  1 
ATOM   48   N  N   . ILE A 1 7   ? -7.428  -5.196  12.860  1.00 19.01 ? 15  ILE A N   1 
ATOM   49   C  CA  . ILE A 1 7   ? -6.716  -3.923  12.712  1.00 18.50 ? 15  ILE A CA  1 
ATOM   50   C  C   . ILE A 1 7   ? -7.388  -3.190  11.566  1.00 18.59 ? 15  ILE A C   1 
ATOM   51   O  O   . ILE A 1 7   ? -7.560  -3.748  10.481  1.00 16.81 ? 15  ILE A O   1 
ATOM   52   C  CB  . ILE A 1 7   ? -5.267  -4.117  12.376  1.00 19.39 ? 15  ILE A CB  1 
ATOM   53   C  CG1 . ILE A 1 7   ? -4.497  -4.614  13.616  1.00 21.60 ? 15  ILE A CG1 1 
ATOM   54   C  CG2 . ILE A 1 7   ? -4.638  -2.782  11.838  1.00 19.02 ? 15  ILE A CG2 1 
ATOM   55   C  CD1 . ILE A 1 7   ? -3.298  -5.278  13.238  1.00 26.44 ? 15  ILE A CD1 1 
ATOM   56   N  N   . ARG A 1 8   ? -7.844  -1.974  11.843  1.00 17.81 ? 16  ARG A N   1 
ATOM   57   C  CA  . ARG A 1 8   ? -8.406  -1.142  10.799  1.00 17.59 ? 16  ARG A CA  1 
ATOM   58   C  C   . ARG A 1 8   ? -7.281  -0.353  10.181  1.00 17.65 ? 16  ARG A C   1 
ATOM   59   O  O   . ARG A 1 8   ? -6.573  0.424   10.859  1.00 18.94 ? 16  ARG A O   1 
ATOM   60   C  CB  . ARG A 1 8   ? -9.426  -0.188  11.348  1.00 18.95 ? 16  ARG A CB  1 
ATOM   61   C  CG  . ARG A 1 8   ? -9.941  0.741   10.247  1.00 18.57 ? 16  ARG A CG  1 
ATOM   62   C  CD  . ARG A 1 8   ? -11.115 1.487   10.708  1.00 23.68 ? 16  ARG A CD  1 
ATOM   63   N  NE  . ARG A 1 8   ? -12.202 0.543   10.878  1.00 28.77 ? 16  ARG A NE  1 
ATOM   64   C  CZ  . ARG A 1 8   ? -13.484 0.870   10.858  1.00 33.17 ? 16  ARG A CZ  1 
ATOM   65   N  NH1 . ARG A 1 8   ? -13.853 2.125   10.630  1.00 31.48 ? 16  ARG A NH1 1 
ATOM   66   N  NH2 . ARG A 1 8   ? -14.399 -0.073  11.070  1.00 36.54 ? 16  ARG A NH2 1 
ATOM   67   N  N   . LEU A 1 9   ? -7.090  -0.601  8.899   1.00 17.76 ? 17  LEU A N   1 
ATOM   68   C  CA  . LEU A 1 9   ? -6.084  0.085   8.096   1.00 16.63 ? 17  LEU A CA  1 
ATOM   69   C  C   . LEU A 1 9   ? -6.800  1.151   7.272   1.00 16.23 ? 17  LEU A C   1 
ATOM   70   O  O   . LEU A 1 9   ? -7.717  0.860   6.509   1.00 16.52 ? 17  LEU A O   1 
ATOM   71   C  CB  . LEU A 1 9   ? -5.390  -0.888  7.131   1.00 17.33 ? 17  LEU A CB  1 
ATOM   72   C  CG  . LEU A 1 9   ? -4.444  -0.263  6.086   1.00 16.23 ? 17  LEU A CG  1 
ATOM   73   C  CD1 . LEU A 1 9   ? -3.103  0.260   6.693   1.00 14.76 ? 17  LEU A CD1 1 
ATOM   74   C  CD2 . LEU A 1 9   ? -4.202  -1.264  4.955   1.00 15.92 ? 17  LEU A CD2 1 
ATOM   75   N  N   . THR A 1 10  ? -6.372  2.382   7.452   1.00 15.90 ? 18  THR A N   1 
ATOM   76   C  CA  . THR A 1 10  ? -6.838  3.460   6.622   1.00 16.50 ? 18  THR A CA  1 
ATOM   77   C  C   . THR A 1 10  ? -5.734  3.724   5.616   1.00 16.23 ? 18  THR A C   1 
ATOM   78   O  O   . THR A 1 10  ? -4.577  3.906   6.005   1.00 15.63 ? 18  THR A O   1 
ATOM   79   C  CB  . THR A 1 10  ? -7.129  4.710   7.494   1.00 17.73 ? 18  THR A CB  1 
ATOM   80   O  OG1 . THR A 1 10  ? -8.149  4.374   8.439   1.00 18.41 ? 18  THR A OG1 1 
ATOM   81   C  CG2 . THR A 1 10  ? -7.667  5.934   6.632   1.00 15.99 ? 18  THR A CG2 1 
ATOM   82   N  N   . VAL A 1 11  ? -6.075  3.747   4.329   1.00 16.40 ? 19  VAL A N   1 
ATOM   83   C  CA  . VAL A 1 11  ? -5.091  4.152   3.314   1.00 17.07 ? 19  VAL A CA  1 
ATOM   84   C  C   . VAL A 1 11  ? -5.515  5.544   2.875   1.00 16.73 ? 19  VAL A C   1 
ATOM   85   O  O   . VAL A 1 11  ? -6.536  5.716   2.222   1.00 15.86 ? 19  VAL A O   1 
ATOM   86   C  CB  . VAL A 1 11  ? -4.976  3.159   2.104   1.00 17.50 ? 19  VAL A CB  1 
ATOM   87   C  CG1 . VAL A 1 11  ? -3.944  3.691   1.065   1.00 18.10 ? 19  VAL A CG1 1 
ATOM   88   C  CG2 . VAL A 1 11  ? -4.507  1.748   2.592   1.00 18.58 ? 19  VAL A CG2 1 
ATOM   89   N  N   . LEU A 1 12  ? -4.809  6.537   3.378   1.00 16.95 ? 20  LEU A N   1 
ATOM   90   C  CA  . LEU A 1 12  ? -5.298  7.880   3.297   1.00 17.50 ? 20  LEU A CA  1 
ATOM   91   C  C   . LEU A 1 12  ? -4.983  8.448   1.895   1.00 16.87 ? 20  LEU A C   1 
ATOM   92   O  O   . LEU A 1 12  ? -5.867  8.912   1.164   1.00 17.53 ? 20  LEU A O   1 
ATOM   93   C  CB  . LEU A 1 12  ? -4.573  8.719   4.362   1.00 17.82 ? 20  LEU A CB  1 
ATOM   94   C  CG  . LEU A 1 12  ? -5.308  9.573   5.395   1.00 22.54 ? 20  LEU A CG  1 
ATOM   95   C  CD1 . LEU A 1 12  ? -4.445  10.754  5.805   1.00 20.89 ? 20  LEU A CD1 1 
ATOM   96   C  CD2 . LEU A 1 12  ? -6.695  10.020  4.951   1.00 22.04 ? 20  LEU A CD2 1 
ATOM   97   N  N   . CYS A 1 13  ? -3.712  8.421   1.539   1.00 16.40 ? 21  CYS A N   1 
ATOM   98   C  CA  . CYS A 1 13  ? -3.302  8.989   0.244   1.00 17.86 ? 21  CYS A CA  1 
ATOM   99   C  C   . CYS A 1 13  ? -1.900  8.503   -0.065  1.00 17.38 ? 21  CYS A C   1 
ATOM   100  O  O   . CYS A 1 13  ? -1.249  7.860   0.782   1.00 16.08 ? 21  CYS A O   1 
ATOM   101  C  CB  . CYS A 1 13  ? -3.314  10.529  0.368   1.00 17.85 ? 21  CYS A CB  1 
ATOM   102  S  SG  . CYS A 1 13  ? -2.138  11.156  1.597   1.00 22.92 ? 21  CYS A SG  1 
ATOM   103  N  N   . ALA A 1 14  ? -1.411  8.838   -1.265  1.00 17.73 ? 22  ALA A N   1 
ATOM   104  C  CA  . ALA A 1 14  ? 0.015   8.749   -1.561  1.00 17.76 ? 22  ALA A CA  1 
ATOM   105  C  C   . ALA A 1 14  ? 0.477   10.091  -2.126  1.00 18.98 ? 22  ALA A C   1 
ATOM   106  O  O   . ALA A 1 14  ? -0.322  10.903  -2.542  1.00 17.16 ? 22  ALA A O   1 
ATOM   107  C  CB  . ALA A 1 14  ? 0.344   7.621   -2.561  1.00 17.72 ? 22  ALA A CB  1 
ATOM   108  N  N   . LYS A 1 15  ? 1.779   10.322  -2.124  1.00 20.24 ? 23  LYS A N   1 
ATOM   109  C  CA  . LYS A 1 15  ? 2.236   11.591  -2.577  1.00 23.72 ? 23  LYS A CA  1 
ATOM   110  C  C   . LYS A 1 15  ? 3.510   11.425  -3.327  1.00 21.31 ? 23  LYS A C   1 
ATOM   111  O  O   . LYS A 1 15  ? 4.319   10.538  -3.016  1.00 20.66 ? 23  LYS A O   1 
ATOM   112  C  CB  . LYS A 1 15  ? 2.380   12.581  -1.393  1.00 23.86 ? 23  LYS A CB  1 
ATOM   113  C  CG  . LYS A 1 15  ? 3.327   12.167  -0.308  1.00 28.55 ? 23  LYS A CG  1 
ATOM   114  C  CD  . LYS A 1 15  ? 3.196   13.124  0.889   1.00 31.13 ? 23  LYS A CD  1 
ATOM   115  C  CE  . LYS A 1 15  ? 3.480   14.598  0.478   1.00 38.08 ? 23  LYS A CE  1 
ATOM   116  N  NZ  . LYS A 1 15  ? 2.919   15.588  1.483   1.00 44.19 ? 23  LYS A NZ  1 
ATOM   117  N  N   . ASN A 1 16  ? 3.659   12.261  -4.348  1.00 20.13 ? 24  ASN A N   1 
ATOM   118  C  CA  A ASN A 1 16  ? 4.884   12.305  -5.140  0.50 20.12 ? 24  ASN A CA  1 
ATOM   119  C  CA  B ASN A 1 16  ? 4.905   12.308  -5.116  0.50 20.42 ? 24  ASN A CA  1 
ATOM   120  C  C   . ASN A 1 16  ? 5.260   10.978  -5.797  1.00 18.75 ? 24  ASN A C   1 
ATOM   121  O  O   . ASN A 1 16  ? 6.420   10.624  -5.878  1.00 18.56 ? 24  ASN A O   1 
ATOM   122  C  CB  A ASN A 1 16  ? 6.054   12.857  -4.303  0.50 20.26 ? 24  ASN A CB  1 
ATOM   123  C  CB  B ASN A 1 16  ? 6.079   12.814  -4.233  0.50 20.69 ? 24  ASN A CB  1 
ATOM   124  C  CG  A ASN A 1 16  ? 7.175   13.384  -5.166  0.50 21.39 ? 24  ASN A CG  1 
ATOM   125  C  CG  B ASN A 1 16  ? 5.939   14.290  -3.833  0.50 23.52 ? 24  ASN A CG  1 
ATOM   126  O  OD1 A ASN A 1 16  ? 6.933   13.935  -6.243  0.50 23.15 ? 24  ASN A OD1 1 
ATOM   127  O  OD1 B ASN A 1 16  ? 6.354   14.697  -2.731  0.50 26.42 ? 24  ASN A OD1 1 
ATOM   128  N  ND2 A ASN A 1 16  ? 8.410   13.190  -4.719  0.50 23.86 ? 24  ASN A ND2 1 
ATOM   129  N  ND2 B ASN A 1 16  ? 5.356   15.101  -4.724  0.50 24.23 ? 24  ASN A ND2 1 
ATOM   130  N  N   . LEU A 1 17  ? 4.258   10.246  -6.288  1.00 19.15 ? 25  LEU A N   1 
ATOM   131  C  CA  . LEU A 1 17  ? 4.528   8.944   -6.957  1.00 19.35 ? 25  LEU A CA  1 
ATOM   132  C  C   . LEU A 1 17  ? 5.347   9.123   -8.238  1.00 20.26 ? 25  LEU A C   1 
ATOM   133  O  O   . LEU A 1 17  ? 5.258   10.185  -8.868  1.00 19.80 ? 25  LEU A O   1 
ATOM   134  C  CB  . LEU A 1 17  ? 3.227   8.222   -7.342  1.00 18.73 ? 25  LEU A CB  1 
ATOM   135  C  CG  . LEU A 1 17  ? 2.279   7.871   -6.197  1.00 17.74 ? 25  LEU A CG  1 
ATOM   136  C  CD1 . LEU A 1 17  ? 0.981   7.450   -6.809  1.00 13.83 ? 25  LEU A CD1 1 
ATOM   137  C  CD2 . LEU A 1 17  ? 2.882   6.762   -5.369  1.00 15.53 ? 25  LEU A CD2 1 
ATOM   138  N  N   . ALA A 1 18  ? 6.085   8.092   -8.663  1.00 20.00 ? 26  ALA A N   1 
ATOM   139  C  CA  . ALA A 1 18  ? 6.848   8.214   -9.910  1.00 21.51 ? 26  ALA A CA  1 
ATOM   140  C  C   . ALA A 1 18  ? 5.943   8.469   -11.129 1.00 22.27 ? 26  ALA A C   1 
ATOM   141  O  O   . ALA A 1 18  ? 4.870   7.875   -11.269 1.00 21.76 ? 26  ALA A O   1 
ATOM   142  C  CB  . ALA A 1 18  ? 7.694   7.010   -10.140 1.00 21.79 ? 26  ALA A CB  1 
ATOM   143  N  N   . LYS A 1 19  ? 6.385   9.352   -12.015 1.00 23.32 ? 27  LYS A N   1 
ATOM   144  C  CA  . LYS A 1 19  ? 5.676   9.538   -13.282 1.00 23.46 ? 27  LYS A CA  1 
ATOM   145  C  C   . LYS A 1 19  ? 6.494   8.830   -14.352 1.00 23.94 ? 27  LYS A C   1 
ATOM   146  O  O   . LYS A 1 19  ? 7.453   9.390   -14.850 1.00 24.17 ? 27  LYS A O   1 
ATOM   147  C  CB  . LYS A 1 19  ? 5.515   11.015  -13.579 1.00 23.95 ? 27  LYS A CB  1 
ATOM   148  C  CG  . LYS A 1 19  ? 4.494   11.287  -14.693 1.00 24.36 ? 27  LYS A CG  1 
ATOM   149  C  CD  . LYS A 1 19  ? 4.530   12.729  -15.133 1.00 26.41 ? 27  LYS A CD  1 
ATOM   150  C  CE  . LYS A 1 19  ? 3.724   12.913  -16.439 1.00 24.30 ? 27  LYS A CE  1 
ATOM   151  N  NZ  . LYS A 1 19  ? 3.562   14.374  -16.726 1.00 26.35 ? 27  LYS A NZ  1 
ATOM   152  N  N   . LYS A 1 20  ? 6.139   7.589   -14.677 1.00 23.33 ? 28  LYS A N   1 
ATOM   153  C  CA  . LYS A 1 20  ? 6.937   6.766   -15.606 1.00 24.98 ? 28  LYS A CA  1 
ATOM   154  C  C   . LYS A 1 20  ? 6.734   7.120   -17.100 1.00 23.97 ? 28  LYS A C   1 
ATOM   155  O  O   . LYS A 1 20  ? 7.663   7.015   -17.891 1.00 24.56 ? 28  LYS A O   1 
ATOM   156  C  CB  . LYS A 1 20  ? 6.725   5.267   -15.355 1.00 23.70 ? 28  LYS A CB  1 
ATOM   157  C  CG  . LYS A 1 20  ? 7.093   4.817   -13.910 1.00 25.34 ? 28  LYS A CG  1 
ATOM   158  C  CD  . LYS A 1 20  ? 7.413   3.311   -13.838 1.00 28.61 ? 28  LYS A CD  1 
ATOM   159  C  CE  . LYS A 1 20  ? 6.271   2.452   -13.285 1.00 30.73 ? 28  LYS A CE  1 
ATOM   160  N  NZ  . LYS A 1 20  ? 6.724   1.028   -13.249 1.00 29.02 ? 28  LYS A NZ  1 
ATOM   161  N  N   . ASP A 1 21  ? 5.537   7.580   -17.450 1.00 24.44 ? 29  ASP A N   1 
ATOM   162  C  CA  . ASP A 1 21  ? 5.199   7.992   -18.813 1.00 24.82 ? 29  ASP A CA  1 
ATOM   163  C  C   . ASP A 1 21  ? 5.184   9.524   -18.930 1.00 24.23 ? 29  ASP A C   1 
ATOM   164  O  O   . ASP A 1 21  ? 4.344   10.187  -18.361 1.00 23.96 ? 29  ASP A O   1 
ATOM   165  C  CB  . ASP A 1 21  ? 3.827   7.446   -19.213 1.00 25.12 ? 29  ASP A CB  1 
ATOM   166  C  CG  . ASP A 1 21  ? 3.655   5.940   -18.895 1.00 29.00 ? 29  ASP A CG  1 
ATOM   167  O  OD1 . ASP A 1 21  ? 2.501   5.553   -18.586 1.00 33.53 ? 29  ASP A OD1 1 
ATOM   168  O  OD2 . ASP A 1 21  ? 4.650   5.162   -18.953 1.00 33.00 ? 29  ASP A OD2 1 
ATOM   169  N  N   . PHE A 1 22  ? 6.087   10.066  -19.727 1.00 23.82 ? 30  PHE A N   1 
ATOM   170  C  CA  . PHE A 1 22  ? 6.208   11.524  -19.820 1.00 23.09 ? 30  PHE A CA  1 
ATOM   171  C  C   . PHE A 1 22  ? 4.940   12.348  -20.054 1.00 22.40 ? 30  PHE A C   1 
ATOM   172  O  O   . PHE A 1 22  ? 4.759   13.392  -19.424 1.00 22.37 ? 30  PHE A O   1 
ATOM   173  C  CB  . PHE A 1 22  ? 7.315   11.927  -20.798 1.00 23.81 ? 30  PHE A CB  1 
ATOM   174  C  CG  . PHE A 1 22  ? 7.620   13.388  -20.748 1.00 23.52 ? 30  PHE A CG  1 
ATOM   175  C  CD1 . PHE A 1 22  ? 7.078   14.254  -21.696 1.00 25.62 ? 30  PHE A CD1 1 
ATOM   176  C  CD2 . PHE A 1 22  ? 8.443   13.893  -19.751 1.00 24.20 ? 30  PHE A CD2 1 
ATOM   177  C  CE1 . PHE A 1 22  ? 7.353   15.628  -21.644 1.00 22.37 ? 30  PHE A CE1 1 
ATOM   178  C  CE2 . PHE A 1 22  ? 8.698   15.260  -19.668 1.00 26.11 ? 30  PHE A CE2 1 
ATOM   179  C  CZ  . PHE A 1 22  ? 8.146   16.122  -20.633 1.00 23.41 ? 30  PHE A CZ  1 
ATOM   180  N  N   . PHE A 1 23  ? 4.067   11.896  -20.943 1.00 22.27 ? 31  PHE A N   1 
ATOM   181  C  CA  . PHE A 1 23  ? 2.874   12.641  -21.309 1.00 23.76 ? 31  PHE A CA  1 
ATOM   182  C  C   . PHE A 1 23  ? 1.603   12.139  -20.649 1.00 24.64 ? 31  PHE A C   1 
ATOM   183  O  O   . PHE A 1 23  ? 0.510   12.594  -20.968 1.00 24.08 ? 31  PHE A O   1 
ATOM   184  C  CB  . PHE A 1 23  ? 2.652   12.577  -22.829 1.00 23.74 ? 31  PHE A CB  1 
ATOM   185  C  CG  . PHE A 1 23  ? 3.812   13.079  -23.632 1.00 23.32 ? 31  PHE A CG  1 
ATOM   186  C  CD1 . PHE A 1 23  ? 4.006   14.462  -23.794 1.00 24.92 ? 31  PHE A CD1 1 
ATOM   187  C  CD2 . PHE A 1 23  ? 4.706   12.177  -24.245 1.00 23.52 ? 31  PHE A CD2 1 
ATOM   188  C  CE1 . PHE A 1 23  ? 5.101   14.943  -24.563 1.00 26.16 ? 31  PHE A CE1 1 
ATOM   189  C  CE2 . PHE A 1 23  ? 5.810   12.654  -25.022 1.00 23.63 ? 31  PHE A CE2 1 
ATOM   190  C  CZ  . PHE A 1 23  ? 5.995   14.013  -25.174 1.00 23.39 ? 31  PHE A CZ  1 
ATOM   191  N  N   . ARG A 1 24  ? 1.725   11.173  -19.751 1.00 26.10 ? 32  ARG A N   1 
ATOM   192  C  CA  . ARG A 1 24  ? 0.536   10.476  -19.286 1.00 27.06 ? 32  ARG A CA  1 
ATOM   193  C  C   . ARG A 1 24  ? 0.636   10.151  -17.803 1.00 26.30 ? 32  ARG A C   1 
ATOM   194  O  O   . ARG A 1 24  ? 1.377   9.245   -17.428 1.00 26.68 ? 32  ARG A O   1 
ATOM   195  C  CB  . ARG A 1 24  ? 0.416   9.176   -20.080 1.00 27.79 ? 32  ARG A CB  1 
ATOM   196  C  CG  . ARG A 1 24  ? -0.972  8.963   -20.721 1.00 34.99 ? 32  ARG A CG  1 
ATOM   197  C  CD  . ARG A 1 24  ? -0.831  8.344   -22.139 1.00 41.48 ? 32  ARG A CD  1 
ATOM   198  N  NE  . ARG A 1 24  ? 0.002   7.130   -22.122 1.00 47.82 ? 32  ARG A NE  1 
ATOM   199  C  CZ  . ARG A 1 24  ? 0.463   6.488   -23.202 1.00 51.94 ? 32  ARG A CZ  1 
ATOM   200  N  NH1 . ARG A 1 24  ? 0.192   6.924   -24.439 1.00 52.27 ? 32  ARG A NH1 1 
ATOM   201  N  NH2 . ARG A 1 24  ? 1.199   5.392   -23.044 1.00 53.10 ? 32  ARG A NH2 1 
ATOM   202  N  N   . LEU A 1 25  ? -0.061  10.926  -16.982 1.00 24.96 ? 33  LEU A N   1 
ATOM   203  C  CA  . LEU A 1 25  ? -0.158  10.687  -15.534 1.00 23.87 ? 33  LEU A CA  1 
ATOM   204  C  C   . LEU A 1 25  ? -0.737  9.314   -15.192 1.00 21.52 ? 33  LEU A C   1 
ATOM   205  O  O   . LEU A 1 25  ? -1.596  8.812   -15.913 1.00 20.54 ? 33  LEU A O   1 
ATOM   206  C  CB  . LEU A 1 25  ? -1.047  11.765  -14.923 1.00 24.24 ? 33  LEU A CB  1 
ATOM   207  C  CG  . LEU A 1 25  ? -0.483  13.010  -14.223 1.00 25.96 ? 33  LEU A CG  1 
ATOM   208  C  CD1 . LEU A 1 25  ? 0.989   13.161  -14.178 1.00 27.66 ? 33  LEU A CD1 1 
ATOM   209  C  CD2 . LEU A 1 25  ? -1.224  14.276  -14.682 1.00 27.71 ? 33  LEU A CD2 1 
ATOM   210  N  N   . PRO A 1 26  ? -0.266  8.687   -14.087 1.00 21.08 ? 34  PRO A N   1 
ATOM   211  C  CA  . PRO A 1 26  ? -0.892  7.369   -13.776 1.00 19.60 ? 34  PRO A CA  1 
ATOM   212  C  C   . PRO A 1 26  ? -2.309  7.550   -13.204 1.00 18.83 ? 34  PRO A C   1 
ATOM   213  O  O   . PRO A 1 26  ? -2.691  8.678   -12.815 1.00 18.91 ? 34  PRO A O   1 
ATOM   214  C  CB  . PRO A 1 26  ? 0.093   6.772   -12.739 1.00 19.86 ? 34  PRO A CB  1 
ATOM   215  C  CG  . PRO A 1 26  ? 0.551   7.944   -11.968 1.00 19.55 ? 34  PRO A CG  1 
ATOM   216  C  CD  . PRO A 1 26  ? 0.761   9.042   -13.090 1.00 20.13 ? 34  PRO A CD  1 
ATOM   217  N  N   . ASP A 1 27  ? -3.061  6.453   -13.124 1.00 18.32 ? 35  ASP A N   1 
ATOM   218  C  CA  . ASP A 1 27  ? -4.343  6.395   -12.398 1.00 17.93 ? 35  ASP A CA  1 
ATOM   219  C  C   . ASP A 1 27  ? -4.106  5.429   -11.236 1.00 17.52 ? 35  ASP A C   1 
ATOM   220  O  O   . ASP A 1 27  ? -4.306  4.223   -11.389 1.00 17.21 ? 35  ASP A O   1 
ATOM   221  C  CB  . ASP A 1 27  ? -5.429  5.781   -13.275 1.00 19.13 ? 35  ASP A CB  1 
ATOM   222  C  CG  . ASP A 1 27  ? -5.892  6.721   -14.411 1.00 22.95 ? 35  ASP A CG  1 
ATOM   223  O  OD1 . ASP A 1 27  ? -5.521  7.919   -14.427 1.00 19.72 ? 35  ASP A OD1 1 
ATOM   224  O  OD2 . ASP A 1 27  ? -6.635  6.209   -15.282 1.00 27.41 ? 35  ASP A OD2 1 
ATOM   225  N  N   . PRO A 1 28  ? -3.584  5.947   -10.117 1.00 15.84 ? 36  PRO A N   1 
ATOM   226  C  CA  . PRO A 1 28  ? -3.154  5.070   -9.055  1.00 15.31 ? 36  PRO A CA  1 
ATOM   227  C  C   . PRO A 1 28  ? -4.250  4.444   -8.203  1.00 13.68 ? 36  PRO A C   1 
ATOM   228  O  O   . PRO A 1 28  ? -5.260  5.087   -7.896  1.00 15.33 ? 36  PRO A O   1 
ATOM   229  C  CB  . PRO A 1 28  ? -2.213  5.949   -8.210  1.00 15.16 ? 36  PRO A CB  1 
ATOM   230  C  CG  . PRO A 1 28  ? -2.058  7.244   -8.962  1.00 17.16 ? 36  PRO A CG  1 
ATOM   231  C  CD  . PRO A 1 28  ? -3.268  7.358   -9.825  1.00 16.78 ? 36  PRO A CD  1 
ATOM   232  N  N   . PHE A 1 29  ? -3.998  3.199   -7.789  1.00 13.67 ? 37  PHE A N   1 
ATOM   233  C  CA  . PHE A 1 29  ? -4.763  2.523   -6.734  1.00 12.87 ? 37  PHE A CA  1 
ATOM   234  C  C   . PHE A 1 29  ? -3.801  1.683   -5.903  1.00 13.70 ? 37  PHE A C   1 
ATOM   235  O  O   . PHE A 1 29  ? -2.674  1.382   -6.345  1.00 14.30 ? 37  PHE A O   1 
ATOM   236  C  CB  . PHE A 1 29  ? -5.916  1.666   -7.295  1.00 13.41 ? 37  PHE A CB  1 
ATOM   237  C  CG  . PHE A 1 29  ? -5.469  0.370   -7.930  1.00 15.42 ? 37  PHE A CG  1 
ATOM   238  C  CD1 . PHE A 1 29  ? -5.457  -0.811  -7.187  1.00 14.23 ? 37  PHE A CD1 1 
ATOM   239  C  CD2 . PHE A 1 29  ? -5.062  0.332   -9.266  1.00 15.91 ? 37  PHE A CD2 1 
ATOM   240  C  CE1 . PHE A 1 29  ? -5.057  -2.015  -7.757  1.00 18.20 ? 37  PHE A CE1 1 
ATOM   241  C  CE2 . PHE A 1 29  ? -4.643  -0.856  -9.854  1.00 15.99 ? 37  PHE A CE2 1 
ATOM   242  C  CZ  . PHE A 1 29  ? -4.642  -2.053  -9.105  1.00 18.08 ? 37  PHE A CZ  1 
ATOM   243  N  N   . ALA A 1 30  ? -4.203  1.383   -4.672  1.00 13.95 ? 38  ALA A N   1 
ATOM   244  C  CA  . ALA A 1 30  ? -3.375  0.566   -3.795  1.00 13.37 ? 38  ALA A CA  1 
ATOM   245  C  C   . ALA A 1 30  ? -4.034  -0.794  -3.583  1.00 14.18 ? 38  ALA A C   1 
ATOM   246  O  O   . ALA A 1 30  ? -5.260  -0.918  -3.531  1.00 13.92 ? 38  ALA A O   1 
ATOM   247  C  CB  . ALA A 1 30  ? -3.144  1.265   -2.462  1.00 14.81 ? 38  ALA A CB  1 
ATOM   248  N  N   . LYS A 1 31  ? -3.192  -1.805  -3.452  1.00 13.98 ? 39  LYS A N   1 
ATOM   249  C  CA  . LYS A 1 31  ? -3.622  -3.130  -3.187  1.00 14.95 ? 39  LYS A CA  1 
ATOM   250  C  C   . LYS A 1 31  ? -3.038  -3.529  -1.830  1.00 14.65 ? 39  LYS A C   1 
ATOM   251  O  O   . LYS A 1 31  ? -1.890  -3.206  -1.549  1.00 14.87 ? 39  LYS A O   1 
ATOM   252  C  CB  . LYS A 1 31  ? -3.099  -4.010  -4.271  1.00 15.64 ? 39  LYS A CB  1 
ATOM   253  C  CG  . LYS A 1 31  ? -3.696  -5.365  -4.319  1.00 24.31 ? 39  LYS A CG  1 
ATOM   254  C  CD  . LYS A 1 31  ? -3.384  -6.046  -5.692  1.00 30.73 ? 39  LYS A CD  1 
ATOM   255  C  CE  . LYS A 1 31  ? -2.403  -7.210  -5.503  1.00 35.91 ? 39  LYS A CE  1 
ATOM   256  N  NZ  . LYS A 1 31  ? -3.069  -8.265  -4.657  1.00 39.92 ? 39  LYS A NZ  1 
ATOM   257  N  N   . ILE A 1 32  ? -3.852  -4.191  -1.004  1.00 13.84 ? 40  ILE A N   1 
ATOM   258  C  CA  . ILE A 1 32  ? -3.471  -4.531  0.399   1.00 14.45 ? 40  ILE A CA  1 
ATOM   259  C  C   . ILE A 1 32  ? -3.647  -6.032  0.573   1.00 15.36 ? 40  ILE A C   1 
ATOM   260  O  O   . ILE A 1 32  ? -4.704  -6.586  0.176   1.00 14.81 ? 40  ILE A O   1 
ATOM   261  C  CB  . ILE A 1 32  ? -4.415  -3.853  1.403   1.00 15.30 ? 40  ILE A CB  1 
ATOM   262  C  CG1 . ILE A 1 32  ? -4.369  -2.315  1.275   1.00 15.46 ? 40  ILE A CG1 1 
ATOM   263  C  CG2 . ILE A 1 32  ? -4.067  -4.278  2.878   1.00 15.65 ? 40  ILE A CG2 1 
ATOM   264  C  CD1 . ILE A 1 32  ? -5.617  -1.739  0.699   1.00 20.05 ? 40  ILE A CD1 1 
ATOM   265  N  N   . VAL A 1 33  ? -2.610  -6.678  1.118   1.00 14.46 ? 41  VAL A N   1 
ATOM   266  C  CA  . VAL A 1 33  ? -2.596  -8.123  1.331   1.00 15.08 ? 41  VAL A CA  1 
ATOM   267  C  C   . VAL A 1 33  ? -2.118  -8.417  2.720   1.00 15.56 ? 41  VAL A C   1 
ATOM   268  O  O   . VAL A 1 33  ? -1.060  -7.904  3.128   1.00 15.58 ? 41  VAL A O   1 
ATOM   269  C  CB  . VAL A 1 33  ? -1.675  -8.806  0.294   1.00 16.04 ? 41  VAL A CB  1 
ATOM   270  C  CG1 . VAL A 1 33  ? -1.652  -10.365 0.486   1.00 18.06 ? 41  VAL A CG1 1 
ATOM   271  C  CG2 . VAL A 1 33  ? -2.176  -8.410  -1.139  1.00 15.93 ? 41  VAL A CG2 1 
ATOM   272  N  N   . VAL A 1 34  ? -2.901  -9.237  3.435   1.00 16.03 ? 42  VAL A N   1 
ATOM   273  C  CA  . VAL A 1 34  ? -2.421  -9.847  4.673   1.00 16.08 ? 42  VAL A CA  1 
ATOM   274  C  C   . VAL A 1 34  ? -1.765  -11.197 4.287   1.00 17.39 ? 42  VAL A C   1 
ATOM   275  O  O   . VAL A 1 34  ? -2.429  -12.151 3.889   1.00 15.35 ? 42  VAL A O   1 
ATOM   276  C  CB  . VAL A 1 34  ? -3.556  -10.065 5.727   1.00 15.86 ? 42  VAL A CB  1 
ATOM   277  C  CG1 . VAL A 1 34  ? -2.949  -10.669 7.026   1.00 16.79 ? 42  VAL A CG1 1 
ATOM   278  C  CG2 . VAL A 1 34  ? -4.234  -8.757  6.061   1.00 14.98 ? 42  VAL A CG2 1 
ATOM   279  N  N   . ASP A 1 35  ? -0.461  -11.272 4.421   1.00 19.53 ? 43  ASP A N   1 
ATOM   280  C  CA  . ASP A 1 35  ? 0.235   -12.436 3.891   1.00 23.33 ? 43  ASP A CA  1 
ATOM   281  C  C   . ASP A 1 35  ? -0.153  -13.869 4.418   1.00 24.18 ? 43  ASP A C   1 
ATOM   282  O  O   . ASP A 1 35  ? -0.306  -14.812 3.613   1.00 27.50 ? 43  ASP A O   1 
ATOM   283  C  CB  . ASP A 1 35  ? 1.727   -12.089 3.800   1.00 23.35 ? 43  ASP A CB  1 
ATOM   284  C  CG  . ASP A 1 35  ? 1.943   -10.771 2.936   1.00 30.26 ? 43  ASP A CG  1 
ATOM   285  O  OD1 . ASP A 1 35  ? 2.155   -9.621  3.467   1.00 27.83 ? 43  ASP A OD1 1 
ATOM   286  O  OD2 . ASP A 1 35  ? 1.792   -10.889 1.672   1.00 36.37 ? 43  ASP A OD2 1 
ATOM   287  N  N   . GLY A 1 36  ? -0.387  -14.039 5.700   1.00 24.41 ? 44  GLY A N   1 
ATOM   288  C  CA  . GLY A 1 36  ? -0.731  -15.382 6.214   1.00 22.60 ? 44  GLY A CA  1 
ATOM   289  C  C   . GLY A 1 36  ? -2.130  -15.880 5.889   1.00 22.29 ? 44  GLY A C   1 
ATOM   290  O  O   . GLY A 1 36  ? -2.348  -17.081 5.730   1.00 23.56 ? 44  GLY A O   1 
ATOM   291  N  N   . SER A 1 37  ? -3.102  -14.991 5.800   1.00 20.11 ? 45  SER A N   1 
ATOM   292  C  CA  . SER A 1 37  ? -4.468  -15.414 5.543   1.00 19.70 ? 45  SER A CA  1 
ATOM   293  C  C   . SER A 1 37  ? -4.782  -15.286 4.012   1.00 19.24 ? 45  SER A C   1 
ATOM   294  O  O   . SER A 1 37  ? -5.687  -15.930 3.486   1.00 20.50 ? 45  SER A O   1 
ATOM   295  C  CB  . SER A 1 37  ? -5.401  -14.508 6.325   1.00 20.56 ? 45  SER A CB  1 
ATOM   296  O  OG  . SER A 1 37  ? -5.319  -13.205 5.774   1.00 16.63 ? 45  SER A OG  1 
ATOM   297  N  N   . GLY A 1 38  ? -4.012  -14.443 3.320   1.00 18.47 ? 46  GLY A N   1 
ATOM   298  C  CA  . GLY A 1 38  ? -4.281  -14.087 1.919   1.00 16.99 ? 46  GLY A CA  1 
ATOM   299  C  C   . GLY A 1 38  ? -5.351  -13.036 1.746   1.00 17.12 ? 46  GLY A C   1 
ATOM   300  O  O   . GLY A 1 38  ? -5.779  -12.788 0.592   1.00 16.90 ? 46  GLY A O   1 
ATOM   301  N  N   . GLN A 1 39  ? -5.795  -12.395 2.846   1.00 15.27 ? 47  GLN A N   1 
ATOM   302  C  CA  . GLN A 1 39  ? -6.850  -11.345 2.744   1.00 15.67 ? 47  GLN A CA  1 
ATOM   303  C  C   . GLN A 1 39  ? -6.397  -10.229 1.767   1.00 16.92 ? 47  GLN A C   1 
ATOM   304  O  O   . GLN A 1 39  ? -5.300  -9.708  1.903   1.00 16.96 ? 47  GLN A O   1 
ATOM   305  C  CB  . GLN A 1 39  ? -7.204  -10.744 4.130   1.00 15.74 ? 47  GLN A CB  1 
ATOM   306  C  CG  . GLN A 1 39  ? -8.312  -9.699  4.111   1.00 15.36 ? 47  GLN A CG  1 
ATOM   307  C  CD  . GLN A 1 39  ? -8.706  -9.205  5.503   1.00 15.15 ? 47  GLN A CD  1 
ATOM   308  O  OE1 . GLN A 1 39  ? -9.607  -8.376  5.649   1.00 16.64 ? 47  GLN A OE1 1 
ATOM   309  N  NE2 . GLN A 1 39  ? -8.044  -9.698  6.501   1.00 9.75  ? 47  GLN A NE2 1 
ATOM   310  N  N   . CYS A 1 40  ? -7.232  -9.876  0.791   1.00 19.09 ? 48  CYS A N   1 
ATOM   311  C  CA  . CYS A 1 40  ? -6.818  -8.964  -0.264  1.00 19.09 ? 48  CYS A CA  1 
ATOM   312  C  C   . CYS A 1 40  ? -7.867  -7.867  -0.397  1.00 18.36 ? 48  CYS A C   1 
ATOM   313  O  O   . CYS A 1 40  ? -9.058  -8.162  -0.427  1.00 15.14 ? 48  CYS A O   1 
ATOM   314  C  CB  . CYS A 1 40  ? -6.681  -9.713  -1.605  1.00 20.01 ? 48  CYS A CB  1 
ATOM   315  S  SG  . CYS A 1 40  ? -5.925  -8.682  -2.885  1.00 30.35 ? 48  CYS A SG  1 
ATOM   316  N  N   . HIS A 1 41  ? -7.415  -6.606  -0.483  1.00 17.45 ? 49  HIS A N   1 
ATOM   317  C  CA  . HIS A 1 41  ? -8.324  -5.483  -0.791  1.00 17.64 ? 49  HIS A CA  1 
ATOM   318  C  C   . HIS A 1 41  ? -7.642  -4.554  -1.775  1.00 16.43 ? 49  HIS A C   1 
ATOM   319  O  O   . HIS A 1 41  ? -6.425  -4.533  -1.867  1.00 16.11 ? 49  HIS A O   1 
ATOM   320  C  CB  . HIS A 1 41  ? -8.675  -4.666  0.452   1.00 17.05 ? 49  HIS A CB  1 
ATOM   321  C  CG  . HIS A 1 41  ? -9.443  -5.425  1.474   1.00 18.59 ? 49  HIS A CG  1 
ATOM   322  N  ND1 . HIS A 1 41  ? -10.807 -5.594  1.395   1.00 18.07 ? 49  HIS A ND1 1 
ATOM   323  C  CD2 . HIS A 1 41  ? -9.038  -6.080  2.584   1.00 17.69 ? 49  HIS A CD2 1 
ATOM   324  C  CE1 . HIS A 1 41  ? -11.218 -6.303  2.435   1.00 21.77 ? 49  HIS A CE1 1 
ATOM   325  N  NE2 . HIS A 1 41  ? -10.159 -6.615  3.167   1.00 22.10 ? 49  HIS A NE2 1 
ATOM   326  N  N   . SER A 1 42  ? -8.456  -3.791  -2.481  1.00 15.59 ? 50  SER A N   1 
ATOM   327  C  CA  . SER A 1 42  ? -7.986  -2.707  -3.340  1.00 17.48 ? 50  SER A CA  1 
ATOM   328  C  C   . SER A 1 42  ? -8.719  -1.409  -3.050  1.00 16.67 ? 50  SER A C   1 
ATOM   329  O  O   . SER A 1 42  ? -9.903  -1.417  -2.698  1.00 16.06 ? 50  SER A O   1 
ATOM   330  C  CB  . SER A 1 42  ? -8.162  -3.115  -4.834  1.00 16.85 ? 50  SER A CB  1 
ATOM   331  O  OG  . SER A 1 42  ? -7.156  -4.076  -5.124  1.00 23.07 ? 50  SER A OG  1 
ATOM   332  N  N   . THR A 1 43  ? -8.012  -0.278  -3.174  1.00 16.27 ? 51  THR A N   1 
ATOM   333  C  CA  . THR A 1 43  ? -8.696  1.017   -3.129  1.00 16.34 ? 51  THR A CA  1 
ATOM   334  C  C   . THR A 1 43  ? -9.300  1.344   -4.471  1.00 16.35 ? 51  THR A C   1 
ATOM   335  O  O   . THR A 1 43  ? -9.074  0.621   -5.472  1.00 15.21 ? 51  THR A O   1 
ATOM   336  C  CB  . THR A 1 43  ? -7.756  2.196   -2.795  1.00 16.81 ? 51  THR A CB  1 
ATOM   337  O  OG1 . THR A 1 43  ? -6.886  2.392   -3.924  1.00 17.55 ? 51  THR A OG1 1 
ATOM   338  C  CG2 . THR A 1 43  ? -6.941  1.940   -1.513  1.00 16.96 ? 51  THR A CG2 1 
ATOM   339  N  N   . ASP A 1 44  ? -10.068 2.441   -4.491  1.00 17.28 ? 52  ASP A N   1 
ATOM   340  C  CA  . ASP A 1 44  ? -10.542 3.016   -5.736  1.00 19.36 ? 52  ASP A CA  1 
ATOM   341  C  C   . ASP A 1 44  ? -9.335  3.501   -6.555  1.00 17.83 ? 52  ASP A C   1 
ATOM   342  O  O   . ASP A 1 44  ? -8.263  3.714   -6.019  1.00 16.08 ? 52  ASP A O   1 
ATOM   343  C  CB  . ASP A 1 44  ? -11.618 4.117   -5.484  1.00 20.85 ? 52  ASP A CB  1 
ATOM   344  C  CG  . ASP A 1 44  ? -11.068 5.431   -4.841  1.00 28.83 ? 52  ASP A CG  1 
ATOM   345  O  OD1 . ASP A 1 44  ? -10.758 5.495   -3.617  1.00 36.68 ? 52  ASP A OD1 1 
ATOM   346  O  OD2 . ASP A 1 44  ? -10.997 6.464   -5.564  1.00 39.11 ? 52  ASP A OD2 1 
ATOM   347  N  N   . THR A 1 45  ? -9.525  3.654   -7.859  1.00 18.38 ? 53  THR A N   1 
ATOM   348  C  CA  . THR A 1 45  ? -8.552  4.306   -8.689  1.00 19.88 ? 53  THR A CA  1 
ATOM   349  C  C   . THR A 1 45  ? -8.811  5.816   -8.669  1.00 20.60 ? 53  THR A C   1 
ATOM   350  O  O   . THR A 1 45  ? -9.960  6.242   -8.744  1.00 20.50 ? 53  THR A O   1 
ATOM   351  C  CB  . THR A 1 45  ? -8.674  3.761   -10.116 1.00 22.11 ? 53  THR A CB  1 
ATOM   352  O  OG1 . THR A 1 45  ? -8.397  2.347   -10.095 1.00 23.07 ? 53  THR A OG1 1 
ATOM   353  C  CG2 . THR A 1 45  ? -7.689  4.449   -11.023 1.00 21.48 ? 53  THR A CG2 1 
ATOM   354  N  N   . VAL A 1 46  ? -7.758  6.609   -8.572  1.00 20.47 ? 54  VAL A N   1 
ATOM   355  C  CA  . VAL A 1 46  ? -7.866  8.046   -8.724  1.00 21.96 ? 54  VAL A CA  1 
ATOM   356  C  C   . VAL A 1 46  ? -7.251  8.413   -10.073 1.00 22.68 ? 54  VAL A C   1 
ATOM   357  O  O   . VAL A 1 46  ? -6.135  8.049   -10.371 1.00 21.46 ? 54  VAL A O   1 
ATOM   358  C  CB  . VAL A 1 46  ? -7.179  8.802   -7.548  1.00 21.99 ? 54  VAL A CB  1 
ATOM   359  C  CG1 . VAL A 1 46  ? -7.221  10.310  -7.766  1.00 25.93 ? 54  VAL A CG1 1 
ATOM   360  C  CG2 . VAL A 1 46  ? -7.873  8.472   -6.234  1.00 21.66 ? 54  VAL A CG2 1 
ATOM   361  N  N   . LYS A 1 47  ? -8.002  9.145   -10.888 1.00 24.44 ? 55  LYS A N   1 
ATOM   362  C  CA  . LYS A 1 47  ? -7.560  9.480   -12.241 1.00 25.29 ? 55  LYS A CA  1 
ATOM   363  C  C   . LYS A 1 47  ? -6.456  10.523  -12.284 1.00 25.21 ? 55  LYS A C   1 
ATOM   364  O  O   . LYS A 1 47  ? -6.488  11.519  -11.563 1.00 24.38 ? 55  LYS A O   1 
ATOM   365  C  CB  . LYS A 1 47  ? -8.763  9.885   -13.090 1.00 26.62 ? 55  LYS A CB  1 
ATOM   366  C  CG  . LYS A 1 47  ? -9.145  8.776   -14.009 1.00 31.21 ? 55  LYS A CG  1 
ATOM   367  C  CD  . LYS A 1 47  ? -10.562 8.347   -13.883 1.00 39.25 ? 55  LYS A CD  1 
ATOM   368  C  CE  . LYS A 1 47  ? -10.778 7.179   -14.815 1.00 42.11 ? 55  LYS A CE  1 
ATOM   369  N  NZ  . LYS A 1 47  ? -11.708 6.161   -14.239 1.00 47.81 ? 55  LYS A NZ  1 
ATOM   370  N  N   . ASN A 1 48  ? -5.451  10.261  -13.119 1.00 25.75 ? 56  ASN A N   1 
ATOM   371  C  CA  . ASN A 1 48  ? -4.498  11.293  -13.552 1.00 25.89 ? 56  ASN A CA  1 
ATOM   372  C  C   . ASN A 1 48  ? -3.881  12.113  -12.426 1.00 25.49 ? 56  ASN A C   1 
ATOM   373  O  O   . ASN A 1 48  ? -4.061  13.329  -12.346 1.00 24.17 ? 56  ASN A O   1 
ATOM   374  C  CB  . ASN A 1 48  ? -5.172  12.203  -14.593 1.00 27.15 ? 56  ASN A CB  1 
ATOM   375  C  CG  . ASN A 1 48  ? -5.538  11.450  -15.872 1.00 29.12 ? 56  ASN A CG  1 
ATOM   376  O  OD1 . ASN A 1 48  ? -4.702  10.766  -16.465 1.00 30.63 ? 56  ASN A OD1 1 
ATOM   377  N  ND2 . ASN A 1 48  ? -6.801  11.570  -16.297 1.00 34.19 ? 56  ASN A ND2 1 
ATOM   378  N  N   . THR A 1 49  ? -3.133  11.439  -11.556 1.00 23.49 ? 57  THR A N   1 
ATOM   379  C  CA  . THR A 1 49  ? -2.512  12.113  -10.432 1.00 23.06 ? 57  THR A CA  1 
ATOM   380  C  C   . THR A 1 49  ? -1.293  11.376  -9.910  1.00 21.65 ? 57  THR A C   1 
ATOM   381  O  O   . THR A 1 49  ? -1.200  10.129  -9.985  1.00 21.00 ? 57  THR A O   1 
ATOM   382  C  CB  . THR A 1 49  ? -3.521  12.383  -9.278  1.00 22.88 ? 57  THR A CB  1 
ATOM   383  O  OG1 . THR A 1 49  ? -2.834  13.093  -8.244  1.00 25.63 ? 57  THR A OG1 1 
ATOM   384  C  CG2 . THR A 1 49  ? -4.061  11.049  -8.709  1.00 24.72 ? 57  THR A CG2 1 
ATOM   385  N  N   . LEU A 1 50  ? -0.331  12.145  -9.417  1.00 19.84 ? 58  LEU A N   1 
ATOM   386  C  CA  . LEU A 1 50  ? 0.797   11.575  -8.700  1.00 19.00 ? 58  LEU A CA  1 
ATOM   387  C  C   . LEU A 1 50  ? 0.531   11.646  -7.184  1.00 19.08 ? 58  LEU A C   1 
ATOM   388  O  O   . LEU A 1 50  ? 1.361   11.216  -6.397  1.00 18.18 ? 58  LEU A O   1 
ATOM   389  C  CB  . LEU A 1 50  ? 2.076   12.332  -8.998  1.00 18.90 ? 58  LEU A CB  1 
ATOM   390  C  CG  . LEU A 1 50  ? 2.417   12.401  -10.505 1.00 20.85 ? 58  LEU A CG  1 
ATOM   391  C  CD1 . LEU A 1 50  ? 3.756   13.104  -10.659 1.00 23.62 ? 58  LEU A CD1 1 
ATOM   392  C  CD2 . LEU A 1 50  ? 2.529   11.021  -11.076 1.00 19.79 ? 58  LEU A CD2 1 
ATOM   393  N  N   . ASP A 1 51  ? -0.612  12.227  -6.795  1.00 17.97 ? 59  ASP A N   1 
ATOM   394  C  CA  . ASP A 1 51  ? -0.903  12.449  -5.363  1.00 18.11 ? 59  ASP A CA  1 
ATOM   395  C  C   . ASP A 1 51  ? -2.335  12.017  -5.084  1.00 17.90 ? 59  ASP A C   1 
ATOM   396  O  O   . ASP A 1 51  ? -3.181  12.843  -4.779  1.00 18.31 ? 59  ASP A O   1 
ATOM   397  C  CB  . ASP A 1 51  ? -0.720  13.927  -5.012  1.00 19.09 ? 59  ASP A CB  1 
ATOM   398  C  CG  . ASP A 1 51  ? 0.676   14.413  -5.287  1.00 22.14 ? 59  ASP A CG  1 
ATOM   399  O  OD1 . ASP A 1 51  ? 0.869   15.028  -6.340  1.00 32.15 ? 59  ASP A OD1 1 
ATOM   400  O  OD2 . ASP A 1 51  ? 1.606   14.193  -4.477  1.00 25.48 ? 59  ASP A OD2 1 
ATOM   401  N  N   . PRO A 1 52  ? -2.632  10.697  -5.237  1.00 17.14 ? 60  PRO A N   1 
ATOM   402  C  CA  . PRO A 1 52  ? -3.981  10.218  -5.108  1.00 16.72 ? 60  PRO A CA  1 
ATOM   403  C  C   . PRO A 1 52  ? -4.441  10.281  -3.666  1.00 18.29 ? 60  PRO A C   1 
ATOM   404  O  O   . PRO A 1 52  ? -3.673  9.950   -2.749  1.00 18.90 ? 60  PRO A O   1 
ATOM   405  C  CB  . PRO A 1 52  ? -3.884  8.766   -5.569  1.00 17.40 ? 60  PRO A CB  1 
ATOM   406  C  CG  . PRO A 1 52  ? -2.469  8.367   -5.257  1.00 15.10 ? 60  PRO A CG  1 
ATOM   407  C  CD  . PRO A 1 52  ? -1.676  9.626   -5.533  1.00 16.79 ? 60  PRO A CD  1 
ATOM   408  N  N   . LYS A 1 53  ? -5.682  10.690  -3.475  1.00 18.86 ? 61  LYS A N   1 
ATOM   409  C  CA  . LYS A 1 53  ? -6.269  10.711  -2.140  1.00 20.69 ? 61  LYS A CA  1 
ATOM   410  C  C   . LYS A 1 53  ? -7.358  9.644   -2.142  1.00 19.92 ? 61  LYS A C   1 
ATOM   411  O  O   . LYS A 1 53  ? -8.360  9.749   -2.860  1.00 21.76 ? 61  LYS A O   1 
ATOM   412  C  CB  . LYS A 1 53  ? -6.812  12.133  -1.823  1.00 22.37 ? 61  LYS A CB  1 
ATOM   413  C  CG  . LYS A 1 53  ? -5.775  13.272  -2.135  1.00 25.80 ? 61  LYS A CG  1 
ATOM   414  C  CD  . LYS A 1 53  ? -4.463  13.112  -1.326  1.00 30.89 ? 61  LYS A CD  1 
ATOM   415  C  CE  . LYS A 1 53  ? -3.239  13.914  -1.844  1.00 29.29 ? 61  LYS A CE  1 
ATOM   416  N  NZ  . LYS A 1 53  ? -1.942  13.103  -1.578  1.00 27.26 ? 61  LYS A NZ  1 
ATOM   417  N  N   . TRP A 1 54  ? -7.150  8.562   -1.407  1.00 18.19 ? 62  TRP A N   1 
ATOM   418  C  CA  . TRP A 1 54  ? -8.132  7.480   -1.416  1.00 16.94 ? 62  TRP A CA  1 
ATOM   419  C  C   . TRP A 1 54  ? -9.069  7.549   -0.222  1.00 17.21 ? 62  TRP A C   1 
ATOM   420  O  O   . TRP A 1 54  ? -10.267 7.403   -0.369  1.00 16.67 ? 62  TRP A O   1 
ATOM   421  C  CB  . TRP A 1 54  ? -7.424  6.118   -1.428  1.00 16.20 ? 62  TRP A CB  1 
ATOM   422  C  CG  . TRP A 1 54  ? -6.596  5.859   -2.655  1.00 13.60 ? 62  TRP A CG  1 
ATOM   423  C  CD1 . TRP A 1 54  ? -7.051  5.677   -3.945  1.00 12.60 ? 62  TRP A CD1 1 
ATOM   424  C  CD2 . TRP A 1 54  ? -5.174  5.723   -2.707  1.00 13.94 ? 62  TRP A CD2 1 
ATOM   425  N  NE1 . TRP A 1 54  ? -6.005  5.462   -4.782  1.00 14.25 ? 62  TRP A NE1 1 
ATOM   426  C  CE2 . TRP A 1 54  ? -4.831  5.505   -4.073  1.00 12.82 ? 62  TRP A CE2 1 
ATOM   427  C  CE3 . TRP A 1 54  ? -4.148  5.803   -1.744  1.00 15.13 ? 62  TRP A CE3 1 
ATOM   428  C  CZ2 . TRP A 1 54  ? -3.541  5.267   -4.480  1.00 12.02 ? 62  TRP A CZ2 1 
ATOM   429  C  CZ3 . TRP A 1 54  ? -2.870  5.590   -2.153  1.00 15.07 ? 62  TRP A CZ3 1 
ATOM   430  C  CH2 . TRP A 1 54  ? -2.561  5.355   -3.537  1.00 14.80 ? 62  TRP A CH2 1 
ATOM   431  N  N   . ASN A 1 55  ? -8.505  7.804   0.947   1.00 19.22 ? 63  ASN A N   1 
ATOM   432  C  CA  . ASN A 1 55  ? -9.255  7.816   2.230   1.00 21.13 ? 63  ASN A CA  1 
ATOM   433  C  C   . ASN A 1 55  ? -10.220 6.629   2.365   1.00 21.37 ? 63  ASN A C   1 
ATOM   434  O  O   . ASN A 1 55  ? -11.419 6.805   2.515   1.00 22.07 ? 63  ASN A O   1 
ATOM   435  C  CB  . ASN A 1 55  ? -9.977  9.150   2.453   1.00 22.63 ? 63  ASN A CB  1 
ATOM   436  C  CG  . ASN A 1 55  ? -10.528 9.301   3.904   1.00 27.30 ? 63  ASN A CG  1 
ATOM   437  O  OD1 . ASN A 1 55  ? -9.889  8.907   4.898   1.00 27.99 ? 63  ASN A OD1 1 
ATOM   438  N  ND2 . ASN A 1 55  ? -11.717 9.872   4.009   1.00 30.27 ? 63  ASN A ND2 1 
ATOM   439  N  N   . GLN A 1 56  ? -9.682  5.419   2.301   1.00 19.99 ? 64  GLN A N   1 
ATOM   440  C  CA  . GLN A 1 56  ? -10.479 4.229   2.433   1.00 20.87 ? 64  GLN A CA  1 
ATOM   441  C  C   . GLN A 1 56  ? -9.910  3.400   3.566   1.00 19.34 ? 64  GLN A C   1 
ATOM   442  O  O   . GLN A 1 56  ? -8.719  3.396   3.782   1.00 19.19 ? 64  GLN A O   1 
ATOM   443  C  CB  . GLN A 1 56  ? -10.489 3.429   1.117   1.00 22.14 ? 64  GLN A CB  1 
ATOM   444  C  CG  . GLN A 1 56  ? -11.524 4.043   0.164   1.00 26.25 ? 64  GLN A CG  1 
ATOM   445  C  CD  . GLN A 1 56  ? -11.433 3.524   -1.233  1.00 30.02 ? 64  GLN A CD  1 
ATOM   446  O  OE1 . GLN A 1 56  ? -10.396 3.627   -1.894  1.00 32.76 ? 64  GLN A OE1 1 
ATOM   447  N  NE2 . GLN A 1 56  ? -12.528 2.976   -1.713  1.00 32.48 ? 64  GLN A NE2 1 
ATOM   448  N  N   . HIS A 1 57  ? -10.770 2.716   4.300   1.00 18.63 ? 65  HIS A N   1 
ATOM   449  C  CA  . HIS A 1 57  ? -10.288 1.866   5.400   1.00 20.32 ? 65  HIS A CA  1 
ATOM   450  C  C   . HIS A 1 57  ? -10.757 0.447   5.237   1.00 18.29 ? 65  HIS A C   1 
ATOM   451  O  O   . HIS A 1 57  ? -11.762 0.203   4.590   1.00 18.54 ? 65  HIS A O   1 
ATOM   452  C  CB  . HIS A 1 57  ? -10.705 2.383   6.793   1.00 21.62 ? 65  HIS A CB  1 
ATOM   453  C  CG  . HIS A 1 57  ? -12.180 2.468   6.968   1.00 26.38 ? 65  HIS A CG  1 
ATOM   454  N  ND1 . HIS A 1 57  ? -12.858 3.669   6.973   1.00 33.24 ? 65  HIS A ND1 1 
ATOM   455  C  CD2 . HIS A 1 57  ? -13.123 1.504   7.091   1.00 33.65 ? 65  HIS A CD2 1 
ATOM   456  C  CE1 . HIS A 1 57  ? -14.150 3.440   7.122   1.00 34.13 ? 65  HIS A CE1 1 
ATOM   457  N  NE2 . HIS A 1 57  ? -14.340 2.133   7.171   1.00 35.80 ? 65  HIS A NE2 1 
ATOM   458  N  N   . TYR A 1 58  ? -10.051 -0.468  5.879   1.00 17.72 ? 66  TYR A N   1 
ATOM   459  C  CA  . TYR A 1 58  ? -10.303 -1.910  5.699   1.00 18.13 ? 66  TYR A CA  1 
ATOM   460  C  C   . TYR A 1 58  ? -10.088 -2.598  7.029   1.00 17.60 ? 66  TYR A C   1 
ATOM   461  O  O   . TYR A 1 58  ? -9.091  -2.328  7.724   1.00 18.10 ? 66  TYR A O   1 
ATOM   462  C  CB  . TYR A 1 58  ? -9.338  -2.517  4.666   1.00 17.71 ? 66  TYR A CB  1 
ATOM   463  C  CG  . TYR A 1 58  ? -9.401  -1.802  3.328   1.00 18.08 ? 66  TYR A CG  1 
ATOM   464  C  CD1 . TYR A 1 58  ? -10.346 -2.167  2.386   1.00 17.48 ? 66  TYR A CD1 1 
ATOM   465  C  CD2 . TYR A 1 58  ? -8.566  -0.718  3.060   1.00 18.91 ? 66  TYR A CD2 1 
ATOM   466  C  CE1 . TYR A 1 58  ? -10.445 -1.490  1.183   1.00 20.36 ? 66  TYR A CE1 1 
ATOM   467  C  CE2 . TYR A 1 58  ? -8.674  0.003   1.873   1.00 17.32 ? 66  TYR A CE2 1 
ATOM   468  C  CZ  . TYR A 1 58  ? -9.589  -0.409  0.933   1.00 19.53 ? 66  TYR A CZ  1 
ATOM   469  O  OH  . TYR A 1 58  ? -9.734  0.255   -0.260  1.00 20.40 ? 66  TYR A OH  1 
ATOM   470  N  N   . ASP A 1 59  ? -10.975 -3.509  7.370   1.00 17.08 ? 67  ASP A N   1 
ATOM   471  C  CA  . ASP A 1 59  ? -10.772 -4.259  8.615   1.00 18.24 ? 67  ASP A CA  1 
ATOM   472  C  C   . ASP A 1 59  ? -9.997  -5.516  8.327   1.00 16.91 ? 67  ASP A C   1 
ATOM   473  O  O   . ASP A 1 59  ? -10.484 -6.416  7.668   1.00 18.28 ? 67  ASP A O   1 
ATOM   474  C  CB  . ASP A 1 59  ? -12.092 -4.484  9.348   1.00 17.98 ? 67  ASP A CB  1 
ATOM   475  C  CG  . ASP A 1 59  ? -12.647 -3.194  9.930   1.00 21.81 ? 67  ASP A CG  1 
ATOM   476  O  OD1 . ASP A 1 59  ? -13.883 -3.038  9.983   1.00 26.11 ? 67  ASP A OD1 1 
ATOM   477  O  OD2 . ASP A 1 59  ? -11.864 -2.324  10.332  1.00 24.24 ? 67  ASP A OD2 1 
ATOM   478  N  N   . LEU A 1 60  ? -8.733  -5.517  8.737   1.00 16.18 ? 68  LEU A N   1 
ATOM   479  C  CA  . LEU A 1 60  ? -7.849  -6.620  8.471   1.00 16.47 ? 68  LEU A CA  1 
ATOM   480  C  C   . LEU A 1 60  ? -7.760  -7.557  9.665   1.00 17.55 ? 68  LEU A C   1 
ATOM   481  O  O   . LEU A 1 60  ? -7.584  -7.111  10.812  1.00 17.74 ? 68  LEU A O   1 
ATOM   482  C  CB  . LEU A 1 60  ? -6.452  -6.112  8.121   1.00 15.83 ? 68  LEU A CB  1 
ATOM   483  C  CG  . LEU A 1 60  ? -6.320  -5.117  6.941   1.00 14.41 ? 68  LEU A CG  1 
ATOM   484  C  CD1 . LEU A 1 60  ? -4.823  -4.801  6.618   1.00 17.27 ? 68  LEU A CD1 1 
ATOM   485  C  CD2 . LEU A 1 60  ? -7.046  -5.628  5.683   1.00 13.35 ? 68  LEU A CD2 1 
ATOM   486  N  N   . TYR A 1 61  ? -7.841  -8.850  9.399   1.00 17.54 ? 69  TYR A N   1 
ATOM   487  C  CA  . TYR A 1 61  ? -7.667  -9.864  10.468  1.00 18.63 ? 69  TYR A CA  1 
ATOM   488  C  C   . TYR A 1 61  ? -6.273  -10.459 10.369  1.00 17.87 ? 69  TYR A C   1 
ATOM   489  O  O   . TYR A 1 61  ? -5.947  -11.198 9.439   1.00 17.62 ? 69  TYR A O   1 
ATOM   490  C  CB  . TYR A 1 61  ? -8.826  -10.890 10.411  1.00 21.30 ? 69  TYR A CB  1 
ATOM   491  C  CG  . TYR A 1 61  ? -10.169 -10.152 10.355  1.00 25.49 ? 69  TYR A CG  1 
ATOM   492  C  CD1 . TYR A 1 61  ? -10.719 -9.632  11.507  1.00 28.63 ? 69  TYR A CD1 1 
ATOM   493  C  CD2 . TYR A 1 61  ? -10.839 -9.909  9.140   1.00 30.67 ? 69  TYR A CD2 1 
ATOM   494  C  CE1 . TYR A 1 61  ? -11.874 -8.947  11.504  1.00 29.69 ? 69  TYR A CE1 1 
ATOM   495  C  CE2 . TYR A 1 61  ? -12.056 -9.189  9.131   1.00 31.40 ? 69  TYR A CE2 1 
ATOM   496  C  CZ  . TYR A 1 61  ? -12.542 -8.712  10.348  1.00 30.32 ? 69  TYR A CZ  1 
ATOM   497  O  OH  . TYR A 1 61  ? -13.727 -7.997  10.467  1.00 33.86 ? 69  TYR A OH  1 
ATOM   498  N  N   . VAL A 1 62  ? -5.416  -10.051 11.310  1.00 16.24 ? 70  VAL A N   1 
ATOM   499  C  CA  . VAL A 1 62  ? -4.012  -10.275 11.258  1.00 16.10 ? 70  VAL A CA  1 
ATOM   500  C  C   . VAL A 1 62  ? -3.642  -11.297 12.276  1.00 16.92 ? 70  VAL A C   1 
ATOM   501  O  O   . VAL A 1 62  ? -3.977  -11.177 13.467  1.00 17.84 ? 70  VAL A O   1 
ATOM   502  C  CB  . VAL A 1 62  ? -3.263  -8.929  11.567  1.00 16.85 ? 70  VAL A CB  1 
ATOM   503  C  CG1 . VAL A 1 62  ? -1.780  -9.036  11.427  1.00 15.37 ? 70  VAL A CG1 1 
ATOM   504  C  CG2 . VAL A 1 62  ? -3.785  -7.849  10.604  1.00 15.13 ? 70  VAL A CG2 1 
ATOM   505  N  N   . GLY A 1 63  ? -2.922  -12.309 11.840  1.00 18.44 ? 71  GLY A N   1 
ATOM   506  C  CA  . GLY A 1 63  ? -2.555  -13.398 12.751  1.00 18.97 ? 71  GLY A CA  1 
ATOM   507  C  C   . GLY A 1 63  ? -1.233  -13.073 13.389  1.00 19.26 ? 71  GLY A C   1 
ATOM   508  O  O   . GLY A 1 63  ? -0.544  -12.138 12.987  1.00 17.52 ? 71  GLY A O   1 
ATOM   509  N  N   . LYS A 1 64  ? -0.858  -13.859 14.410  1.00 20.58 ? 72  LYS A N   1 
ATOM   510  C  CA  . LYS A 1 64  ? 0.320   -13.540 15.229  1.00 20.60 ? 72  LYS A CA  1 
ATOM   511  C  C   . LYS A 1 64  ? 1.617   -13.307 14.442  1.00 20.95 ? 72  LYS A C   1 
ATOM   512  O  O   . LYS A 1 64  ? 2.448   -12.489 14.860  1.00 20.14 ? 72  LYS A O   1 
ATOM   513  C  CB  . LYS A 1 64  ? 0.544   -14.656 16.301  1.00 23.19 ? 72  LYS A CB  1 
ATOM   514  N  N   . THR A 1 65  ? 1.818   -14.007 13.326  1.00 19.32 ? 73  THR A N   1 
ATOM   515  C  CA  . THR A 1 65  ? 3.044   -13.805 12.537  1.00 20.86 ? 73  THR A CA  1 
ATOM   516  C  C   . THR A 1 65  ? 2.783   -13.124 11.166  1.00 19.29 ? 73  THR A C   1 
ATOM   517  O  O   . THR A 1 65  ? 3.687   -13.076 10.319  1.00 19.50 ? 73  THR A O   1 
ATOM   518  C  CB  . THR A 1 65  ? 3.877   -15.130 12.272  1.00 21.54 ? 73  THR A CB  1 
ATOM   519  O  OG1 . THR A 1 65  ? 3.120   -16.059 11.471  1.00 24.65 ? 73  THR A OG1 1 
ATOM   520  C  CG2 . THR A 1 65  ? 4.298   -15.815 13.597  1.00 24.50 ? 73  THR A CG2 1 
ATOM   521  N  N   . ASP A 1 66  ? 1.562   -12.640 10.951  1.00 18.49 ? 74  ASP A N   1 
ATOM   522  C  CA  . ASP A 1 66  ? 1.194   -12.137 9.619   1.00 18.24 ? 74  ASP A CA  1 
ATOM   523  C  C   . ASP A 1 66  ? 1.782   -10.757 9.379   1.00 17.97 ? 74  ASP A C   1 
ATOM   524  O  O   . ASP A 1 66  ? 2.088   -10.029 10.340  1.00 17.38 ? 74  ASP A O   1 
ATOM   525  C  CB  . ASP A 1 66  ? -0.328  -12.083 9.446   1.00 17.61 ? 74  ASP A CB  1 
ATOM   526  C  CG  . ASP A 1 66  ? -0.942  -13.435 9.394   1.00 18.55 ? 74  ASP A CG  1 
ATOM   527  O  OD1 . ASP A 1 66  ? -0.199  -14.410 9.207   1.00 23.44 ? 74  ASP A OD1 1 
ATOM   528  O  OD2 . ASP A 1 66  ? -2.165  -13.538 9.516   1.00 20.97 ? 74  ASP A OD2 1 
ATOM   529  N  N   . SER A 1 67  ? 1.928   -10.398 8.099   1.00 18.08 ? 75  SER A N   1 
ATOM   530  C  CA  . SER A 1 67  ? 2.399   -9.048  7.710   1.00 18.58 ? 75  SER A CA  1 
ATOM   531  C  C   . SER A 1 67  ? 1.335   -8.410  6.820   1.00 18.19 ? 75  SER A C   1 
ATOM   532  O  O   . SER A 1 67  ? 0.370   -9.074  6.455   1.00 17.94 ? 75  SER A O   1 
ATOM   533  C  CB  . SER A 1 67  ? 3.717   -9.120  6.966   1.00 19.60 ? 75  SER A CB  1 
ATOM   534  O  OG  . SER A 1 67  ? 3.528   -9.904  5.796   1.00 24.34 ? 75  SER A OG  1 
ATOM   535  N  N   . ILE A 1 68  ? 1.484   -7.110  6.557   1.00 17.04 ? 76  ILE A N   1 
ATOM   536  C  CA  . ILE A 1 68  ? 0.581   -6.390  5.699   1.00 16.26 ? 76  ILE A CA  1 
ATOM   537  C  C   . ILE A 1 68  ? 1.502   -5.811  4.637   1.00 16.50 ? 76  ILE A C   1 
ATOM   538  O  O   . ILE A 1 68  ? 2.511   -5.182  4.955   1.00 17.20 ? 76  ILE A O   1 
ATOM   539  C  CB  . ILE A 1 68  ? -0.168  -5.265  6.475   1.00 15.93 ? 76  ILE A CB  1 
ATOM   540  C  CG1 . ILE A 1 68  ? -1.181  -5.843  7.505   1.00 15.57 ? 76  ILE A CG1 1 
ATOM   541  C  CG2 . ILE A 1 68  ? -0.863  -4.205  5.494   1.00 15.94 ? 76  ILE A CG2 1 
ATOM   542  C  CD1 . ILE A 1 68  ? -1.518  -4.826  8.576   1.00 18.32 ? 76  ILE A CD1 1 
ATOM   543  N  N   . THR A 1 69  ? 1.168   -6.048  3.370   1.00 15.92 ? 77  THR A N   1 
ATOM   544  C  CA  . THR A 1 69  ? 1.942   -5.482  2.279   1.00 16.06 ? 77  THR A CA  1 
ATOM   545  C  C   . THR A 1 69  ? 1.004   -4.559  1.500   1.00 15.05 ? 77  THR A C   1 
ATOM   546  O  O   . THR A 1 69  ? -0.107  -4.964  1.175   1.00 14.04 ? 77  THR A O   1 
ATOM   547  C  CB  . THR A 1 69  ? 2.527   -6.574  1.383   1.00 16.66 ? 77  THR A CB  1 
ATOM   548  O  OG1 . THR A 1 69  ? 3.461   -7.336  2.136   1.00 18.21 ? 77  THR A OG1 1 
ATOM   549  C  CG2 . THR A 1 69  ? 3.311   -5.946  0.170   1.00 18.48 ? 77  THR A CG2 1 
ATOM   550  N  N   . ILE A 1 70  ? 1.429   -3.321  1.244   1.00 15.42 ? 78  ILE A N   1 
ATOM   551  C  CA  . ILE A 1 70  ? 0.595   -2.353  0.484   1.00 15.45 ? 78  ILE A CA  1 
ATOM   552  C  C   . ILE A 1 70  ? 1.420   -1.954  -0.747  1.00 16.42 ? 78  ILE A C   1 
ATOM   553  O  O   . ILE A 1 70  ? 2.595   -1.565  -0.632  1.00 17.92 ? 78  ILE A O   1 
ATOM   554  C  CB  . ILE A 1 70  ? 0.166   -1.084  1.277   1.00 15.20 ? 78  ILE A CB  1 
ATOM   555  C  CG1 . ILE A 1 70  ? -0.651  -1.448  2.547   1.00 15.64 ? 78  ILE A CG1 1 
ATOM   556  C  CG2 . ILE A 1 70  ? -0.754  -0.201  0.446   1.00 14.29 ? 78  ILE A CG2 1 
ATOM   557  C  CD1 . ILE A 1 70  ? -0.586  -0.314  3.656   1.00 15.56 ? 78  ILE A CD1 1 
ATOM   558  N  N   . SER A 1 71  ? 0.826   -2.151  -1.919  1.00 15.96 ? 79  SER A N   1 
ATOM   559  C  CA  . SER A 1 71  ? 1.507   -1.852  -3.177  1.00 14.39 ? 79  SER A CA  1 
ATOM   560  C  C   . SER A 1 71  ? 0.648   -0.882  -3.991  1.00 14.72 ? 79  SER A C   1 
ATOM   561  O  O   . SER A 1 71  ? -0.596  -0.892  -3.908  1.00 14.92 ? 79  SER A O   1 
ATOM   562  C  CB  . SER A 1 71  ? 1.840   -3.179  -3.908  1.00 14.34 ? 79  SER A CB  1 
ATOM   563  O  OG  . SER A 1 71  ? 0.714   -3.978  -4.124  1.00 16.05 ? 79  SER A OG  1 
ATOM   564  N  N   . VAL A 1 72  ? 1.302   -0.016  -4.750  1.00 13.65 ? 80  VAL A N   1 
ATOM   565  C  CA  . VAL A 1 72  ? 0.607   1.040   -5.478  1.00 13.27 ? 80  VAL A CA  1 
ATOM   566  C  C   . VAL A 1 72  ? 0.833   0.752   -6.967  1.00 13.56 ? 80  VAL A C   1 
ATOM   567  O  O   . VAL A 1 72  ? 1.955   0.425   -7.369  1.00 13.73 ? 80  VAL A O   1 
ATOM   568  C  CB  . VAL A 1 72  ? 1.175   2.470   -5.121  1.00 14.09 ? 80  VAL A CB  1 
ATOM   569  C  CG1 . VAL A 1 72  ? 0.403   3.562   -5.875  1.00 13.73 ? 80  VAL A CG1 1 
ATOM   570  C  CG2 . VAL A 1 72  ? 1.092   2.735   -3.621  1.00 14.13 ? 80  VAL A CG2 1 
ATOM   571  N  N   . TRP A 1 73  ? -0.234  0.876   -7.760  1.00 14.73 ? 81  TRP A N   1 
ATOM   572  C  CA  . TRP A 1 73  ? -0.230  0.477   -9.166  1.00 15.44 ? 81  TRP A CA  1 
ATOM   573  C  C   . TRP A 1 73  ? -0.881  1.510   -10.075 1.00 15.48 ? 81  TRP A C   1 
ATOM   574  O  O   . TRP A 1 73  ? -1.882  2.124   -9.719  1.00 15.79 ? 81  TRP A O   1 
ATOM   575  C  CB  . TRP A 1 73  ? -1.002  -0.821  -9.327  1.00 14.33 ? 81  TRP A CB  1 
ATOM   576  C  CG  . TRP A 1 73  ? -0.395  -1.965  -8.570  1.00 16.23 ? 81  TRP A CG  1 
ATOM   577  C  CD1 . TRP A 1 73  ? -0.747  -2.406  -7.307  1.00 16.25 ? 81  TRP A CD1 1 
ATOM   578  C  CD2 . TRP A 1 73  ? 0.683   -2.808  -9.016  1.00 14.63 ? 81  TRP A CD2 1 
ATOM   579  N  NE1 . TRP A 1 73  ? 0.057   -3.499  -6.955  1.00 14.76 ? 81  TRP A NE1 1 
ATOM   580  C  CE2 . TRP A 1 73  ? 0.953   -3.732  -7.974  1.00 17.22 ? 81  TRP A CE2 1 
ATOM   581  C  CE3 . TRP A 1 73  ? 1.464   -2.865  -10.204 1.00 17.71 ? 81  TRP A CE3 1 
ATOM   582  C  CZ2 . TRP A 1 73  ? 1.928   -4.722  -8.098  1.00 18.35 ? 81  TRP A CZ2 1 
ATOM   583  C  CZ3 . TRP A 1 73  ? 2.471   -3.807  -10.296 1.00 16.13 ? 81  TRP A CZ3 1 
ATOM   584  C  CH2 . TRP A 1 73  ? 2.684   -4.739  -9.257  1.00 19.47 ? 81  TRP A CH2 1 
ATOM   585  N  N   . ASN A 1 74  ? -0.342  1.645   -11.287 1.00 15.95 ? 82  ASN A N   1 
ATOM   586  C  CA  . ASN A 1 74  ? -0.947  2.519   -12.286 1.00 16.88 ? 82  ASN A CA  1 
ATOM   587  C  C   . ASN A 1 74  ? -1.976  1.647   -13.051 1.00 18.00 ? 82  ASN A C   1 
ATOM   588  O  O   . ASN A 1 74  ? -1.572  0.787   -13.845 1.00 18.66 ? 82  ASN A O   1 
ATOM   589  C  CB  . ASN A 1 74  ? 0.162   2.948   -13.271 1.00 17.07 ? 82  ASN A CB  1 
ATOM   590  C  CG  . ASN A 1 74  ? -0.343  3.859   -14.381 1.00 18.69 ? 82  ASN A CG  1 
ATOM   591  O  OD1 . ASN A 1 74  ? 0.465   4.304   -15.235 1.00 22.35 ? 82  ASN A OD1 1 
ATOM   592  N  ND2 . ASN A 1 74  ? -1.649  4.121   -14.408 1.00 13.48 ? 82  ASN A ND2 1 
ATOM   593  N  N   . HIS A 1 75  ? -3.268  1.898   -12.843 1.00 18.06 ? 83  HIS A N   1 
ATOM   594  C  CA  . HIS A 1 75  ? -4.300  1.093   -13.457 1.00 19.58 ? 83  HIS A CA  1 
ATOM   595  C  C   . HIS A 1 75  ? -4.355  1.222   -15.004 1.00 20.38 ? 83  HIS A C   1 
ATOM   596  O  O   . HIS A 1 75  ? -4.884  0.336   -15.693 1.00 19.38 ? 83  HIS A O   1 
ATOM   597  C  CB  . HIS A 1 75  ? -5.653  1.481   -12.890 1.00 21.00 ? 83  HIS A CB  1 
ATOM   598  C  CG  . HIS A 1 75  ? -6.773  0.681   -13.458 1.00 24.08 ? 83  HIS A CG  1 
ATOM   599  N  ND1 . HIS A 1 75  ? -6.967  -0.651  -13.147 1.00 29.99 ? 83  HIS A ND1 1 
ATOM   600  C  CD2 . HIS A 1 75  ? -7.724  1.004   -14.360 1.00 26.91 ? 83  HIS A CD2 1 
ATOM   601  C  CE1 . HIS A 1 75  ? -8.000  -1.105  -13.831 1.00 28.50 ? 83  HIS A CE1 1 
ATOM   602  N  NE2 . HIS A 1 75  ? -8.481  -0.120  -14.568 1.00 26.69 ? 83  HIS A NE2 1 
ATOM   603  N  N   . LYS A 1 76  ? -3.860  2.330   -15.535 1.00 21.33 ? 84  LYS A N   1 
ATOM   604  C  CA  . LYS A 1 76  ? -3.754  2.467   -17.010 1.00 23.26 ? 84  LYS A CA  1 
ATOM   605  C  C   . LYS A 1 76  ? -2.960  1.330   -17.600 1.00 24.03 ? 84  LYS A C   1 
ATOM   606  O  O   . LYS A 1 76  ? -3.119  1.020   -18.781 1.00 24.60 ? 84  LYS A O   1 
ATOM   607  C  CB  . LYS A 1 76  ? -3.100  3.780   -17.393 1.00 23.09 ? 84  LYS A CB  1 
ATOM   608  C  CG  . LYS A 1 76  ? -3.955  4.955   -17.043 1.00 24.22 ? 84  LYS A CG  1 
ATOM   609  C  CD  . LYS A 1 76  ? -3.281  6.204   -17.496 1.00 29.04 ? 84  LYS A CD  1 
ATOM   610  C  CE  . LYS A 1 76  ? -4.269  7.309   -17.717 1.00 29.21 ? 84  LYS A CE  1 
ATOM   611  N  NZ  . LYS A 1 76  ? -3.627  8.631   -17.341 1.00 32.58 ? 84  LYS A NZ  1 
ATOM   612  N  N   . LYS A 1 77  ? -2.126  0.678   -16.778 1.00 23.34 ? 85  LYS A N   1 
ATOM   613  C  CA  . LYS A 1 77  ? -1.328  -0.435  -17.277 1.00 22.98 ? 85  LYS A CA  1 
ATOM   614  C  C   . LYS A 1 77  ? -1.920  -1.810  -17.002 1.00 24.32 ? 85  LYS A C   1 
ATOM   615  O  O   . LYS A 1 77  ? -1.237  -2.844  -17.096 1.00 23.06 ? 85  LYS A O   1 
ATOM   616  C  CB  . LYS A 1 77  ? 0.128   -0.288  -16.853 1.00 22.75 ? 85  LYS A CB  1 
ATOM   617  C  CG  . LYS A 1 77  ? 0.669   1.030   -17.426 1.00 22.16 ? 85  LYS A CG  1 
ATOM   618  C  CD  . LYS A 1 77  ? 2.142   1.245   -17.208 1.00 27.42 ? 85  LYS A CD  1 
ATOM   619  C  CE  . LYS A 1 77  ? 2.581   2.531   -17.888 1.00 24.92 ? 85  LYS A CE  1 
ATOM   620  N  NZ  . LYS A 1 77  ? 3.917   2.918   -17.315 1.00 27.22 ? 85  LYS A NZ  1 
ATOM   621  N  N   . ILE A 1 78  ? -3.216  -1.832  -16.718 1.00 25.88 ? 86  ILE A N   1 
ATOM   622  C  CA  . ILE A 1 78  ? -3.811  -3.092  -16.304 1.00 28.08 ? 86  ILE A CA  1 
ATOM   623  C  C   . ILE A 1 78  ? -3.717  -4.230  -17.339 1.00 27.99 ? 86  ILE A C   1 
ATOM   624  O  O   . ILE A 1 78  ? -3.676  -5.380  -16.950 1.00 28.60 ? 86  ILE A O   1 
ATOM   625  C  CB  . ILE A 1 78  ? -5.249  -2.928  -15.724 1.00 27.63 ? 86  ILE A CB  1 
ATOM   626  C  CG1 . ILE A 1 78  ? -5.508  -4.061  -14.689 1.00 29.50 ? 86  ILE A CG1 1 
ATOM   627  C  CG2 . ILE A 1 78  ? -6.304  -2.808  -16.843 1.00 27.48 ? 86  ILE A CG2 1 
ATOM   628  C  CD1 . ILE A 1 78  ? -6.837  -3.968  -13.941 1.00 30.56 ? 86  ILE A CD1 1 
ATOM   629  N  N   . HIS A 1 79  ? -3.671  -3.905  -18.631 1.00 29.66 ? 87  HIS A N   1 
ATOM   630  C  CA  . HIS A 1 79  ? -3.633  -4.917  -19.704 1.00 31.24 ? 87  HIS A CA  1 
ATOM   631  C  C   . HIS A 1 79  ? -2.206  -5.333  -20.061 1.00 32.46 ? 87  HIS A C   1 
ATOM   632  O  O   . HIS A 1 79  ? -1.977  -6.407  -20.646 1.00 33.57 ? 87  HIS A O   1 
ATOM   633  C  CB  . HIS A 1 79  ? -4.318  -4.391  -20.966 1.00 30.95 ? 87  HIS A CB  1 
ATOM   634  C  CG  . HIS A 1 79  ? -5.776  -4.091  -20.790 1.00 32.11 ? 87  HIS A CG  1 
ATOM   635  N  ND1 . HIS A 1 79  ? -6.698  -5.042  -20.398 1.00 34.53 ? 87  HIS A ND1 1 
ATOM   636  C  CD2 . HIS A 1 79  ? -6.480  -2.953  -20.997 1.00 33.52 ? 87  HIS A CD2 1 
ATOM   637  C  CE1 . HIS A 1 79  ? -7.901  -4.498  -20.356 1.00 35.06 ? 87  HIS A CE1 1 
ATOM   638  N  NE2 . HIS A 1 79  ? -7.798  -3.235  -20.728 1.00 34.33 ? 87  HIS A NE2 1 
ATOM   639  N  N   . LYS A 1 80  ? -1.244  -4.508  -19.669 1.00 32.34 ? 88  LYS A N   1 
ATOM   640  C  CA  . LYS A 1 80  ? 0.145   -4.758  -19.991 1.00 32.56 ? 88  LYS A CA  1 
ATOM   641  C  C   . LYS A 1 80  ? 0.686   -5.929  -19.214 1.00 32.81 ? 88  LYS A C   1 
ATOM   642  O  O   . LYS A 1 80  ? -0.009  -6.516  -18.400 1.00 32.82 ? 88  LYS A O   1 
ATOM   643  C  CB  . LYS A 1 80  ? 0.965   -3.496  -19.836 1.00 32.90 ? 88  LYS A CB  1 
ATOM   644  C  CG  . LYS A 1 80  ? 0.359   -2.359  -20.656 1.00 35.01 ? 88  LYS A CG  1 
ATOM   645  C  CD  . LYS A 1 80  ? 1.367   -1.269  -20.971 1.00 41.16 ? 88  LYS A CD  1 
ATOM   646  C  CE  . LYS A 1 80  ? 2.242   -1.615  -22.198 1.00 45.85 ? 88  LYS A CE  1 
ATOM   647  N  NZ  . LYS A 1 80  ? 3.598   -2.171  -21.863 1.00 47.42 ? 88  LYS A NZ  1 
ATOM   648  N  N   . LYS A 1 81  ? 1.915   -6.301  -19.503 1.00 32.61 ? 89  LYS A N   1 
ATOM   649  C  CA  . LYS A 1 81  ? 2.449   -7.546  -19.014 1.00 33.04 ? 89  LYS A CA  1 
ATOM   650  C  C   . LYS A 1 81  ? 2.570   -7.474  -17.502 1.00 32.49 ? 89  LYS A C   1 
ATOM   651  O  O   . LYS A 1 81  ? 2.637   -6.400  -16.932 1.00 31.87 ? 89  LYS A O   1 
ATOM   652  C  CB  . LYS A 1 81  ? 3.789   -7.819  -19.690 1.00 34.48 ? 89  LYS A CB  1 
ATOM   653  C  CG  . LYS A 1 81  ? 4.704   -6.581  -19.781 1.00 38.42 ? 89  LYS A CG  1 
ATOM   654  C  CD  . LYS A 1 81  ? 4.268   -5.483  -20.777 1.00 42.47 ? 89  LYS A CD  1 
ATOM   655  C  CE  . LYS A 1 81  ? 4.902   -4.156  -20.340 1.00 45.40 ? 89  LYS A CE  1 
ATOM   656  N  NZ  . LYS A 1 81  ? 6.326   -4.318  -19.807 1.00 47.69 ? 89  LYS A NZ  1 
ATOM   657  N  N   . GLN A 1 82  ? 2.590   -8.634  -16.872 1.00 31.77 ? 90  GLN A N   1 
ATOM   658  C  CA  . GLN A 1 82  ? 2.462   -8.746  -15.434 1.00 31.46 ? 90  GLN A CA  1 
ATOM   659  C  C   . GLN A 1 82  ? 3.555   -8.010  -14.691 1.00 29.70 ? 90  GLN A C   1 
ATOM   660  O  O   . GLN A 1 82  ? 4.728   -8.218  -14.967 1.00 28.43 ? 90  GLN A O   1 
ATOM   661  C  CB  . GLN A 1 82  ? 2.409   -10.234 -15.039 1.00 32.85 ? 90  GLN A CB  1 
ATOM   662  C  CG  . GLN A 1 82  ? 1.009   -10.814 -15.124 1.00 37.28 ? 90  GLN A CG  1 
ATOM   663  C  CD  . GLN A 1 82  ? 0.047   -10.098 -14.171 1.00 43.80 ? 90  GLN A CD  1 
ATOM   664  O  OE1 . GLN A 1 82  ? -1.161  -10.040 -14.413 1.00 46.43 ? 90  GLN A OE1 1 
ATOM   665  N  NE2 . GLN A 1 82  ? 0.589   -9.545  -13.078 1.00 45.55 ? 90  GLN A NE2 1 
ATOM   666  N  N   . GLY A 1 83  ? 3.166   -7.139  -13.753 1.00 28.08 ? 91  GLY A N   1 
ATOM   667  C  CA  . GLY A 1 83  ? 4.140   -6.329  -13.050 1.00 26.20 ? 91  GLY A CA  1 
ATOM   668  C  C   . GLY A 1 83  ? 4.371   -4.937  -13.622 1.00 25.61 ? 91  GLY A C   1 
ATOM   669  O  O   . GLY A 1 83  ? 5.127   -4.141  -13.066 1.00 24.91 ? 91  GLY A O   1 
ATOM   670  N  N   . ALA A 1 84  ? 3.705   -4.600  -14.725 1.00 24.91 ? 92  ALA A N   1 
ATOM   671  C  CA  . ALA A 1 84  ? 3.820   -3.242  -15.280 1.00 23.61 ? 92  ALA A CA  1 
ATOM   672  C  C   . ALA A 1 84  ? 2.990   -2.308  -14.381 1.00 22.70 ? 92  ALA A C   1 
ATOM   673  O  O   . ALA A 1 84  ? 2.028   -2.744  -13.718 1.00 22.44 ? 92  ALA A O   1 
ATOM   674  C  CB  . ALA A 1 84  ? 3.277   -3.187  -16.725 1.00 24.11 ? 92  ALA A CB  1 
ATOM   675  N  N   . GLY A 1 85  ? 3.323   -1.027  -14.381 1.00 21.26 ? 93  GLY A N   1 
ATOM   676  C  CA  . GLY A 1 85  ? 2.509   -0.081  -13.619 1.00 19.93 ? 93  GLY A CA  1 
ATOM   677  C  C   . GLY A 1 85  ? 2.827   -0.133  -12.119 1.00 18.19 ? 93  GLY A C   1 
ATOM   678  O  O   . GLY A 1 85  ? 2.119   0.443   -11.330 1.00 17.09 ? 93  GLY A O   1 
ATOM   679  N  N   . PHE A 1 86  ? 3.911   -0.802  -11.749 1.00 16.78 ? 94  PHE A N   1 
ATOM   680  C  CA  . PHE A 1 86  ? 4.340   -0.823  -10.323 1.00 17.04 ? 94  PHE A CA  1 
ATOM   681  C  C   . PHE A 1 86  ? 4.851   0.506   -9.824  1.00 16.40 ? 94  PHE A C   1 
ATOM   682  O  O   . PHE A 1 86  ? 5.758   1.072   -10.410 1.00 16.07 ? 94  PHE A O   1 
ATOM   683  C  CB  . PHE A 1 86  ? 5.385   -1.906  -10.071 1.00 16.72 ? 94  PHE A CB  1 
ATOM   684  C  CG  . PHE A 1 86  ? 5.808   -1.985  -8.622  1.00 15.26 ? 94  PHE A CG  1 
ATOM   685  C  CD1 . PHE A 1 86  ? 4.903   -2.417  -7.657  1.00 17.06 ? 94  PHE A CD1 1 
ATOM   686  C  CD2 . PHE A 1 86  ? 7.084   -1.592  -8.241  1.00 15.68 ? 94  PHE A CD2 1 
ATOM   687  C  CE1 . PHE A 1 86  ? 5.289   -2.525  -6.311  1.00 16.84 ? 94  PHE A CE1 1 
ATOM   688  C  CE2 . PHE A 1 86  ? 7.476   -1.663  -6.900  1.00 18.60 ? 94  PHE A CE2 1 
ATOM   689  C  CZ  . PHE A 1 86  ? 6.547   -2.136  -5.943  1.00 14.60 ? 94  PHE A CZ  1 
ATOM   690  N  N   . LEU A 1 87  ? 4.268   1.042   -8.744  1.00 16.31 ? 95  LEU A N   1 
ATOM   691  C  CA  . LEU A 1 87  ? 4.670   2.369   -8.259  1.00 15.41 ? 95  LEU A CA  1 
ATOM   692  C  C   . LEU A 1 87  ? 5.217   2.364   -6.826  1.00 16.62 ? 95  LEU A C   1 
ATOM   693  O  O   . LEU A 1 87  ? 5.383   3.418   -6.218  1.00 18.01 ? 95  LEU A O   1 
ATOM   694  C  CB  . LEU A 1 87  ? 3.517   3.356   -8.367  1.00 16.64 ? 95  LEU A CB  1 
ATOM   695  C  CG  . LEU A 1 87  ? 3.039   3.727   -9.801  1.00 14.98 ? 95  LEU A CG  1 
ATOM   696  C  CD1 . LEU A 1 87  ? 1.765   4.562   -9.795  1.00 14.59 ? 95  LEU A CD1 1 
ATOM   697  C  CD2 . LEU A 1 87  ? 4.166   4.367   -10.666 1.00 15.57 ? 95  LEU A CD2 1 
ATOM   698  N  N   . GLY A 1 88  ? 5.434   1.180   -6.273  1.00 15.93 ? 96  GLY A N   1 
ATOM   699  C  CA  . GLY A 1 88  ? 6.112   1.062   -4.971  1.00 15.93 ? 96  GLY A CA  1 
ATOM   700  C  C   . GLY A 1 88  ? 5.278   0.247   -4.007  1.00 16.31 ? 96  GLY A C   1 
ATOM   701  O  O   . GLY A 1 88  ? 4.070   0.002   -4.225  1.00 15.92 ? 96  GLY A O   1 
ATOM   702  N  N   . CYS A 1 89  ? 5.936   -0.238  -2.963  1.00 16.85 ? 97  CYS A N   1 
ATOM   703  C  CA  . CYS A 1 89  ? 5.211   -0.954  -1.937  1.00 17.48 ? 97  CYS A CA  1 
ATOM   704  C  C   . CYS A 1 89  ? 5.782   -0.630  -0.564  1.00 17.17 ? 97  CYS A C   1 
ATOM   705  O  O   . CYS A 1 89  ? 6.853   -0.017  -0.405  1.00 16.03 ? 97  CYS A O   1 
ATOM   706  C  CB  . CYS A 1 89  ? 5.301   -2.472  -2.185  1.00 16.68 ? 97  CYS A CB  1 
ATOM   707  S  SG  . CYS A 1 89  ? 6.979   -3.123  -1.985  1.00 23.66 ? 97  CYS A SG  1 
ATOM   708  N  N   . VAL A 1 90  ? 5.037   -1.068  0.441   1.00 18.33 ? 98  VAL A N   1 
ATOM   709  C  CA  . VAL A 1 90  ? 5.564   -1.140  1.777   1.00 18.96 ? 98  VAL A CA  1 
ATOM   710  C  C   . VAL A 1 90  ? 5.137   -2.489  2.369   1.00 19.55 ? 98  VAL A C   1 
ATOM   711  O  O   . VAL A 1 90  ? 4.009   -2.974  2.157   1.00 18.85 ? 98  VAL A O   1 
ATOM   712  C  CB  . VAL A 1 90  ? 5.102   0.034   2.677   1.00 19.54 ? 98  VAL A CB  1 
ATOM   713  C  CG1 . VAL A 1 90  ? 5.584   1.367   2.145   1.00 19.89 ? 98  VAL A CG1 1 
ATOM   714  C  CG2 . VAL A 1 90  ? 3.608   0.027   2.839   1.00 21.09 ? 98  VAL A CG2 1 
ATOM   715  N  N   . ARG A 1 91  ? 6.039   -3.081  3.125   1.00 19.31 ? 99  ARG A N   1 
ATOM   716  C  CA  . ARG A 1 91  ? 5.711   -4.288  3.848   1.00 21.41 ? 99  ARG A CA  1 
ATOM   717  C  C   . ARG A 1 91  ? 5.873   -4.049  5.344   1.00 20.24 ? 99  ARG A C   1 
ATOM   718  O  O   . ARG A 1 91  ? 6.958   -3.644  5.806   1.00 20.58 ? 99  ARG A O   1 
ATOM   719  C  CB  . ARG A 1 91  ? 6.588   -5.432  3.357   1.00 21.74 ? 99  ARG A CB  1 
ATOM   720  C  CG  . ARG A 1 91  ? 6.604   -6.586  4.302   1.00 29.81 ? 99  ARG A CG  1 
ATOM   721  C  CD  . ARG A 1 91  ? 5.579   -7.630  3.930   1.00 40.61 ? 99  ARG A CD  1 
ATOM   722  N  NE  . ARG A 1 91  ? 5.924   -8.286  2.655   1.00 48.94 ? 99  ARG A NE  1 
ATOM   723  C  CZ  . ARG A 1 91  ? 6.747   -9.326  2.535   1.00 52.95 ? 99  ARG A CZ  1 
ATOM   724  N  NH1 . ARG A 1 91  ? 7.337   -9.855  3.618   1.00 55.67 ? 99  ARG A NH1 1 
ATOM   725  N  NH2 . ARG A 1 91  ? 6.977   -9.839  1.329   1.00 53.04 ? 99  ARG A NH2 1 
ATOM   726  N  N   . LEU A 1 92  ? 4.783   -4.257  6.081   1.00 18.80 ? 100 LEU A N   1 
ATOM   727  C  CA  . LEU A 1 92  ? 4.777   -4.084  7.521   1.00 19.49 ? 100 LEU A CA  1 
ATOM   728  C  C   . LEU A 1 92  ? 4.817   -5.459  8.169   1.00 18.48 ? 100 LEU A C   1 
ATOM   729  O  O   . LEU A 1 92  ? 3.788   -6.169  8.200   1.00 16.78 ? 100 LEU A O   1 
ATOM   730  C  CB  . LEU A 1 92  ? 3.490   -3.367  7.956   1.00 19.61 ? 100 LEU A CB  1 
ATOM   731  C  CG  . LEU A 1 92  ? 3.277   -1.835  7.839   1.00 23.95 ? 100 LEU A CG  1 
ATOM   732  C  CD1 . LEU A 1 92  ? 4.334   -1.030  7.125   1.00 26.29 ? 100 LEU A CD1 1 
ATOM   733  C  CD2 . LEU A 1 92  ? 1.933   -1.518  7.283   1.00 25.10 ? 100 LEU A CD2 1 
ATOM   734  N  N   . LEU A 1 93  ? 5.976   -5.864  8.666   1.00 18.35 ? 101 LEU A N   1 
ATOM   735  C  CA  . LEU A 1 93  ? 6.041   -7.179  9.366   1.00 19.81 ? 101 LEU A CA  1 
ATOM   736  C  C   . LEU A 1 93  ? 5.343   -7.075  10.761  1.00 19.72 ? 101 LEU A C   1 
ATOM   737  O  O   . LEU A 1 93  ? 5.044   -5.980  11.213  1.00 16.89 ? 101 LEU A O   1 
ATOM   738  C  CB  . LEU A 1 93  ? 7.502   -7.633  9.519   1.00 21.02 ? 101 LEU A CB  1 
ATOM   739  C  CG  . LEU A 1 93  ? 8.320   -7.718  8.227   1.00 21.34 ? 101 LEU A CG  1 
ATOM   740  C  CD1 . LEU A 1 93  ? 9.750   -8.170  8.498   1.00 22.07 ? 101 LEU A CD1 1 
ATOM   741  C  CD2 . LEU A 1 93  ? 7.652   -8.658  7.242   1.00 24.63 ? 101 LEU A CD2 1 
ATOM   742  N  N   . SER A 1 94  ? 5.145   -8.199  11.461  1.00 20.14 ? 102 SER A N   1 
ATOM   743  C  CA  . SER A 1 94  ? 4.348   -8.164  12.693  1.00 21.35 ? 102 SER A CA  1 
ATOM   744  C  C   . SER A 1 94  ? 4.897   -7.169  13.752  1.00 20.92 ? 102 SER A C   1 
ATOM   745  O  O   . SER A 1 94  ? 4.110   -6.450  14.358  1.00 20.27 ? 102 SER A O   1 
ATOM   746  C  CB  . SER A 1 94  ? 4.040   -9.555  13.260  1.00 22.37 ? 102 SER A CB  1 
ATOM   747  O  OG  . SER A 1 94  ? 5.186   -10.337 13.268  1.00 26.30 ? 102 SER A OG  1 
ATOM   748  N  N   . ASN A 1 95  ? 6.221   -7.074  13.874  1.00 21.17 ? 103 ASN A N   1 
ATOM   749  C  CA  A ASN A 1 95  ? 6.855   -6.077  14.744  0.50 21.74 ? 103 ASN A CA  1 
ATOM   750  C  CA  B ASN A 1 95  ? 6.858   -6.081  14.742  0.50 21.59 ? 103 ASN A CA  1 
ATOM   751  C  C   . ASN A 1 95  ? 6.527   -4.622  14.373  1.00 21.17 ? 103 ASN A C   1 
ATOM   752  O  O   . ASN A 1 95  ? 6.292   -3.783  15.252  1.00 21.71 ? 103 ASN A O   1 
ATOM   753  C  CB  A ASN A 1 95  ? 8.388   -6.303  14.915  0.50 21.95 ? 103 ASN A CB  1 
ATOM   754  C  CB  B ASN A 1 95  ? 8.381   -6.289  14.761  0.50 21.50 ? 103 ASN A CB  1 
ATOM   755  C  CG  A ASN A 1 95  ? 9.175   -6.374  13.592  0.50 24.03 ? 103 ASN A CG  1 
ATOM   756  C  CG  B ASN A 1 95  ? 8.814   -7.427  15.686  0.50 23.36 ? 103 ASN A CG  1 
ATOM   757  O  OD1 A ASN A 1 95  ? 10.382  -6.638  13.611  0.50 26.92 ? 103 ASN A OD1 1 
ATOM   758  O  OD1 B ASN A 1 95  ? 7.985   -8.100  16.326  0.50 24.43 ? 103 ASN A OD1 1 
ATOM   759  N  ND2 A ASN A 1 95  ? 8.522   -6.132  12.460  0.50 25.88 ? 103 ASN A ND2 1 
ATOM   760  N  ND2 B ASN A 1 95  ? 10.118  -7.649  15.755  0.50 24.11 ? 103 ASN A ND2 1 
ATOM   761  N  N   . ALA A 1 96  ? 6.514   -4.311  13.079  1.00 20.09 ? 104 ALA A N   1 
ATOM   762  C  CA  . ALA A 1 96  ? 6.186   -2.946  12.640  1.00 18.71 ? 104 ALA A CA  1 
ATOM   763  C  C   . ALA A 1 96  ? 4.705   -2.694  12.876  1.00 18.30 ? 104 ALA A C   1 
ATOM   764  O  O   . ALA A 1 96  ? 4.305   -1.583  13.310  1.00 18.52 ? 104 ALA A O   1 
ATOM   765  C  CB  . ALA A 1 96  ? 6.556   -2.734  11.196  1.00 19.51 ? 104 ALA A CB  1 
ATOM   766  N  N   . ILE A 1 97  ? 3.873   -3.723  12.676  1.00 16.46 ? 105 ILE A N   1 
ATOM   767  C  CA  . ILE A 1 97  ? 2.415   -3.549  12.909  1.00 16.76 ? 105 ILE A CA  1 
ATOM   768  C  C   . ILE A 1 97  ? 2.199   -3.258  14.393  1.00 18.60 ? 105 ILE A C   1 
ATOM   769  O  O   . ILE A 1 97  ? 1.485   -2.351  14.748  1.00 17.56 ? 105 ILE A O   1 
ATOM   770  C  CB  . ILE A 1 97  ? 1.610   -4.791  12.510  1.00 16.78 ? 105 ILE A CB  1 
ATOM   771  C  CG1 . ILE A 1 97  ? 1.676   -4.976  10.991  1.00 15.82 ? 105 ILE A CG1 1 
ATOM   772  C  CG2 . ILE A 1 97  ? 0.116   -4.743  13.055  1.00 16.17 ? 105 ILE A CG2 1 
ATOM   773  C  CD1 . ILE A 1 97  ? 1.069   -6.335  10.544  1.00 16.19 ? 105 ILE A CD1 1 
ATOM   774  N  N   . SER A 1 98  ? 2.873   -4.025  15.248  1.00 19.97 ? 106 SER A N   1 
ATOM   775  C  CA  . SER A 1 98  ? 2.835   -3.827  16.711  1.00 20.71 ? 106 SER A CA  1 
ATOM   776  C  C   . SER A 1 98  ? 3.254   -2.378  17.120  1.00 21.39 ? 106 SER A C   1 
ATOM   777  O  O   . SER A 1 98  ? 2.578   -1.761  17.921  1.00 21.39 ? 106 SER A O   1 
ATOM   778  C  CB  . SER A 1 98  ? 3.785   -4.853  17.346  1.00 21.26 ? 106 SER A CB  1 
ATOM   779  O  OG  . SER A 1 98  ? 3.844   -4.705  18.756  1.00 24.23 ? 106 SER A OG  1 
ATOM   780  N  N   . ARG A 1 99  ? 4.347   -1.877  16.564  1.00 22.09 ? 107 ARG A N   1 
ATOM   781  C  CA  . ARG A 1 99  ? 4.840   -0.493  16.764  1.00 25.23 ? 107 ARG A CA  1 
ATOM   782  C  C   . ARG A 1 99  ? 3.914   0.624   16.270  1.00 23.67 ? 107 ARG A C   1 
ATOM   783  O  O   . ARG A 1 99  ? 3.706   1.646   16.949  1.00 22.52 ? 107 ARG A O   1 
ATOM   784  C  CB  . ARG A 1 99  ? 6.189   -0.279  16.050  1.00 24.80 ? 107 ARG A CB  1 
ATOM   785  C  CG  . ARG A 1 99  ? 7.384   -0.769  16.785  1.00 30.33 ? 107 ARG A CG  1 
ATOM   786  C  CD  . ARG A 1 99  ? 8.687   -0.300  16.100  1.00 30.33 ? 107 ARG A CD  1 
ATOM   787  N  NE  . ARG A 1 99  ? 8.899   -0.829  14.735  1.00 36.69 ? 107 ARG A NE  1 
ATOM   788  C  CZ  . ARG A 1 99  ? 9.481   -2.000  14.467  1.00 39.17 ? 107 ARG A CZ  1 
ATOM   789  N  NH1 . ARG A 1 99  ? 9.629   -2.397  13.205  1.00 41.86 ? 107 ARG A NH1 1 
ATOM   790  N  NH2 . ARG A 1 99  ? 9.912   -2.785  15.465  1.00 41.11 ? 107 ARG A NH2 1 
ATOM   791  N  N   . LEU A 1 100 ? 3.389   0.457   15.064  1.00 22.37 ? 108 LEU A N   1 
ATOM   792  C  CA  . LEU A 1 100 ? 2.682   1.544   14.403  1.00 22.26 ? 108 LEU A CA  1 
ATOM   793  C  C   . LEU A 1 100 ? 1.247   1.649   14.842  1.00 20.22 ? 108 LEU A C   1 
ATOM   794  O  O   . LEU A 1 100 ? 0.597   2.696   14.709  1.00 19.66 ? 108 LEU A O   1 
ATOM   795  C  CB  . LEU A 1 100 ? 2.725   1.330   12.878  1.00 22.84 ? 108 LEU A CB  1 
ATOM   796  C  CG  . LEU A 1 100 ? 3.942   1.799   12.050  1.00 27.70 ? 108 LEU A CG  1 
ATOM   797  C  CD1 . LEU A 1 100 ? 5.291   1.227   12.462  1.00 33.51 ? 108 LEU A CD1 1 
ATOM   798  C  CD2 . LEU A 1 100 ? 3.682   1.511   10.544  1.00 25.66 ? 108 LEU A CD2 1 
ATOM   799  N  N   . LYS A 1 101 ? 0.679   0.536   15.273  1.00 19.07 ? 109 LYS A N   1 
ATOM   800  C  CA  . LYS A 1 101 ? -0.731  0.558   15.537  1.00 17.61 ? 109 LYS A CA  1 
ATOM   801  C  C   . LYS A 1 101 ? -1.027  1.551   16.659  1.00 17.56 ? 109 LYS A C   1 
ATOM   802  O  O   . LYS A 1 101 ? -0.230  1.724   17.585  1.00 16.63 ? 109 LYS A O   1 
ATOM   803  C  CB  . LYS A 1 101 ? -1.308  -0.825  15.833  1.00 18.77 ? 109 LYS A CB  1 
ATOM   804  C  CG  . LYS A 1 101 ? -0.915  -1.415  17.166  1.00 21.10 ? 109 LYS A CG  1 
ATOM   805  C  CD  . LYS A 1 101 ? -1.330  -2.923  17.182  1.00 27.58 ? 109 LYS A CD  1 
ATOM   806  C  CE  . LYS A 1 101 ? -1.007  -3.574  18.508  1.00 26.45 ? 109 LYS A CE  1 
ATOM   807  N  NZ  . LYS A 1 101 ? -1.914  -3.093  19.596  1.00 27.84 ? 109 LYS A NZ  1 
ATOM   808  N  N   . ASP A 1 102 ? -2.168  2.210   16.517  1.00 17.40 ? 110 ASP A N   1 
ATOM   809  C  CA  . ASP A 1 102 ? -2.604  3.258   17.432  1.00 18.89 ? 110 ASP A CA  1 
ATOM   810  C  C   . ASP A 1 102 ? -1.639  4.457   17.631  1.00 18.45 ? 110 ASP A C   1 
ATOM   811  O  O   . ASP A 1 102 ? -1.730  5.176   18.647  1.00 18.40 ? 110 ASP A O   1 
ATOM   812  C  CB  . ASP A 1 102 ? -3.034  2.614   18.772  1.00 18.56 ? 110 ASP A CB  1 
ATOM   813  C  CG  . ASP A 1 102 ? -3.885  1.393   18.552  1.00 19.97 ? 110 ASP A CG  1 
ATOM   814  O  OD1 . ASP A 1 102 ? -4.902  1.488   17.852  1.00 19.20 ? 110 ASP A OD1 1 
ATOM   815  O  OD2 . ASP A 1 102 ? -3.522  0.316   19.063  1.00 22.77 ? 110 ASP A OD2 1 
ATOM   816  N  N   . THR A 1 103 ? -0.737  4.673   16.666  1.00 17.07 ? 111 THR A N   1 
ATOM   817  C  CA  . THR A 1 103 ? 0.113   5.835   16.660  1.00 17.22 ? 111 THR A CA  1 
ATOM   818  C  C   . THR A 1 103 ? -0.303  6.913   15.645  1.00 16.47 ? 111 THR A C   1 
ATOM   819  O  O   . THR A 1 103 ? 0.406   7.885   15.506  1.00 18.10 ? 111 THR A O   1 
ATOM   820  C  CB  . THR A 1 103 ? 1.570   5.460   16.383  1.00 18.64 ? 111 THR A CB  1 
ATOM   821  O  OG1 . THR A 1 103 ? 1.695   4.930   15.030  1.00 18.58 ? 111 THR A OG1 1 
ATOM   822  C  CG2 . THR A 1 103 ? 2.075   4.467   17.455  1.00 18.42 ? 111 THR A CG2 1 
ATOM   823  N  N   . GLY A 1 104 ? -1.426  6.711   14.949  1.00 16.31 ? 112 GLY A N   1 
ATOM   824  C  CA  . GLY A 1 104 ? -2.014  7.694   14.022  1.00 15.46 ? 112 GLY A CA  1 
ATOM   825  C  C   . GLY A 1 104 ? -1.461  7.574   12.610  1.00 16.68 ? 112 GLY A C   1 
ATOM   826  O  O   . GLY A 1 104 ? -0.736  6.619   12.297  1.00 17.23 ? 112 GLY A O   1 
ATOM   827  N  N   . TYR A 1 105 ? -1.729  8.573   11.767  1.00 16.81 ? 113 TYR A N   1 
ATOM   828  C  CA  . TYR A 1 105 ? -1.254  8.508   10.380  1.00 18.13 ? 113 TYR A CA  1 
ATOM   829  C  C   . TYR A 1 105 ? 0.258   8.536   10.314  1.00 18.92 ? 113 TYR A C   1 
ATOM   830  O  O   . TYR A 1 105 ? 0.906   9.277   11.057  1.00 18.99 ? 113 TYR A O   1 
ATOM   831  C  CB  . TYR A 1 105 ? -1.832  9.643   9.530   1.00 16.62 ? 113 TYR A CB  1 
ATOM   832  C  CG  . TYR A 1 105 ? -3.324  9.750   9.572   1.00 17.83 ? 113 TYR A CG  1 
ATOM   833  C  CD1 . TYR A 1 105 ? -4.131  8.726   9.086   1.00 15.25 ? 113 TYR A CD1 1 
ATOM   834  C  CD2 . TYR A 1 105 ? -3.945  10.881  10.090  1.00 17.64 ? 113 TYR A CD2 1 
ATOM   835  C  CE1 . TYR A 1 105 ? -5.496  8.825   9.115   1.00 15.50 ? 113 TYR A CE1 1 
ATOM   836  C  CE2 . TYR A 1 105 ? -5.320  10.983  10.110  1.00 17.19 ? 113 TYR A CE2 1 
ATOM   837  C  CZ  . TYR A 1 105 ? -6.075  9.971   9.630   1.00 14.67 ? 113 TYR A CZ  1 
ATOM   838  O  OH  . TYR A 1 105 ? -7.448  10.089  9.675   1.00 19.63 ? 113 TYR A OH  1 
ATOM   839  N  N   . GLN A 1 106 ? 0.829   7.722   9.424   1.00 20.43 ? 114 GLN A N   1 
ATOM   840  C  CA  . GLN A 1 106 ? 2.265   7.635   9.272   1.00 20.34 ? 114 GLN A CA  1 
ATOM   841  C  C   . GLN A 1 106 ? 2.632   7.807   7.806   1.00 21.54 ? 114 GLN A C   1 
ATOM   842  O  O   . GLN A 1 106 ? 2.003   7.213   6.939   1.00 20.20 ? 114 GLN A O   1 
ATOM   843  C  CB  . GLN A 1 106 ? 2.770   6.268   9.777   1.00 22.04 ? 114 GLN A CB  1 
ATOM   844  C  CG  . GLN A 1 106 ? 2.477   5.967   11.255  1.00 23.63 ? 114 GLN A CG  1 
ATOM   845  C  CD  . GLN A 1 106 ? 3.364   6.757   12.187  1.00 26.56 ? 114 GLN A CD  1 
ATOM   846  O  OE1 . GLN A 1 106 ? 4.328   7.393   11.766  1.00 28.91 ? 114 GLN A OE1 1 
ATOM   847  N  NE2 . GLN A 1 106 ? 3.017   6.762   13.456  1.00 28.25 ? 114 GLN A NE2 1 
ATOM   848  N  N   . ARG A 1 107 ? 3.658   8.609   7.530   1.00 21.69 ? 115 ARG A N   1 
ATOM   849  C  CA  . ARG A 1 107 ? 4.149   8.752   6.159   1.00 23.76 ? 115 ARG A CA  1 
ATOM   850  C  C   . ARG A 1 107 ? 5.227   7.696   5.945   1.00 23.37 ? 115 ARG A C   1 
ATOM   851  O  O   . ARG A 1 107 ? 6.258   7.720   6.581   1.00 24.69 ? 115 ARG A O   1 
ATOM   852  C  CB  . ARG A 1 107 ? 4.712   10.148  5.909   1.00 24.08 ? 115 ARG A CB  1 
ATOM   853  C  CG  . ARG A 1 107 ? 3.683   11.257  5.780   1.00 27.73 ? 115 ARG A CG  1 
ATOM   854  C  CD  . ARG A 1 107 ? 4.451   12.537  5.358   1.00 35.71 ? 115 ARG A CD  1 
ATOM   855  N  NE  . ARG A 1 107 ? 3.630   13.742  5.281   1.00 41.34 ? 115 ARG A NE  1 
ATOM   856  C  CZ  . ARG A 1 107 ? 3.722   14.768  6.130   1.00 45.02 ? 115 ARG A CZ  1 
ATOM   857  N  NH1 . ARG A 1 107 ? 4.588   14.736  7.145   1.00 46.73 ? 115 ARG A NH1 1 
ATOM   858  N  NH2 . ARG A 1 107 ? 2.930   15.823  5.978   1.00 46.82 ? 115 ARG A NH2 1 
ATOM   859  N  N   . LEU A 1 108 ? 4.952   6.738   5.066   1.00 22.42 ? 116 LEU A N   1 
ATOM   860  C  CA  . LEU A 1 108 ? 5.854   5.635   4.805   1.00 21.82 ? 116 LEU A CA  1 
ATOM   861  C  C   . LEU A 1 108 ? 6.439   5.759   3.406   1.00 21.01 ? 116 LEU A C   1 
ATOM   862  O  O   . LEU A 1 108 ? 5.693   5.881   2.442   1.00 20.15 ? 116 LEU A O   1 
ATOM   863  C  CB  . LEU A 1 108 ? 5.052   4.353   4.905   1.00 21.96 ? 116 LEU A CB  1 
ATOM   864  C  CG  . LEU A 1 108 ? 4.993   3.562   6.221   1.00 26.04 ? 116 LEU A CG  1 
ATOM   865  C  CD1 . LEU A 1 108 ? 5.092   4.391   7.497   1.00 28.13 ? 116 LEU A CD1 1 
ATOM   866  C  CD2 . LEU A 1 108 ? 3.801   2.623   6.226   1.00 21.77 ? 116 LEU A CD2 1 
ATOM   867  N  N   . ASP A 1 109 ? 7.764   5.694   3.291   1.00 20.98 ? 117 ASP A N   1 
ATOM   868  C  CA  . ASP A 1 109 ? 8.393   5.800   1.985   1.00 20.91 ? 117 ASP A CA  1 
ATOM   869  C  C   . ASP A 1 109 ? 8.093   4.506   1.224   1.00 19.85 ? 117 ASP A C   1 
ATOM   870  O  O   . ASP A 1 109 ? 8.327   3.404   1.732   1.00 18.83 ? 117 ASP A O   1 
ATOM   871  C  CB  . ASP A 1 109 ? 9.915   5.914   2.089   1.00 21.52 ? 117 ASP A CB  1 
ATOM   872  C  CG  . ASP A 1 109 ? 10.375  7.230   2.632   1.00 25.38 ? 117 ASP A CG  1 
ATOM   873  O  OD1 . ASP A 1 109 ? 11.526  7.261   3.112   1.00 31.06 ? 117 ASP A OD1 1 
ATOM   874  O  OD2 . ASP A 1 109 ? 9.641   8.231   2.529   1.00 29.89 ? 117 ASP A OD2 1 
ATOM   875  N  N   . LEU A 1 110 ? 7.594   4.648   0.008   1.00 18.91 ? 118 LEU A N   1 
ATOM   876  C  CA  . LEU A 1 110 ? 7.400   3.512   -0.880  1.00 18.26 ? 118 LEU A CA  1 
ATOM   877  C  C   . LEU A 1 110 ? 8.751   2.939   -1.302  1.00 19.38 ? 118 LEU A C   1 
ATOM   878  O  O   . LEU A 1 110 ? 9.714   3.699   -1.539  1.00 18.70 ? 118 LEU A O   1 
ATOM   879  C  CB  . LEU A 1 110 ? 6.589   3.944   -2.105  1.00 18.71 ? 118 LEU A CB  1 
ATOM   880  C  CG  . LEU A 1 110 ? 5.142   4.302   -1.773  1.00 15.58 ? 118 LEU A CG  1 
ATOM   881  C  CD1 . LEU A 1 110 ? 4.529   5.162   -2.902  1.00 14.88 ? 118 LEU A CD1 1 
ATOM   882  C  CD2 . LEU A 1 110 ? 4.325   3.021   -1.519  1.00 14.86 ? 118 LEU A CD2 1 
ATOM   883  N  N   . CYS A 1 111 ? 8.808   1.609   -1.350  1.00 18.89 ? 119 CYS A N   1 
ATOM   884  C  CA  . CYS A 1 111 ? 9.995   0.875   -1.701  1.00 20.88 ? 119 CYS A CA  1 
ATOM   885  C  C   . CYS A 1 111 ? 9.798   0.066   -2.983  1.00 20.96 ? 119 CYS A C   1 
ATOM   886  O  O   . CYS A 1 111 ? 8.667   -0.232  -3.375  1.00 18.63 ? 119 CYS A O   1 
ATOM   887  C  CB  . CYS A 1 111 ? 10.363  -0.085  -0.560  1.00 21.96 ? 119 CYS A CB  1 
ATOM   888  S  SG  . CYS A 1 111 ? 10.523  0.826   1.013   1.00 29.04 ? 119 CYS A SG  1 
ATOM   889  N  N   . LYS A 1 112 ? 10.926  -0.308  -3.617  1.00 21.78 ? 120 LYS A N   1 
ATOM   890  C  CA  . LYS A 1 112 ? 10.940  -1.335  -4.678  1.00 22.93 ? 120 LYS A CA  1 
ATOM   891  C  C   . LYS A 1 112 ? 10.634  -2.681  -4.037  1.00 22.67 ? 120 LYS A C   1 
ATOM   892  O  O   . LYS A 1 112 ? 10.814  -2.858  -2.840  1.00 22.63 ? 120 LYS A O   1 
ATOM   893  C  CB  . LYS A 1 112 ? 12.327  -1.346  -5.361  1.00 22.24 ? 120 LYS A CB  1 
ATOM   894  C  CG  . LYS A 1 112 ? 12.674  0.056   -5.914  1.00 23.73 ? 120 LYS A CG  1 
ATOM   895  C  CD  . LYS A 1 112 ? 14.021  0.143   -6.670  1.00 26.10 ? 120 LYS A CD  1 
ATOM   896  C  CE  . LYS A 1 112 ? 15.142  -0.483  -5.934  1.00 28.44 ? 120 LYS A CE  1 
ATOM   897  N  NZ  . LYS A 1 112 ? 15.578  0.268   -4.704  1.00 35.73 ? 120 LYS A NZ  1 
ATOM   898  N  N   . LEU A 1 113 ? 10.200  -3.636  -4.831  1.00 22.97 ? 121 LEU A N   1 
ATOM   899  C  CA  . LEU A 1 113 ? 9.961   -4.992  -4.355  1.00 24.80 ? 121 LEU A CA  1 
ATOM   900  C  C   . LEU A 1 113 ? 11.226  -5.532  -3.692  1.00 26.75 ? 121 LEU A C   1 
ATOM   901  O  O   . LEU A 1 113 ? 11.165  -6.235  -2.652  1.00 26.51 ? 121 LEU A O   1 
ATOM   902  C  CB  . LEU A 1 113 ? 9.529   -5.868  -5.536  1.00 24.84 ? 121 LEU A CB  1 
ATOM   903  C  CG  . LEU A 1 113 ? 8.177   -5.357  -6.062  1.00 24.46 ? 121 LEU A CG  1 
ATOM   904  C  CD1 . LEU A 1 113 ? 7.876   -5.826  -7.476  1.00 25.90 ? 121 LEU A CD1 1 
ATOM   905  C  CD2 . LEU A 1 113 ? 7.014   -5.709  -5.100  1.00 23.68 ? 121 LEU A CD2 1 
ATOM   906  N  N   . ASN A 1 114 ? 12.370  -5.195  -4.289  1.00 27.04 ? 122 ASN A N   1 
ATOM   907  C  CA  . ASN A 1 114 ? 13.681  -5.529  -3.731  1.00 28.45 ? 122 ASN A CA  1 
ATOM   908  C  C   . ASN A 1 114 ? 14.658  -4.399  -3.941  1.00 28.54 ? 122 ASN A C   1 
ATOM   909  O  O   . ASN A 1 114 ? 14.615  -3.752  -5.006  1.00 27.72 ? 122 ASN A O   1 
ATOM   910  C  CB  . ASN A 1 114 ? 14.228  -6.805  -4.375  1.00 29.58 ? 122 ASN A CB  1 
ATOM   911  C  CG  . ASN A 1 114 ? 13.795  -8.051  -3.621  1.00 33.13 ? 122 ASN A CG  1 
ATOM   912  O  OD1 . ASN A 1 114 ? 12.717  -8.597  -3.864  1.00 37.21 ? 122 ASN A OD1 1 
ATOM   913  N  ND2 . ASN A 1 114 ? 14.621  -8.481  -2.673  1.00 36.40 ? 122 ASN A ND2 1 
ATOM   914  N  N   . PRO A 1 115 ? 15.565  -4.180  -2.959  1.00 29.64 ? 123 PRO A N   1 
ATOM   915  C  CA  . PRO A 1 115 ? 16.513  -3.061  -2.966  1.00 30.67 ? 123 PRO A CA  1 
ATOM   916  C  C   . PRO A 1 115 ? 17.287  -2.890  -4.277  1.00 31.71 ? 123 PRO A C   1 
ATOM   917  O  O   . PRO A 1 115 ? 17.548  -1.743  -4.698  1.00 32.41 ? 123 PRO A O   1 
ATOM   918  C  CB  . PRO A 1 115 ? 17.486  -3.421  -1.813  1.00 29.95 ? 123 PRO A CB  1 
ATOM   919  C  CG  . PRO A 1 115 ? 16.680  -4.214  -0.883  1.00 30.49 ? 123 PRO A CG  1 
ATOM   920  C  CD  . PRO A 1 115 ? 15.716  -4.999  -1.725  1.00 30.02 ? 123 PRO A CD  1 
ATOM   921  N  N   . SER A 1 116 ? 17.610  -4.018  -4.920  1.00 32.41 ? 124 SER A N   1 
ATOM   922  C  CA  . SER A 1 116 ? 18.463  -4.053  -6.099  1.00 32.84 ? 124 SER A CA  1 
ATOM   923  C  C   . SER A 1 116 ? 17.694  -3.875  -7.416  1.00 33.34 ? 124 SER A C   1 
ATOM   924  O  O   . SER A 1 116 ? 18.309  -3.868  -8.487  1.00 33.27 ? 124 SER A O   1 
ATOM   925  C  CB  . SER A 1 116 ? 19.198  -5.389  -6.126  1.00 33.14 ? 124 SER A CB  1 
ATOM   926  O  OG  . SER A 1 116 ? 18.318  -6.433  -5.758  1.00 34.18 ? 124 SER A OG  1 
ATOM   927  N  N   . ASP A 1 117 ? 16.364  -3.766  -7.333  1.00 33.27 ? 125 ASP A N   1 
ATOM   928  C  CA  . ASP A 1 117 ? 15.491  -3.656  -8.510  1.00 33.14 ? 125 ASP A CA  1 
ATOM   929  C  C   . ASP A 1 117 ? 15.716  -2.383  -9.306  1.00 33.93 ? 125 ASP A C   1 
ATOM   930  O  O   . ASP A 1 117 ? 16.224  -1.405  -8.780  1.00 34.08 ? 125 ASP A O   1 
ATOM   931  C  CB  . ASP A 1 117 ? 14.007  -3.776  -8.117  1.00 32.63 ? 125 ASP A CB  1 
ATOM   932  C  CG  . ASP A 1 117 ? 13.594  -5.225  -7.758  1.00 32.03 ? 125 ASP A CG  1 
ATOM   933  O  OD1 . ASP A 1 117 ? 14.429  -6.162  -7.843  1.00 30.97 ? 125 ASP A OD1 1 
ATOM   934  O  OD2 . ASP A 1 117 ? 12.419  -5.425  -7.375  1.00 31.75 ? 125 ASP A OD2 1 
ATOM   935  N  N   . THR A 1 118 ? 15.373  -2.433  -10.589 1.00 34.53 ? 126 THR A N   1 
ATOM   936  C  CA  . THR A 1 118 ? 15.504  -1.305  -11.494 1.00 36.03 ? 126 THR A CA  1 
ATOM   937  C  C   . THR A 1 118 ? 14.393  -0.278  -11.244 1.00 35.96 ? 126 THR A C   1 
ATOM   938  O  O   . THR A 1 118 ? 14.648  0.944   -11.278 1.00 36.38 ? 126 THR A O   1 
ATOM   939  C  CB  . THR A 1 118 ? 15.519  -1.757  -13.021 1.00 35.99 ? 126 THR A CB  1 
ATOM   940  O  OG1 . THR A 1 118 ? 16.193  -0.771  -13.816 1.00 37.50 ? 126 THR A OG1 1 
ATOM   941  C  CG2 . THR A 1 118 ? 14.083  -1.982  -13.606 1.00 37.40 ? 126 THR A CG2 1 
ATOM   942  N  N   . ASP A 1 119 ? 13.187  -0.773  -10.965 1.00 35.18 ? 127 ASP A N   1 
ATOM   943  C  CA  . ASP A 1 119 ? 11.985  0.065   -10.875 1.00 35.88 ? 127 ASP A CA  1 
ATOM   944  C  C   . ASP A 1 119 ? 12.213  1.419   -10.234 1.00 34.62 ? 127 ASP A C   1 
ATOM   945  O  O   . ASP A 1 119 ? 12.749  1.525   -9.124  1.00 34.43 ? 127 ASP A O   1 
ATOM   946  C  CB  . ASP A 1 119 ? 10.882  -0.629  -10.091 1.00 36.97 ? 127 ASP A CB  1 
ATOM   947  C  CG  . ASP A 1 119 ? 10.393  -1.871  -10.770 1.00 40.52 ? 127 ASP A CG  1 
ATOM   948  O  OD1 . ASP A 1 119 ? 10.095  -1.823  -11.985 1.00 44.13 ? 127 ASP A OD1 1 
ATOM   949  O  OD2 . ASP A 1 119 ? 10.322  -2.901  -10.069 1.00 46.38 ? 127 ASP A OD2 1 
ATOM   950  N  N   . ALA A 1 120 ? 11.793  2.451   -10.950 1.00 33.26 ? 128 ALA A N   1 
ATOM   951  C  CA  . ALA A 1 120 ? 11.778  3.778   -10.405 1.00 31.57 ? 128 ALA A CA  1 
ATOM   952  C  C   . ALA A 1 120 ? 10.610  3.843   -9.419  1.00 29.60 ? 128 ALA A C   1 
ATOM   953  O  O   . ALA A 1 120 ? 9.440   3.700   -9.809  1.00 30.40 ? 128 ALA A O   1 
ATOM   954  C  CB  . ALA A 1 120 ? 11.606  4.820   -11.558 1.00 33.09 ? 128 ALA A CB  1 
ATOM   955  N  N   . VAL A 1 121 ? 10.921  4.021   -8.145  1.00 26.51 ? 129 VAL A N   1 
ATOM   956  C  CA  . VAL A 1 121 ? 9.871   4.206   -7.135  1.00 24.19 ? 129 VAL A CA  1 
ATOM   957  C  C   . VAL A 1 121 ? 10.130  5.521   -6.419  1.00 23.90 ? 129 VAL A C   1 
ATOM   958  O  O   . VAL A 1 121 ? 11.249  5.819   -6.006  1.00 23.66 ? 129 VAL A O   1 
ATOM   959  C  CB  . VAL A 1 121 ? 9.812   3.026   -6.122  1.00 24.11 ? 129 VAL A CB  1 
ATOM   960  C  CG1 . VAL A 1 121 ? 8.962   3.396   -4.883  1.00 23.30 ? 129 VAL A CG1 1 
ATOM   961  C  CG2 . VAL A 1 121 ? 9.302   1.750   -6.826  1.00 22.67 ? 129 VAL A CG2 1 
ATOM   962  N  N   . ARG A 1 122 ? 9.092   6.322   -6.283  1.00 22.02 ? 130 ARG A N   1 
ATOM   963  C  CA  . ARG A 1 122 ? 9.244   7.587   -5.645  1.00 23.49 ? 130 ARG A CA  1 
ATOM   964  C  C   . ARG A 1 122 ? 8.100   7.795   -4.662  1.00 22.29 ? 130 ARG A C   1 
ATOM   965  O  O   . ARG A 1 122 ? 7.005   7.236   -4.831  1.00 21.49 ? 130 ARG A O   1 
ATOM   966  C  CB  . ARG A 1 122 ? 9.293   8.691   -6.716  1.00 22.82 ? 130 ARG A CB  1 
ATOM   967  C  CG  . ARG A 1 122 ? 9.552   10.067  -6.168  1.00 26.64 ? 130 ARG A CG  1 
ATOM   968  C  CD  . ARG A 1 122 ? 9.614   11.150  -7.273  1.00 27.84 ? 130 ARG A CD  1 
ATOM   969  N  NE  . ARG A 1 122 ? 8.341   11.343  -7.974  1.00 31.70 ? 130 ARG A NE  1 
ATOM   970  C  CZ  . ARG A 1 122 ? 8.194   12.129  -9.052  1.00 35.46 ? 130 ARG A CZ  1 
ATOM   971  N  NH1 . ARG A 1 122 ? 9.241   12.796  -9.547  1.00 35.58 ? 130 ARG A NH1 1 
ATOM   972  N  NH2 . ARG A 1 122 ? 7.004   12.269  -9.637  1.00 34.38 ? 130 ARG A NH2 1 
ATOM   973  N  N   . GLY A 1 123 ? 8.348   8.610   -3.640  1.00 21.74 ? 131 GLY A N   1 
ATOM   974  C  CA  . GLY A 1 123 ? 7.235   9.169   -2.894  1.00 20.48 ? 131 GLY A CA  1 
ATOM   975  C  C   . GLY A 1 123 ? 6.808   8.325   -1.712  1.00 19.11 ? 131 GLY A C   1 
ATOM   976  O  O   . GLY A 1 123 ? 7.535   7.421   -1.275  1.00 18.51 ? 131 GLY A O   1 
ATOM   977  N  N   . GLN A 1 124 ? 5.644   8.673   -1.173  1.00 19.39 ? 132 GLN A N   1 
ATOM   978  C  CA  . GLN A 1 124 ? 5.181   8.113   0.132   1.00 19.76 ? 132 GLN A CA  1 
ATOM   979  C  C   . GLN A 1 124 ? 3.736   7.680   0.088   1.00 18.17 ? 132 GLN A C   1 
ATOM   980  O  O   . GLN A 1 124 ? 2.928   8.220   -0.682  1.00 18.29 ? 132 GLN A O   1 
ATOM   981  C  CB  . GLN A 1 124 ? 5.346   9.130   1.267   1.00 19.18 ? 132 GLN A CB  1 
ATOM   982  C  CG  . GLN A 1 124 ? 6.799   9.512   1.624   1.00 26.25 ? 132 GLN A CG  1 
ATOM   983  C  CD  . GLN A 1 124 ? 7.506   10.348  0.538   1.00 35.45 ? 132 GLN A CD  1 
ATOM   984  O  OE1 . GLN A 1 124 ? 6.956   11.357  0.030   1.00 39.89 ? 132 GLN A OE1 1 
ATOM   985  N  NE2 . GLN A 1 124 ? 8.749   9.945   0.183   1.00 38.71 ? 132 GLN A NE2 1 
ATOM   986  N  N   . ILE A 1 125 ? 3.405   6.715   0.938   1.00 17.83 ? 133 ILE A N   1 
ATOM   987  C  CA  . ILE A 1 125 ? 2.028   6.378   1.178   1.00 17.84 ? 133 ILE A CA  1 
ATOM   988  C  C   . ILE A 1 125 ? 1.720   6.708   2.662   1.00 17.63 ? 133 ILE A C   1 
ATOM   989  O  O   . ILE A 1 125 ? 2.596   6.552   3.542   1.00 18.41 ? 133 ILE A O   1 
ATOM   990  C  CB  . ILE A 1 125 ? 1.720   4.898   0.799   1.00 17.94 ? 133 ILE A CB  1 
ATOM   991  C  CG1 . ILE A 1 125 ? 0.214   4.629   0.766   1.00 20.88 ? 133 ILE A CG1 1 
ATOM   992  C  CG2 . ILE A 1 125 ? 2.491   3.893   1.658   1.00 17.99 ? 133 ILE A CG2 1 
ATOM   993  C  CD1 . ILE A 1 125 ? -0.177  3.493   -0.185  1.00 23.98 ? 133 ILE A CD1 1 
ATOM   994  N  N   . VAL A 1 126 ? 0.495   7.143   2.920   1.00 16.61 ? 134 VAL A N   1 
ATOM   995  C  CA  . VAL A 1 126 ? 0.109   7.627   4.267   1.00 16.77 ? 134 VAL A CA  1 
ATOM   996  C  C   . VAL A 1 126 ? -1.002  6.736   4.770   1.00 15.94 ? 134 VAL A C   1 
ATOM   997  O  O   . VAL A 1 126 ? -2.073  6.682   4.168   1.00 14.97 ? 134 VAL A O   1 
ATOM   998  C  CB  . VAL A 1 126 ? -0.358  9.103   4.271   1.00 16.75 ? 134 VAL A CB  1 
ATOM   999  C  CG1 . VAL A 1 126 ? -0.882  9.539   5.686   1.00 17.71 ? 134 VAL A CG1 1 
ATOM   1000 C  CG2 . VAL A 1 126 ? 0.780   9.986   3.760   1.00 17.83 ? 134 VAL A CG2 1 
ATOM   1001 N  N   . VAL A 1 127 ? -0.697  6.008   5.854   1.00 15.41 ? 135 VAL A N   1 
ATOM   1002 C  CA  . VAL A 1 127 ? -1.635  5.065   6.390   1.00 15.13 ? 135 VAL A CA  1 
ATOM   1003 C  C   . VAL A 1 127 ? -1.714  5.160   7.933   1.00 14.62 ? 135 VAL A C   1 
ATOM   1004 O  O   . VAL A 1 127 ? -0.819  5.674   8.576   1.00 15.38 ? 135 VAL A O   1 
ATOM   1005 C  CB  . VAL A 1 127 ? -1.203  3.617   6.001   1.00 15.31 ? 135 VAL A CB  1 
ATOM   1006 C  CG1 . VAL A 1 127 ? -1.040  3.437   4.415   1.00 15.73 ? 135 VAL A CG1 1 
ATOM   1007 C  CG2 . VAL A 1 127 ? 0.077   3.210   6.756   1.00 16.15 ? 135 VAL A CG2 1 
ATOM   1008 N  N   . SER A 1 128 ? -2.778  4.610   8.500   1.00 15.79 ? 136 SER A N   1 
ATOM   1009 C  CA  . SER A 1 128 ? -2.849  4.426   9.950   1.00 15.65 ? 136 SER A CA  1 
ATOM   1010 C  C   . SER A 1 128 ? -3.370  3.011   10.176  1.00 16.00 ? 136 SER A C   1 
ATOM   1011 O  O   . SER A 1 128 ? -4.102  2.474   9.341   1.00 16.39 ? 136 SER A O   1 
ATOM   1012 C  CB  . SER A 1 128 ? -3.774  5.476   10.605  1.00 13.70 ? 136 SER A CB  1 
ATOM   1013 O  OG  . SER A 1 128 ? -5.115  5.371   10.164  1.00 14.81 ? 136 SER A OG  1 
ATOM   1014 N  N   . LEU A 1 129 ? -2.919  2.410   11.285  1.00 16.00 ? 137 LEU A N   1 
ATOM   1015 C  CA  . LEU A 1 129 ? -3.384  1.130   11.749  1.00 16.72 ? 137 LEU A CA  1 
ATOM   1016 C  C   . LEU A 1 129 ? -3.926  1.385   13.153  1.00 17.18 ? 137 LEU A C   1 
ATOM   1017 O  O   . LEU A 1 129 ? -3.231  1.979   13.976  1.00 17.21 ? 137 LEU A O   1 
ATOM   1018 C  CB  . LEU A 1 129 ? -2.227  0.138   11.790  1.00 16.89 ? 137 LEU A CB  1 
ATOM   1019 C  CG  . LEU A 1 129 ? -1.575  -0.339  10.461  1.00 20.79 ? 137 LEU A CG  1 
ATOM   1020 C  CD1 . LEU A 1 129 ? -0.945  0.768   9.728   1.00 22.51 ? 137 LEU A CD1 1 
ATOM   1021 C  CD2 . LEU A 1 129 ? -0.524  -1.391  10.723  1.00 21.32 ? 137 LEU A CD2 1 
ATOM   1022 N  N   . GLN A 1 130 ? -5.165  1.000   13.376  1.00 18.99 ? 138 GLN A N   1 
ATOM   1023 C  CA  . GLN A 1 130 ? -5.761  1.044   14.695  1.00 21.88 ? 138 GLN A CA  1 
ATOM   1024 C  C   . GLN A 1 130 ? -6.322  -0.290  15.124  1.00 21.56 ? 138 GLN A C   1 
ATOM   1025 O  O   . GLN A 1 130 ? -7.003  -0.975  14.355  1.00 21.09 ? 138 GLN A O   1 
ATOM   1026 C  CB  . GLN A 1 130 ? -6.881  2.090   14.776  1.00 22.00 ? 138 GLN A CB  1 
ATOM   1027 C  CG  . GLN A 1 130 ? -7.642  2.224   13.573  1.00 25.46 ? 138 GLN A CG  1 
ATOM   1028 C  CD  . GLN A 1 130 ? -8.675  3.334   13.649  1.00 31.50 ? 138 GLN A CD  1 
ATOM   1029 O  OE1 . GLN A 1 130 ? -8.721  4.203   12.761  1.00 32.40 ? 138 GLN A OE1 1 
ATOM   1030 N  NE2 . GLN A 1 130 ? -9.532  3.294   14.689  1.00 29.54 ? 138 GLN A NE2 1 
ATOM   1031 N  N   . THR A 1 131 ? -6.097  -0.613  16.385  1.00 24.00 ? 139 THR A N   1 
ATOM   1032 C  CA  . THR A 1 131 ? -6.677  -1.832  16.976  1.00 27.09 ? 139 THR A CA  1 
ATOM   1033 C  C   . THR A 1 131 ? -8.157  -1.585  17.161  1.00 29.07 ? 139 THR A C   1 
ATOM   1034 O  O   . THR A 1 131 ? -8.533  -0.588  17.768  1.00 29.84 ? 139 THR A O   1 
ATOM   1035 C  CB  . THR A 1 131 ? -6.046  -2.114  18.337  1.00 27.03 ? 139 THR A CB  1 
ATOM   1036 O  OG1 . THR A 1 131 ? -4.631  -2.042  18.204  1.00 28.32 ? 139 THR A OG1 1 
ATOM   1037 C  CG2 . THR A 1 131 ? -6.437  -3.518  18.853  1.00 29.08 ? 139 THR A CG2 1 
ATOM   1038 N  N   . ARG A 1 132 ? -9.013  -2.475  16.667  1.00 32.08 ? 140 ARG A N   1 
ATOM   1039 C  CA  . ARG A 1 132 ? -10.460 -2.273  16.882  1.00 35.65 ? 140 ARG A CA  1 
ATOM   1040 C  C   . ARG A 1 132 ? -11.079 -3.172  17.946  1.00 36.90 ? 140 ARG A C   1 
ATOM   1041 O  O   . ARG A 1 132 ? -10.483 -4.197  18.316  1.00 38.81 ? 140 ARG A O   1 
ATOM   1042 C  CB  . ARG A 1 132 ? -11.212 -2.396  15.561  1.00 36.65 ? 140 ARG A CB  1 
ATOM   1043 C  CG  . ARG A 1 132 ? -10.713 -1.351  14.568  1.00 39.81 ? 140 ARG A CG  1 
ATOM   1044 C  CD  . ARG A 1 132 ? -11.858 -0.451  14.074  1.00 45.94 ? 140 ARG A CD  1 
ATOM   1045 N  NE  . ARG A 1 132 ? -12.202 0.584   15.042  1.00 49.91 ? 140 ARG A NE  1 
ATOM   1046 C  CZ  . ARG A 1 132 ? -13.294 1.333   14.976  1.00 52.56 ? 140 ARG A CZ  1 
ATOM   1047 N  NH1 . ARG A 1 132 ? -14.164 1.167   13.983  1.00 53.23 ? 140 ARG A NH1 1 
ATOM   1048 N  NH2 . ARG A 1 132 ? -13.528 2.243   15.920  1.00 56.05 ? 140 ARG A NH2 1 
HETATM 1049 S  S   . SO4 B 2 .   ? 6.020   0.169   -16.584 1.00 69.60 ? 2   SO4 A S   1 
HETATM 1050 O  O1  . SO4 B 2 .   ? 5.193   0.411   -15.408 1.00 70.10 ? 2   SO4 A O1  1 
HETATM 1051 O  O2  . SO4 B 2 .   ? 7.348   0.733   -16.338 1.00 70.77 ? 2   SO4 A O2  1 
HETATM 1052 O  O3  . SO4 B 2 .   ? 6.142   -1.264  -16.829 1.00 71.04 ? 2   SO4 A O3  1 
HETATM 1053 O  O4  . SO4 B 2 .   ? 5.417   0.780   -17.769 1.00 69.61 ? 2   SO4 A O4  1 
HETATM 1054 S  S   . SO4 C 2 .   ? -2.460  -2.618  -12.796 1.00 54.99 ? 3   SO4 A S   1 
HETATM 1055 O  O1  . SO4 C 2 .   ? -3.810  -2.342  -13.223 1.00 56.98 ? 3   SO4 A O1  1 
HETATM 1056 O  O2  . SO4 C 2 .   ? -2.435  -3.956  -12.182 1.00 57.59 ? 3   SO4 A O2  1 
HETATM 1057 O  O3  . SO4 C 2 .   ? -2.120  -1.647  -11.761 1.00 60.84 ? 3   SO4 A O3  1 
HETATM 1058 O  O4  . SO4 C 2 .   ? -1.452  -2.447  -13.845 1.00 57.71 ? 3   SO4 A O4  1 
HETATM 1059 CL CL  . CL  D 3 .   ? 3.383   3.615   -14.370 1.00 22.96 ? 1   CL  A CL  1 
HETATM 1060 O  O   . HOH E 4 .   ? -3.311  10.529  13.561  1.00 17.00 ? 4   HOH A O   1 
HETATM 1061 O  O   . HOH E 4 .   ? -0.816  3.932   12.729  1.00 16.06 ? 5   HOH A O   1 
HETATM 1062 O  O   . HOH E 4 .   ? 9.352   5.315   5.791   1.00 26.76 ? 6   HOH A O   1 
HETATM 1063 O  O   . HOH E 4 .   ? -6.990  3.203   10.666  1.00 17.68 ? 7   HOH A O   1 
HETATM 1064 O  O   . HOH E 4 .   ? 3.974   9.063   -22.478 1.00 18.90 ? 8   HOH A O   1 
HETATM 1065 O  O   . HOH E 4 .   ? -8.053  -15.285 2.383   1.00 19.39 ? 141 HOH A O   1 
HETATM 1066 O  O   . HOH E 4 .   ? 6.298   5.744   -7.015  1.00 14.87 ? 142 HOH A O   1 
HETATM 1067 O  O   . HOH E 4 .   ? -10.927 10.158  -10.014 1.00 28.36 ? 143 HOH A O   1 
HETATM 1068 O  O   . HOH E 4 .   ? 13.733  0.434   -2.127  1.00 28.08 ? 144 HOH A O   1 
HETATM 1069 O  O   . HOH E 4 .   ? -13.078 -4.096  5.393   1.00 25.61 ? 145 HOH A O   1 
HETATM 1070 O  O   . HOH E 4 .   ? 0.157   -5.554  -2.016  1.00 20.79 ? 146 HOH A O   1 
HETATM 1071 O  O   . HOH E 4 .   ? 3.697   6.750   -13.445 1.00 18.43 ? 147 HOH A O   1 
HETATM 1072 O  O   . HOH E 4 .   ? 6.182   11.464  2.898   1.00 46.80 ? 148 HOH A O   1 
HETATM 1073 O  O   . HOH E 4 .   ? 8.981   -2.636  2.360   1.00 38.88 ? 149 HOH A O   1 
HETATM 1074 O  O   . HOH E 4 .   ? 3.309   8.405   -15.772 1.00 27.17 ? 150 HOH A O   1 
HETATM 1075 O  O   . HOH E 4 .   ? 10.725  -3.293  -7.580  1.00 25.64 ? 151 HOH A O   1 
HETATM 1076 O  O   . HOH E 4 .   ? 7.458   14.617  -10.985 1.00 43.34 ? 152 HOH A O   1 
HETATM 1077 O  O   . HOH E 4 .   ? 10.860  9.977   -2.813  1.00 31.59 ? 153 HOH A O   1 
HETATM 1078 O  O   . HOH E 4 .   ? 5.776   -5.938  -17.154 1.00 38.37 ? 154 HOH A O   1 
HETATM 1079 O  O   . HOH E 4 .   ? 8.479   -9.114  12.807  1.00 32.17 ? 155 HOH A O   1 
HETATM 1080 O  O   . HOH E 4 .   ? -4.851  -13.682 -1.647  1.00 28.20 ? 156 HOH A O   1 
HETATM 1081 O  O   . HOH E 4 .   ? -11.598 5.959   6.220   1.00 37.63 ? 157 HOH A O   1 
HETATM 1082 O  O   . HOH E 4 .   ? -12.010 2.750   -8.892  1.00 28.54 ? 158 HOH A O   1 
HETATM 1083 O  O   . HOH E 4 .   ? 1.273   14.840  -18.137 1.00 29.52 ? 159 HOH A O   1 
HETATM 1084 O  O   . HOH E 4 .   ? -13.647 3.264   3.386   1.00 30.26 ? 160 HOH A O   1 
HETATM 1085 O  O   . HOH E 4 .   ? 0.370   6.464   -17.202 1.00 28.02 ? 161 HOH A O   1 
HETATM 1086 O  O   . HOH E 4 .   ? -3.417  -1.255  -20.039 1.00 25.84 ? 162 HOH A O   1 
HETATM 1087 O  O   . HOH E 4 .   ? 9.930   6.331   -1.948  1.00 26.67 ? 163 HOH A O   1 
HETATM 1088 O  O   . HOH E 4 .   ? -9.345  -7.888  17.900  1.00 32.09 ? 164 HOH A O   1 
HETATM 1089 O  O   . HOH E 4 .   ? 9.327   10.082  -11.569 1.00 30.95 ? 165 HOH A O   1 
HETATM 1090 O  O   . HOH E 4 .   ? 7.536   8.123   -21.959 1.00 33.63 ? 166 HOH A O   1 
HETATM 1091 O  O   . HOH E 4 .   ? -0.258  15.019  -9.811  1.00 31.86 ? 167 HOH A O   1 
HETATM 1092 O  O   . HOH E 4 .   ? 6.006   14.931  -17.582 1.00 28.19 ? 168 HOH A O   1 
HETATM 1093 O  O   . HOH E 4 .   ? 5.544   -10.603 9.771   1.00 20.04 ? 169 HOH A O   1 
HETATM 1094 O  O   . HOH E 4 .   ? 2.069   -15.899 8.686   1.00 38.72 ? 170 HOH A O   1 
HETATM 1095 O  O   . HOH E 4 .   ? -6.884  12.607  -5.318  1.00 27.92 ? 171 HOH A O   1 
HETATM 1096 O  O   . HOH E 4 .   ? 16.758  -7.064  -8.325  1.00 30.84 ? 172 HOH A O   1 
HETATM 1097 O  O   . HOH E 4 .   ? -2.205  -16.252 14.835  1.00 38.25 ? 173 HOH A O   1 
HETATM 1098 O  O   . HOH E 4 .   ? -9.442  0.269   -8.181  1.00 27.34 ? 174 HOH A O   1 
HETATM 1099 O  O   . HOH E 4 .   ? -11.053 -9.380  1.077   1.00 25.85 ? 175 HOH A O   1 
HETATM 1100 O  O   . HOH E 4 .   ? -7.328  3.614   -15.441 1.00 39.11 ? 176 HOH A O   1 
HETATM 1101 O  O   . HOH E 4 .   ? 13.029  -3.158  -1.384  1.00 37.91 ? 177 HOH A O   1 
HETATM 1102 O  O   . HOH E 4 .   ? -7.339  -6.730  -4.532  1.00 36.25 ? 178 HOH A O   1 
HETATM 1103 O  O   . HOH E 4 .   ? 8.409   -4.315  8.721   1.00 29.11 ? 179 HOH A O   1 
HETATM 1104 O  O   . HOH E 4 .   ? 5.430   9.842   9.606   1.00 29.94 ? 180 HOH A O   1 
HETATM 1105 O  O   . HOH E 4 .   ? -12.797 -7.203  5.682   1.00 29.75 ? 181 HOH A O   1 
HETATM 1106 O  O   . HOH E 4 .   ? -7.920  -4.580  -7.974  1.00 41.81 ? 182 HOH A O   1 
HETATM 1107 O  O   . HOH E 4 .   ? 9.760   -5.040  11.248  1.00 32.74 ? 183 HOH A O   1 
HETATM 1108 O  O   . HOH E 4 .   ? 1.660   -7.915  -2.207  1.00 41.47 ? 184 HOH A O   1 
HETATM 1109 O  O   . HOH E 4 .   ? 1.926   -8.304  -9.377  1.00 43.60 ? 185 HOH A O   1 
HETATM 1110 O  O   . HOH E 4 .   ? -11.352 6.728   -11.373 1.00 37.18 ? 186 HOH A O   1 
HETATM 1111 O  O   . HOH E 4 .   ? -12.553 -9.396  3.829   1.00 26.32 ? 187 HOH A O   1 
HETATM 1112 O  O   . HOH E 4 .   ? 6.293   -2.060  -13.098 1.00 31.61 ? 188 HOH A O   1 
HETATM 1113 O  O   . HOH E 4 .   ? 5.710   16.347  -0.763  1.00 52.25 ? 189 HOH A O   1 
# 
